data_7Q06
#
_entry.id   7Q06
#
_cell.length_a   220.312
_cell.length_b   220.312
_cell.length_c   83.175
_cell.angle_alpha   90.000
_cell.angle_beta   90.000
_cell.angle_gamma   120.000
#
_symmetry.space_group_name_H-M   'P 61'
#
loop_
_entity.id
_entity.type
_entity.pdbx_description
1 polymer 'Terephthalate 1,2-dioxygenase, terminal oxygenase component subunit beta 1'
2 polymer 'Terephthalate 1,2-dioxygenase, terminal oxygenase component subunit alpha 2'
3 polymer Lysozyme
4 non-polymer 'SULFATE ION'
5 non-polymer 'FE2/S2 (INORGANIC) CLUSTER'
6 non-polymer 'FE (III) ION'
7 non-polymer '2-Hydroxyterephthalic acid'
8 water water
#
loop_
_entity_poly.entity_id
_entity_poly.type
_entity_poly.pdbx_seq_one_letter_code
_entity_poly.pdbx_strand_id
1 'polypeptide(L)'
;MINEIQIAAFNAAYAKTVDSDAMEQWPTFFTKDCHYRVTNVDNHAEGLAAGIVWADSQDMLTDRISALREANIYERHRYR
HILGLPSIQSGDATQASASTPFMVLRIMHTGETEVFASGEYLDKFTTIDGKLRLQERIAVCDSTVTDTLMALPL
;
A,B,C
2 'polypeptide(L)'
;MGMQESIIQWHGATNTRVPFGIYTDTANADQEQQRIYRGEVWNYLCLESEIPGAGDFRTTFAGETPIVVVRDADQEIYAF
ENRCAHRGALIALEKSGRTDSFQCVYHAWSYNRQGDLTGVAFEKGVKGQGGMPASFCKEEHGPRKLRVAVFCGLVFGSFS
EDVPSIEDYLGPEICERIERVLHKPVEVIGRFTQKLPNNWKLYFENVKDSYHASLLHMFFTTFELNRLSQKGGVIVDESG
GHHVSYSMIDRGAKDDSYKDQAIRSDNERYRLKDPSLLEGFEEFEDGVTLQILSVFPGFVLQQIQNSIAVRQLLPKSISS
SELNWTYLGYADDSAEQRKVRLKQANLIGPAGFISMEDGAVGGFVQRGIAGAANLDAVIEMGGDHEGSSEGRATETSVRG
FWKAYRKHMGQEMQAENLYFQGHHHHHH
;
D,E,F
3 'polypeptide(L)'
;KVFGRCELAAAMKRHGLDNYRGYSLGNWVCAAKFESNFNTQATNRNTDGSTDYGILQINSRWWCNDGRTPGSRNLCNIPC
SALLSSDITASVNCAKKIVSDGNGMNAWVAWRNRCKGTDVQAWIRGCRL
;
H
#
# COMPACT_ATOMS: atom_id res chain seq x y z
N MET A 1 38.54 16.87 5.89
CA MET A 1 37.20 17.28 5.91
C MET A 1 36.32 16.09 5.52
N ILE A 2 35.26 15.88 6.26
CA ILE A 2 34.18 14.94 5.85
C ILE A 2 33.34 15.66 4.79
N ASN A 3 33.04 14.99 3.69
CA ASN A 3 32.17 15.58 2.64
C ASN A 3 31.04 14.62 2.22
N GLU A 4 30.16 15.11 1.36
CA GLU A 4 28.90 14.45 0.92
C GLU A 4 29.25 13.17 0.15
N ILE A 5 30.38 13.16 -0.58
CA ILE A 5 30.78 11.98 -1.36
C ILE A 5 31.16 10.83 -0.39
N GLN A 6 31.94 11.14 0.62
CA GLN A 6 32.39 10.13 1.59
C GLN A 6 31.16 9.59 2.32
N ILE A 7 30.25 10.46 2.72
CA ILE A 7 29.07 10.04 3.52
C ILE A 7 28.15 9.17 2.60
N ALA A 8 28.00 9.53 1.32
CA ALA A 8 27.19 8.74 0.36
C ALA A 8 27.77 7.33 0.24
N ALA A 9 29.08 7.22 0.10
CA ALA A 9 29.80 5.94 0.01
C ALA A 9 29.56 5.11 1.27
N PHE A 10 29.73 5.71 2.45
CA PHE A 10 29.51 5.05 3.75
C PHE A 10 28.06 4.55 3.85
N ASN A 11 27.10 5.39 3.48
CA ASN A 11 25.66 5.05 3.61
C ASN A 11 25.32 3.87 2.67
N ALA A 12 25.93 3.81 1.48
CA ALA A 12 25.68 2.67 0.55
C ALA A 12 26.27 1.39 1.16
N ALA A 13 27.45 1.46 1.81
CA ALA A 13 28.05 0.24 2.41
C ALA A 13 27.19 -0.18 3.62
N TYR A 14 26.73 0.78 4.43
CA TYR A 14 25.84 0.49 5.57
C TYR A 14 24.59 -0.24 5.05
N ALA A 15 23.93 0.32 4.05
CA ALA A 15 22.71 -0.29 3.47
C ALA A 15 23.02 -1.73 2.97
N LYS A 16 24.12 -1.92 2.24
CA LYS A 16 24.46 -3.22 1.67
C LYS A 16 24.65 -4.20 2.81
N THR A 17 25.32 -3.77 3.90
CA THR A 17 25.54 -4.68 5.05
C THR A 17 24.20 -5.15 5.63
N VAL A 18 23.31 -4.21 5.90
CA VAL A 18 22.02 -4.55 6.56
C VAL A 18 21.13 -5.34 5.59
N ASP A 19 21.16 -4.99 4.31
CA ASP A 19 20.25 -5.65 3.34
C ASP A 19 20.76 -7.05 2.99
N SER A 20 22.04 -7.37 3.21
CA SER A 20 22.62 -8.65 2.73
C SER A 20 22.56 -9.66 3.86
N ASP A 21 22.06 -9.28 5.03
CA ASP A 21 22.17 -10.23 6.14
C ASP A 21 23.65 -10.47 6.54
N ALA A 22 24.64 -9.58 6.23
CA ALA A 22 25.98 -9.59 6.88
C ALA A 22 25.86 -8.75 8.15
N MET A 23 24.84 -9.00 8.96
CA MET A 23 24.51 -8.12 10.11
C MET A 23 25.70 -8.05 11.09
N GLU A 24 26.59 -9.05 11.09
CA GLU A 24 27.76 -9.10 12.00
C GLU A 24 28.63 -7.86 11.73
N GLN A 25 28.62 -7.32 10.50
CA GLN A 25 29.51 -6.16 10.19
C GLN A 25 28.83 -4.84 10.58
N TRP A 26 27.53 -4.83 10.87
CA TRP A 26 26.78 -3.57 11.15
C TRP A 26 27.43 -2.77 12.29
N PRO A 27 27.84 -3.38 13.43
CA PRO A 27 28.47 -2.64 14.53
C PRO A 27 29.78 -1.95 14.12
N THR A 28 30.46 -2.42 13.08
CA THR A 28 31.80 -1.83 12.73
C THR A 28 31.61 -0.45 12.11
N PHE A 29 30.37 -0.05 11.77
CA PHE A 29 30.12 1.28 11.14
C PHE A 29 30.13 2.36 12.21
N PHE A 30 30.24 1.96 13.48
CA PHE A 30 30.04 2.86 14.64
C PHE A 30 31.32 2.94 15.48
N THR A 31 31.51 4.06 16.18
CA THR A 31 32.56 4.21 17.20
C THR A 31 32.21 3.34 18.42
N LYS A 32 33.21 3.10 19.27
CA LYS A 32 33.11 2.28 20.50
C LYS A 32 32.02 2.81 21.44
N ASP A 33 31.97 4.12 21.61
CA ASP A 33 31.04 4.85 22.52
C ASP A 33 29.88 5.47 21.72
N CYS A 34 29.32 4.79 20.75
CA CYS A 34 28.35 5.43 19.81
C CYS A 34 26.99 5.56 20.47
N HIS A 35 26.08 6.28 19.82
CA HIS A 35 24.63 6.18 20.11
C HIS A 35 23.89 5.78 18.83
N TYR A 36 23.04 4.77 18.92
CA TYR A 36 22.08 4.38 17.86
C TYR A 36 20.69 4.30 18.48
N ARG A 37 19.71 4.87 17.80
CA ARG A 37 18.33 4.91 18.25
C ARG A 37 17.42 4.83 17.03
N VAL A 38 16.32 4.11 17.16
CA VAL A 38 15.21 4.15 16.18
C VAL A 38 14.06 4.80 16.89
N THR A 39 13.54 5.88 16.33
CA THR A 39 12.44 6.65 16.96
C THR A 39 11.51 7.12 15.85
N ASN A 40 10.67 8.08 16.15
CA ASN A 40 9.73 8.63 15.13
C ASN A 40 9.66 10.15 15.30
N VAL A 41 9.06 10.82 14.32
CA VAL A 41 8.96 12.30 14.25
C VAL A 41 8.28 12.87 15.49
N ASP A 42 7.25 12.21 16.01
CA ASP A 42 6.51 12.71 17.21
C ASP A 42 7.46 12.75 18.43
N ASN A 43 8.08 11.62 18.73
CA ASN A 43 9.04 11.55 19.85
C ASN A 43 10.12 12.64 19.62
N HIS A 44 10.67 12.71 18.41
CA HIS A 44 11.77 13.65 18.11
C HIS A 44 11.29 15.10 18.32
N ALA A 45 10.13 15.48 17.82
CA ALA A 45 9.60 16.88 17.96
C ALA A 45 9.36 17.20 19.46
N GLU A 46 8.86 16.25 20.25
CA GLU A 46 8.55 16.49 21.67
C GLU A 46 9.81 16.36 22.52
N GLY A 47 10.96 15.91 21.98
CA GLY A 47 12.17 15.71 22.77
C GLY A 47 12.11 14.49 23.64
N LEU A 48 11.33 13.46 23.28
CA LEU A 48 11.28 12.17 24.02
C LEU A 48 12.46 11.28 23.63
N ALA A 49 13.08 10.63 24.60
CA ALA A 49 14.43 10.02 24.44
C ALA A 49 14.33 8.55 24.02
N ALA A 50 13.22 7.84 24.28
CA ALA A 50 13.21 6.37 24.13
C ALA A 50 13.29 5.99 22.65
N GLY A 51 13.92 4.86 22.38
CA GLY A 51 13.93 4.23 21.05
C GLY A 51 13.35 2.83 21.11
N ILE A 52 12.77 2.36 20.00
CA ILE A 52 12.44 0.92 19.90
C ILE A 52 13.72 0.12 19.83
N VAL A 53 14.80 0.68 19.33
CA VAL A 53 16.21 0.23 19.59
C VAL A 53 16.92 1.43 20.24
N TRP A 54 17.73 1.21 21.26
CA TRP A 54 18.48 2.26 21.99
C TRP A 54 19.80 1.67 22.42
N ALA A 55 20.90 2.22 21.92
CA ALA A 55 22.23 1.65 22.18
C ALA A 55 23.21 2.78 22.49
N ASP A 56 24.01 2.66 23.56
CA ASP A 56 25.04 3.68 23.84
C ASP A 56 26.42 3.04 23.83
N SER A 57 26.58 1.88 23.21
CA SER A 57 27.90 1.31 22.97
C SER A 57 27.87 0.43 21.71
N GLN A 58 29.02 0.20 21.11
CA GLN A 58 29.12 -0.72 19.95
C GLN A 58 28.73 -2.13 20.40
N ASP A 59 29.10 -2.49 21.62
CA ASP A 59 28.79 -3.84 22.16
C ASP A 59 27.27 -4.08 22.29
N MET A 60 26.49 -3.06 22.60
CA MET A 60 25.00 -3.21 22.57
C MET A 60 24.54 -3.53 21.15
N LEU A 61 25.21 -2.98 20.13
CA LEU A 61 24.86 -3.29 18.72
C LEU A 61 25.16 -4.77 18.45
N THR A 62 26.33 -5.25 18.88
CA THR A 62 26.77 -6.66 18.69
C THR A 62 25.75 -7.59 19.38
N ASP A 63 25.37 -7.26 20.60
CA ASP A 63 24.35 -8.07 21.34
C ASP A 63 23.05 -8.16 20.57
N ARG A 64 22.66 -7.07 19.91
CA ARG A 64 21.37 -7.07 19.21
C ARG A 64 21.47 -8.04 18.04
N ILE A 65 22.61 -8.05 17.36
CA ILE A 65 22.78 -9.00 16.21
C ILE A 65 22.84 -10.46 16.75
N SER A 66 23.52 -10.73 17.86
CA SER A 66 23.56 -12.09 18.49
C SER A 66 22.13 -12.58 18.72
N ALA A 67 21.28 -11.76 19.36
CA ALA A 67 19.85 -12.06 19.63
C ALA A 67 19.11 -12.40 18.34
N LEU A 68 19.32 -11.59 17.32
CA LEU A 68 18.69 -11.78 16.02
C LEU A 68 19.02 -13.16 15.44
N ARG A 69 20.26 -13.62 15.61
CA ARG A 69 20.78 -14.89 15.02
C ARG A 69 20.31 -16.11 15.82
N GLU A 70 20.44 -16.06 17.13
CA GLU A 70 20.43 -17.27 17.98
C GLU A 70 19.17 -17.35 18.84
N ALA A 71 18.45 -16.26 19.07
CA ALA A 71 17.53 -16.14 20.23
C ALA A 71 16.11 -15.80 19.80
N ASN A 72 15.95 -14.80 18.95
CA ASN A 72 14.62 -14.19 18.70
C ASN A 72 13.85 -15.04 17.68
N ILE A 73 12.55 -15.12 17.86
CA ILE A 73 11.53 -15.77 16.98
C ILE A 73 10.88 -14.65 16.17
N TYR A 74 11.08 -14.69 14.86
CA TYR A 74 10.38 -13.78 13.91
C TYR A 74 10.32 -14.51 12.57
N GLU A 75 9.32 -14.15 11.78
CA GLU A 75 9.19 -14.73 10.43
C GLU A 75 10.32 -14.15 9.52
N ARG A 76 10.94 -15.00 8.73
CA ARG A 76 12.02 -14.62 7.78
C ARG A 76 11.58 -13.48 6.85
N HIS A 77 12.42 -12.45 6.77
CA HIS A 77 12.19 -11.31 5.86
C HIS A 77 13.51 -10.67 5.58
N ARG A 78 13.52 -9.78 4.59
CA ARG A 78 14.72 -9.01 4.20
C ARG A 78 14.33 -7.55 4.04
N TYR A 79 15.33 -6.69 4.11
CA TYR A 79 15.19 -5.23 3.87
C TYR A 79 15.73 -4.89 2.52
N ARG A 80 15.13 -3.85 1.94
CA ARG A 80 15.72 -3.13 0.81
C ARG A 80 15.73 -1.64 1.14
N HIS A 81 16.88 -1.09 1.43
CA HIS A 81 17.11 0.37 1.70
C HIS A 81 17.26 1.08 0.37
N ILE A 82 16.50 2.15 0.19
CA ILE A 82 16.70 3.14 -0.89
C ILE A 82 16.97 4.47 -0.21
N LEU A 83 18.18 5.03 -0.39
CA LEU A 83 18.68 6.17 0.39
C LEU A 83 18.67 7.42 -0.50
N GLY A 84 18.42 8.59 0.06
CA GLY A 84 18.65 9.85 -0.68
C GLY A 84 20.08 10.36 -0.46
N LEU A 85 20.38 11.55 -0.95
CA LEU A 85 21.70 12.19 -0.79
C LEU A 85 21.83 12.68 0.64
N PRO A 86 23.00 12.51 1.29
CA PRO A 86 23.27 13.20 2.55
C PRO A 86 23.37 14.73 2.39
N SER A 87 22.83 15.45 3.34
CA SER A 87 22.95 16.91 3.43
C SER A 87 23.73 17.21 4.74
N ILE A 88 24.90 17.84 4.64
CA ILE A 88 25.71 18.22 5.84
C ILE A 88 25.11 19.46 6.48
N GLN A 89 24.75 19.34 7.76
CA GLN A 89 24.08 20.41 8.50
C GLN A 89 25.14 21.26 9.20
N SER A 90 26.08 20.62 9.87
CA SER A 90 27.12 21.32 10.65
C SER A 90 28.45 20.61 10.43
N GLY A 91 29.54 21.37 10.59
CA GLY A 91 30.87 20.76 10.54
C GLY A 91 31.96 21.77 10.75
N ASP A 92 33.15 21.26 11.07
CA ASP A 92 34.38 22.06 11.30
C ASP A 92 35.46 21.34 10.51
N ALA A 93 36.72 21.44 10.94
CA ALA A 93 37.84 20.76 10.26
C ALA A 93 37.67 19.25 10.32
N THR A 94 37.05 18.68 11.37
CA THR A 94 37.21 17.23 11.67
C THR A 94 35.85 16.52 11.85
N GLN A 95 34.81 17.19 12.34
CA GLN A 95 33.50 16.59 12.72
C GLN A 95 32.43 17.06 11.70
N ALA A 96 31.38 16.26 11.55
CA ALA A 96 30.20 16.66 10.75
C ALA A 96 28.94 15.99 11.32
N SER A 97 27.86 16.75 11.26
CA SER A 97 26.46 16.31 11.40
C SER A 97 25.83 16.30 10.03
N ALA A 98 24.94 15.35 9.79
CA ALA A 98 24.27 15.24 8.49
C ALA A 98 22.90 14.60 8.66
N SER A 99 22.05 14.84 7.65
CA SER A 99 20.75 14.17 7.51
C SER A 99 20.69 13.48 6.16
N THR A 100 20.25 12.22 6.18
CA THR A 100 20.09 11.38 4.99
C THR A 100 18.68 10.80 4.98
N PRO A 101 17.89 11.10 3.93
CA PRO A 101 16.59 10.45 3.76
C PRO A 101 16.78 8.95 3.53
N PHE A 102 15.86 8.16 4.05
CA PHE A 102 15.80 6.72 3.74
C PHE A 102 14.35 6.28 3.50
N MET A 103 14.25 5.17 2.78
CA MET A 103 13.02 4.35 2.70
C MET A 103 13.49 2.90 2.83
N VAL A 104 12.78 2.10 3.61
CA VAL A 104 13.09 0.65 3.75
C VAL A 104 11.88 -0.16 3.35
N LEU A 105 12.05 -0.98 2.34
CA LEU A 105 11.05 -2.02 1.99
C LEU A 105 11.30 -3.24 2.85
N ARG A 106 10.25 -3.90 3.29
CA ARG A 106 10.33 -5.24 3.89
C ARG A 106 9.74 -6.25 2.90
N ILE A 107 10.52 -7.26 2.59
CA ILE A 107 10.07 -8.37 1.72
C ILE A 107 10.02 -9.62 2.61
N MET A 108 8.81 -10.14 2.84
CA MET A 108 8.62 -11.40 3.59
C MET A 108 9.18 -12.54 2.71
N HIS A 109 9.64 -13.62 3.34
CA HIS A 109 10.04 -14.87 2.63
C HIS A 109 8.88 -15.38 1.73
N THR A 110 7.63 -15.07 2.07
CA THR A 110 6.42 -15.46 1.32
C THR A 110 6.12 -14.49 0.16
N GLY A 111 6.88 -13.40 0.01
CA GLY A 111 6.88 -12.61 -1.22
C GLY A 111 6.27 -11.24 -1.12
N GLU A 112 5.54 -10.90 -0.03
CA GLU A 112 4.87 -9.59 0.14
C GLU A 112 5.95 -8.52 0.29
N THR A 113 5.82 -7.43 -0.46
CA THR A 113 6.70 -6.26 -0.38
C THR A 113 5.91 -5.10 0.19
N GLU A 114 6.34 -4.49 1.28
CA GLU A 114 5.68 -3.28 1.84
C GLU A 114 6.71 -2.19 2.10
N VAL A 115 6.29 -0.93 2.06
CA VAL A 115 7.09 0.19 2.60
C VAL A 115 7.02 0.06 4.12
N PHE A 116 8.11 -0.35 4.76
CA PHE A 116 8.16 -0.76 6.15
C PHE A 116 8.49 0.43 7.02
N ALA A 117 9.35 1.32 6.54
CA ALA A 117 9.74 2.54 7.25
C ALA A 117 10.27 3.56 6.26
N SER A 118 10.23 4.82 6.67
CA SER A 118 10.87 5.92 5.90
C SER A 118 11.24 7.00 6.88
N GLY A 119 12.18 7.89 6.54
CA GLY A 119 12.53 9.00 7.44
C GLY A 119 13.88 9.57 7.11
N GLU A 120 14.61 10.01 8.12
CA GLU A 120 15.98 10.48 7.91
C GLU A 120 16.86 9.96 9.02
N TYR A 121 18.08 9.66 8.64
CA TYR A 121 19.17 9.40 9.60
C TYR A 121 19.72 10.74 10.05
N LEU A 122 19.73 11.02 11.35
CA LEU A 122 20.37 12.23 11.91
C LEU A 122 21.68 11.77 12.54
N ASP A 123 22.78 12.12 11.87
CA ASP A 123 24.07 11.43 12.11
C ASP A 123 25.09 12.43 12.64
N LYS A 124 26.02 11.92 13.42
CA LYS A 124 27.29 12.62 13.80
C LYS A 124 28.44 11.71 13.37
N PHE A 125 29.28 12.20 12.46
CA PHE A 125 30.39 11.47 11.87
C PHE A 125 31.71 11.97 12.46
N THR A 126 32.64 11.05 12.52
CA THR A 126 34.05 11.29 12.86
C THR A 126 34.90 10.42 11.93
N THR A 127 36.19 10.77 11.82
CA THR A 127 37.19 9.98 11.05
C THR A 127 38.29 9.61 12.02
N ILE A 128 38.48 8.31 12.26
CA ILE A 128 39.50 7.80 13.21
C ILE A 128 40.40 6.80 12.45
N ASP A 129 41.69 7.13 12.35
CA ASP A 129 42.71 6.24 11.78
C ASP A 129 42.34 5.97 10.32
N GLY A 130 41.72 6.90 9.60
CA GLY A 130 41.37 6.73 8.17
C GLY A 130 39.95 6.22 7.97
N LYS A 131 39.24 5.79 9.01
CA LYS A 131 37.86 5.27 8.82
C LYS A 131 36.77 6.28 9.20
N LEU A 132 35.85 6.53 8.29
CA LEU A 132 34.61 7.24 8.59
C LEU A 132 33.75 6.37 9.52
N ARG A 133 33.27 6.94 10.63
CA ARG A 133 32.48 6.18 11.61
C ARG A 133 31.35 7.06 12.11
N LEU A 134 30.23 6.39 12.45
CA LEU A 134 29.12 7.04 13.19
C LEU A 134 29.47 7.11 14.68
N GLN A 135 29.59 8.31 15.21
CA GLN A 135 29.47 8.59 16.66
C GLN A 135 28.00 8.45 17.03
N GLU A 136 27.08 8.89 16.15
CA GLU A 136 25.64 8.80 16.45
C GLU A 136 24.86 8.59 15.14
N ARG A 137 23.82 7.77 15.22
CA ARG A 137 22.81 7.63 14.14
C ARG A 137 21.46 7.48 14.78
N ILE A 138 20.60 8.47 14.58
CA ILE A 138 19.20 8.44 15.07
C ILE A 138 18.33 8.24 13.81
N ALA A 139 17.74 7.07 13.66
CA ALA A 139 16.77 6.84 12.54
C ALA A 139 15.42 7.41 12.96
N VAL A 140 15.10 8.60 12.49
CA VAL A 140 13.80 9.27 12.79
C VAL A 140 12.80 8.82 11.73
N CYS A 141 11.90 7.89 12.11
CA CYS A 141 10.88 7.31 11.21
C CYS A 141 9.75 8.34 11.04
N ASP A 142 9.29 8.45 9.81
CA ASP A 142 8.16 9.34 9.44
C ASP A 142 6.88 8.87 10.15
N SER A 143 6.69 7.56 10.31
CA SER A 143 5.45 6.98 10.89
C SER A 143 5.71 6.60 12.37
N THR A 144 4.71 6.68 13.21
CA THR A 144 4.68 6.13 14.58
C THR A 144 4.34 4.64 14.58
N VAL A 145 4.07 4.05 13.42
CA VAL A 145 3.61 2.63 13.31
C VAL A 145 4.72 1.75 12.75
N THR A 146 5.00 0.65 13.47
CA THR A 146 5.81 -0.49 12.98
C THR A 146 4.86 -1.65 12.70
N ASP A 147 4.90 -2.16 11.47
CA ASP A 147 4.03 -3.32 11.11
C ASP A 147 4.63 -4.58 11.71
N THR A 148 3.86 -5.23 12.63
CA THR A 148 4.13 -6.53 13.29
C THR A 148 5.25 -6.43 14.31
N LEU A 149 6.46 -6.18 13.88
CA LEU A 149 7.65 -6.10 14.76
C LEU A 149 8.81 -5.50 13.93
N MET A 150 9.92 -5.17 14.59
CA MET A 150 11.16 -4.78 13.89
C MET A 150 12.26 -5.67 14.44
N ALA A 151 12.81 -6.54 13.62
CA ALA A 151 13.90 -7.47 14.00
C ALA A 151 15.23 -6.88 13.55
N LEU A 152 15.31 -6.46 12.30
CA LEU A 152 16.55 -5.92 11.70
C LEU A 152 16.64 -4.43 11.99
N PRO A 153 17.82 -3.90 12.34
CA PRO A 153 17.97 -2.46 12.50
C PRO A 153 17.90 -1.73 11.15
N LEU A 154 17.44 -0.47 11.21
CA LEU A 154 17.33 0.42 10.06
C LEU A 154 18.69 1.07 9.74
N MET B 1 40.12 3.95 -14.04
CA MET B 1 39.33 3.18 -13.08
C MET B 1 37.86 3.39 -13.47
N ILE B 2 37.10 2.32 -13.72
CA ILE B 2 35.60 2.42 -13.72
C ILE B 2 35.20 2.81 -12.30
N ASN B 3 34.42 3.87 -12.11
CA ASN B 3 34.03 4.28 -10.74
C ASN B 3 32.51 4.33 -10.59
N GLU B 4 32.08 4.56 -9.34
CA GLU B 4 30.68 4.53 -8.84
C GLU B 4 29.87 5.62 -9.57
N ILE B 5 30.50 6.75 -9.85
CA ILE B 5 29.84 7.89 -10.57
C ILE B 5 29.51 7.45 -12.01
N GLN B 6 30.46 6.85 -12.72
CA GLN B 6 30.25 6.42 -14.11
C GLN B 6 29.12 5.36 -14.12
N ILE B 7 29.12 4.44 -13.17
CA ILE B 7 28.11 3.34 -13.16
C ILE B 7 26.74 3.97 -12.83
N ALA B 8 26.66 4.91 -11.89
CA ALA B 8 25.39 5.60 -11.53
C ALA B 8 24.85 6.32 -12.77
N ALA B 9 25.70 7.01 -13.54
CA ALA B 9 25.29 7.72 -14.77
C ALA B 9 24.75 6.70 -15.81
N PHE B 10 25.45 5.59 -16.02
CA PHE B 10 25.01 4.52 -16.96
C PHE B 10 23.63 3.99 -16.47
N ASN B 11 23.51 3.72 -15.17
CA ASN B 11 22.28 3.15 -14.59
C ASN B 11 21.10 4.10 -14.79
N ALA B 12 21.31 5.41 -14.65
CA ALA B 12 20.25 6.42 -14.90
C ALA B 12 19.84 6.41 -16.38
N ALA B 13 20.78 6.29 -17.33
CA ALA B 13 20.39 6.20 -18.75
C ALA B 13 19.65 4.88 -19.01
N TYR B 14 20.09 3.77 -18.43
CA TYR B 14 19.41 2.45 -18.55
C TYR B 14 17.95 2.60 -18.07
N ALA B 15 17.79 3.13 -16.86
CA ALA B 15 16.45 3.34 -16.25
C ALA B 15 15.61 4.23 -17.15
N LYS B 16 16.15 5.32 -17.64
CA LYS B 16 15.38 6.29 -18.47
C LYS B 16 14.93 5.57 -19.73
N THR B 17 15.78 4.75 -20.32
CA THR B 17 15.41 4.01 -21.55
C THR B 17 14.22 3.11 -21.26
N VAL B 18 14.31 2.29 -20.20
CA VAL B 18 13.22 1.33 -19.89
C VAL B 18 11.96 2.09 -19.45
N ASP B 19 12.10 3.15 -18.67
CA ASP B 19 10.92 3.82 -18.10
C ASP B 19 10.22 4.70 -19.15
N SER B 20 10.89 5.08 -20.22
CA SER B 20 10.29 5.91 -21.29
C SER B 20 9.70 5.01 -22.36
N ASP B 21 9.81 3.71 -22.21
CA ASP B 21 9.38 2.74 -23.23
C ASP B 21 10.12 2.97 -24.57
N ALA B 22 11.37 3.48 -24.54
CA ALA B 22 12.31 3.46 -25.70
C ALA B 22 12.99 2.09 -25.69
N MET B 23 12.20 1.03 -25.64
CA MET B 23 12.75 -0.33 -25.37
C MET B 23 13.70 -0.74 -26.51
N GLU B 24 13.57 -0.16 -27.71
CA GLU B 24 14.43 -0.52 -28.86
C GLU B 24 15.90 -0.18 -28.49
N GLN B 25 16.14 0.81 -27.63
CA GLN B 25 17.54 1.16 -27.28
C GLN B 25 18.05 0.27 -26.11
N TRP B 26 17.21 -0.49 -25.44
CA TRP B 26 17.62 -1.28 -24.23
C TRP B 26 18.77 -2.23 -24.57
N PRO B 27 18.74 -2.99 -25.72
CA PRO B 27 19.82 -3.90 -26.07
C PRO B 27 21.17 -3.21 -26.25
N THR B 28 21.20 -1.93 -26.60
CA THR B 28 22.48 -1.24 -26.86
C THR B 28 23.27 -1.07 -25.55
N PHE B 29 22.67 -1.30 -24.37
CA PHE B 29 23.38 -1.18 -23.07
C PHE B 29 24.30 -2.38 -22.82
N PHE B 30 24.21 -3.39 -23.70
CA PHE B 30 24.85 -4.71 -23.53
C PHE B 30 25.87 -4.99 -24.61
N THR B 31 26.84 -5.86 -24.31
CA THR B 31 27.80 -6.38 -25.32
C THR B 31 27.08 -7.38 -26.20
N LYS B 32 27.67 -7.68 -27.35
CA LYS B 32 27.07 -8.64 -28.32
C LYS B 32 26.86 -10.03 -27.69
N ASP B 33 27.81 -10.52 -26.91
CA ASP B 33 27.79 -11.84 -26.21
C ASP B 33 27.42 -11.65 -24.73
N CYS B 34 26.46 -10.81 -24.39
CA CYS B 34 26.16 -10.50 -22.97
C CYS B 34 25.41 -11.65 -22.30
N HIS B 35 25.22 -11.58 -20.99
CA HIS B 35 24.19 -12.34 -20.26
C HIS B 35 23.28 -11.36 -19.53
N TYR B 36 21.97 -11.58 -19.66
CA TYR B 36 20.91 -10.88 -18.88
C TYR B 36 19.96 -11.94 -18.35
N ARG B 37 19.58 -11.82 -17.08
CA ARG B 37 18.64 -12.74 -16.41
C ARG B 37 17.82 -11.95 -15.38
N VAL B 38 16.54 -12.28 -15.26
CA VAL B 38 15.72 -11.82 -14.12
C VAL B 38 15.43 -13.04 -13.26
N THR B 39 15.83 -12.99 -11.98
CA THR B 39 15.71 -14.13 -11.05
C THR B 39 15.38 -13.56 -9.68
N ASN B 40 15.58 -14.33 -8.62
CA ASN B 40 15.17 -13.93 -7.26
C ASN B 40 16.22 -14.45 -6.30
N VAL B 41 16.15 -14.01 -5.04
CA VAL B 41 17.16 -14.30 -4.00
C VAL B 41 17.21 -15.82 -3.76
N ASP B 42 16.07 -16.52 -3.77
CA ASP B 42 16.06 -17.98 -3.50
C ASP B 42 16.83 -18.73 -4.59
N ASN B 43 16.49 -18.51 -5.85
CA ASN B 43 17.24 -19.11 -6.98
C ASN B 43 18.74 -18.77 -6.84
N HIS B 44 19.06 -17.52 -6.60
CA HIS B 44 20.48 -17.07 -6.56
C HIS B 44 21.18 -17.77 -5.38
N ALA B 45 20.57 -17.84 -4.18
CA ALA B 45 21.20 -18.50 -3.00
C ALA B 45 21.42 -20.00 -3.30
N GLU B 46 20.50 -20.66 -3.98
CA GLU B 46 20.59 -22.12 -4.23
C GLU B 46 21.47 -22.38 -5.48
N GLY B 47 21.88 -21.39 -6.23
CA GLY B 47 22.65 -21.55 -7.49
C GLY B 47 21.80 -22.08 -8.64
N LEU B 48 20.52 -21.79 -8.68
CA LEU B 48 19.62 -22.19 -9.81
C LEU B 48 19.75 -21.18 -10.95
N ALA B 49 19.86 -21.67 -12.17
CA ALA B 49 20.30 -20.89 -13.34
C ALA B 49 19.11 -20.25 -14.07
N ALA B 50 17.88 -20.73 -13.93
CA ALA B 50 16.79 -20.26 -14.82
C ALA B 50 16.42 -18.82 -14.50
N GLY B 51 16.00 -18.09 -15.52
CA GLY B 51 15.40 -16.75 -15.38
C GLY B 51 14.00 -16.68 -15.98
N ILE B 52 13.16 -15.80 -15.44
CA ILE B 52 11.90 -15.30 -16.04
C ILE B 52 12.24 -14.73 -17.45
N VAL B 53 13.36 -14.03 -17.53
CA VAL B 53 14.05 -13.63 -18.78
C VAL B 53 15.45 -14.20 -18.68
N TRP B 54 15.95 -14.78 -19.77
CA TRP B 54 17.29 -15.39 -19.81
C TRP B 54 17.86 -15.14 -21.20
N ALA B 55 18.99 -14.43 -21.30
CA ALA B 55 19.55 -14.09 -22.63
C ALA B 55 21.06 -14.28 -22.58
N ASP B 56 21.65 -14.85 -23.64
CA ASP B 56 23.13 -14.94 -23.74
C ASP B 56 23.62 -14.23 -24.99
N SER B 57 22.85 -13.34 -25.57
CA SER B 57 23.30 -12.50 -26.70
C SER B 57 22.48 -11.22 -26.76
N GLN B 58 23.02 -10.16 -27.36
CA GLN B 58 22.27 -8.91 -27.56
C GLN B 58 21.07 -9.17 -28.47
N ASP B 59 21.23 -10.06 -29.45
CA ASP B 59 20.15 -10.44 -30.41
C ASP B 59 18.95 -11.05 -29.67
N MET B 60 19.18 -11.87 -28.64
CA MET B 60 18.04 -12.39 -27.81
C MET B 60 17.31 -11.20 -27.15
N LEU B 61 18.01 -10.17 -26.72
CA LEU B 61 17.38 -8.98 -26.10
C LEU B 61 16.52 -8.27 -27.16
N THR B 62 17.04 -8.10 -28.38
CA THR B 62 16.32 -7.41 -29.48
C THR B 62 15.04 -8.21 -29.78
N ASP B 63 15.15 -9.53 -29.89
CA ASP B 63 13.99 -10.39 -30.19
C ASP B 63 12.94 -10.25 -29.10
N ARG B 64 13.36 -10.07 -27.83
CA ARG B 64 12.36 -9.96 -26.74
C ARG B 64 11.60 -8.67 -26.95
N ILE B 65 12.28 -7.59 -27.35
CA ILE B 65 11.57 -6.31 -27.57
C ILE B 65 10.67 -6.43 -28.83
N SER B 66 11.09 -7.10 -29.89
CA SER B 66 10.24 -7.38 -31.08
C SER B 66 8.94 -8.04 -30.63
N ALA B 67 9.03 -9.13 -29.86
CA ALA B 67 7.86 -9.85 -29.32
C ALA B 67 7.02 -8.93 -28.44
N LEU B 68 7.62 -8.06 -27.63
CA LEU B 68 6.86 -7.12 -26.79
C LEU B 68 5.99 -6.21 -27.67
N ARG B 69 6.52 -5.78 -28.82
CA ARG B 69 5.86 -4.82 -29.75
C ARG B 69 4.79 -5.52 -30.60
N GLU B 70 5.07 -6.71 -31.13
CA GLU B 70 4.33 -7.30 -32.28
C GLU B 70 3.54 -8.53 -31.84
N ALA B 71 3.80 -9.11 -30.66
CA ALA B 71 3.29 -10.47 -30.32
C ALA B 71 2.57 -10.48 -28.97
N ASN B 72 3.11 -9.86 -27.94
CA ASN B 72 2.60 -10.00 -26.55
C ASN B 72 1.32 -9.14 -26.36
N ILE B 73 0.38 -9.67 -25.60
CA ILE B 73 -0.88 -9.06 -25.08
C ILE B 73 -0.68 -8.78 -23.60
N TYR B 74 -0.79 -7.52 -23.20
CA TYR B 74 -0.75 -7.16 -21.76
C TYR B 74 -1.46 -5.81 -21.60
N GLU B 75 -2.00 -5.56 -20.43
CA GLU B 75 -2.67 -4.28 -20.09
C GLU B 75 -1.57 -3.19 -19.97
N ARG B 76 -1.85 -2.04 -20.55
CA ARG B 76 -0.93 -0.88 -20.62
C ARG B 76 -0.44 -0.50 -19.21
N HIS B 77 0.86 -0.38 -19.06
CA HIS B 77 1.46 0.07 -17.79
C HIS B 77 2.82 0.66 -18.10
N ARG B 78 3.43 1.33 -17.10
CA ARG B 78 4.79 1.85 -17.19
C ARG B 78 5.54 1.46 -15.90
N TYR B 79 6.87 1.57 -15.96
CA TYR B 79 7.79 1.40 -14.84
C TYR B 79 8.31 2.77 -14.39
N ARG B 80 8.62 2.85 -13.10
CA ARG B 80 9.46 3.91 -12.54
C ARG B 80 10.55 3.23 -11.70
N HIS B 81 11.78 3.24 -12.20
CA HIS B 81 13.00 2.78 -11.53
C HIS B 81 13.50 3.84 -10.56
N ILE B 82 13.75 3.43 -9.35
CA ILE B 82 14.45 4.23 -8.32
C ILE B 82 15.66 3.40 -7.91
N LEU B 83 16.85 3.92 -8.15
CA LEU B 83 18.13 3.20 -8.02
C LEU B 83 18.90 3.74 -6.81
N GLY B 84 19.66 2.91 -6.14
CA GLY B 84 20.58 3.38 -5.11
C GLY B 84 21.98 3.57 -5.71
N LEU B 85 22.93 4.00 -4.89
CA LEU B 85 24.34 4.15 -5.32
C LEU B 85 24.95 2.75 -5.48
N PRO B 86 25.72 2.52 -6.56
CA PRO B 86 26.41 1.28 -6.75
C PRO B 86 27.58 1.08 -5.77
N SER B 87 27.91 -0.18 -5.56
CA SER B 87 29.11 -0.67 -4.88
C SER B 87 29.97 -1.46 -5.89
N ILE B 88 31.24 -1.16 -6.01
CA ILE B 88 32.17 -1.94 -6.88
C ILE B 88 32.84 -2.98 -6.01
N GLN B 89 32.80 -4.24 -6.40
CA GLN B 89 33.43 -5.35 -5.65
C GLN B 89 34.87 -5.52 -6.13
N SER B 90 35.16 -5.33 -7.42
CA SER B 90 36.49 -5.55 -8.03
C SER B 90 36.48 -4.92 -9.41
N GLY B 91 37.65 -4.57 -9.94
CA GLY B 91 37.76 -3.99 -11.30
C GLY B 91 39.00 -3.12 -11.48
N ASP B 92 39.18 -2.63 -12.71
CA ASP B 92 40.37 -1.86 -13.16
C ASP B 92 39.88 -0.72 -14.07
N ALA B 93 40.68 -0.34 -15.06
CA ALA B 93 40.40 0.79 -15.97
C ALA B 93 39.37 0.34 -17.01
N THR B 94 39.26 -0.97 -17.32
CA THR B 94 38.32 -1.43 -18.40
C THR B 94 37.23 -2.42 -17.91
N GLN B 95 37.42 -3.22 -16.84
CA GLN B 95 36.44 -4.22 -16.31
C GLN B 95 35.99 -3.83 -14.90
N ALA B 96 34.75 -4.12 -14.49
CA ALA B 96 34.36 -4.07 -13.06
C ALA B 96 33.17 -4.98 -12.81
N SER B 97 33.14 -5.57 -11.63
CA SER B 97 32.00 -6.27 -11.01
C SER B 97 31.37 -5.36 -9.95
N ALA B 98 30.06 -5.16 -10.05
CA ALA B 98 29.38 -4.15 -9.23
C ALA B 98 27.96 -4.60 -8.93
N SER B 99 27.36 -4.01 -7.92
CA SER B 99 26.03 -4.32 -7.38
C SER B 99 25.31 -2.98 -7.18
N THR B 100 24.10 -2.86 -7.73
CA THR B 100 23.27 -1.65 -7.63
C THR B 100 21.90 -2.03 -7.07
N PRO B 101 21.47 -1.41 -5.96
CA PRO B 101 20.12 -1.62 -5.46
C PRO B 101 19.10 -0.99 -6.41
N PHE B 102 17.93 -1.62 -6.51
CA PHE B 102 16.83 -1.05 -7.33
C PHE B 102 15.50 -1.32 -6.67
N MET B 103 14.56 -0.46 -7.02
CA MET B 103 13.13 -0.65 -6.80
C MET B 103 12.46 -0.24 -8.11
N VAL B 104 11.44 -1.00 -8.53
CA VAL B 104 10.61 -0.65 -9.69
C VAL B 104 9.15 -0.52 -9.25
N LEU B 105 8.59 0.66 -9.45
CA LEU B 105 7.12 0.85 -9.36
C LEU B 105 6.49 0.44 -10.70
N ARG B 106 5.32 -0.19 -10.64
CA ARG B 106 4.43 -0.35 -11.81
C ARG B 106 3.25 0.60 -11.66
N ILE B 107 3.04 1.41 -12.69
CA ILE B 107 1.84 2.28 -12.77
C ILE B 107 0.97 1.76 -13.93
N MET B 108 -0.20 1.26 -13.60
CA MET B 108 -1.19 0.82 -14.62
C MET B 108 -1.73 2.08 -15.32
N HIS B 109 -2.16 1.97 -16.60
CA HIS B 109 -2.88 3.06 -17.32
C HIS B 109 -4.10 3.53 -16.50
N THR B 110 -4.68 2.68 -15.65
CA THR B 110 -5.85 3.00 -14.81
C THR B 110 -5.46 3.69 -13.49
N GLY B 111 -4.15 3.87 -13.24
CA GLY B 111 -3.68 4.77 -12.17
C GLY B 111 -3.07 4.10 -10.94
N GLU B 112 -3.26 2.81 -10.73
CA GLU B 112 -2.72 2.07 -9.54
C GLU B 112 -1.17 2.06 -9.62
N THR B 113 -0.54 2.41 -8.52
CA THR B 113 0.94 2.38 -8.35
C THR B 113 1.24 1.29 -7.33
N GLU B 114 2.11 0.34 -7.66
CA GLU B 114 2.52 -0.76 -6.74
C GLU B 114 4.03 -0.89 -6.81
N VAL B 115 4.64 -1.32 -5.72
CA VAL B 115 6.05 -1.78 -5.74
C VAL B 115 6.05 -3.11 -6.50
N PHE B 116 6.59 -3.13 -7.69
CA PHE B 116 6.47 -4.29 -8.59
C PHE B 116 7.65 -5.22 -8.40
N ALA B 117 8.84 -4.67 -8.17
CA ALA B 117 10.02 -5.47 -7.82
C ALA B 117 11.04 -4.61 -7.07
N SER B 118 11.98 -5.28 -6.42
CA SER B 118 13.13 -4.65 -5.76
C SER B 118 14.26 -5.69 -5.71
N GLY B 119 15.48 -5.24 -5.56
CA GLY B 119 16.62 -6.14 -5.41
C GLY B 119 17.91 -5.46 -5.76
N GLU B 120 18.80 -6.20 -6.39
CA GLU B 120 20.07 -5.60 -6.85
C GLU B 120 20.40 -6.19 -8.20
N TYR B 121 20.99 -5.33 -9.02
CA TYR B 121 21.67 -5.72 -10.26
C TYR B 121 23.03 -6.23 -9.87
N LEU B 122 23.38 -7.45 -10.25
CA LEU B 122 24.75 -8.01 -10.12
C LEU B 122 25.38 -7.94 -11.52
N ASP B 123 26.25 -6.98 -11.72
CA ASP B 123 26.69 -6.53 -13.05
C ASP B 123 28.19 -6.86 -13.25
N LYS B 124 28.54 -7.17 -14.49
CA LYS B 124 29.93 -7.13 -14.98
C LYS B 124 29.96 -6.11 -16.11
N PHE B 125 30.75 -5.06 -15.91
CA PHE B 125 30.92 -3.96 -16.88
C PHE B 125 32.24 -4.17 -17.60
N THR B 126 32.21 -3.80 -18.87
CA THR B 126 33.42 -3.67 -19.72
C THR B 126 33.38 -2.29 -20.39
N THR B 127 34.45 -1.94 -21.08
CA THR B 127 34.58 -0.68 -21.86
C THR B 127 34.77 -1.07 -23.33
N ILE B 128 33.90 -0.59 -24.19
CA ILE B 128 33.94 -0.77 -25.67
C ILE B 128 34.04 0.63 -26.32
N ASP B 129 35.15 0.90 -26.98
CA ASP B 129 35.39 2.19 -27.69
C ASP B 129 35.32 3.32 -26.66
N GLY B 130 35.82 3.11 -25.44
CA GLY B 130 35.85 4.15 -24.37
C GLY B 130 34.58 4.24 -23.55
N LYS B 131 33.55 3.46 -23.83
CA LYS B 131 32.22 3.64 -23.19
C LYS B 131 31.81 2.40 -22.39
N LEU B 132 31.21 2.61 -21.24
CA LEU B 132 30.74 1.55 -20.35
C LEU B 132 29.68 0.72 -21.10
N ARG B 133 29.74 -0.58 -20.90
CA ARG B 133 28.75 -1.53 -21.47
C ARG B 133 28.57 -2.68 -20.46
N LEU B 134 27.37 -3.24 -20.38
CA LEU B 134 27.13 -4.47 -19.58
C LEU B 134 27.53 -5.72 -20.37
N GLN B 135 28.49 -6.45 -19.83
CA GLN B 135 28.78 -7.83 -20.24
C GLN B 135 27.73 -8.73 -19.58
N GLU B 136 27.33 -8.40 -18.35
CA GLU B 136 26.38 -9.23 -17.59
C GLU B 136 25.56 -8.34 -16.69
N ARG B 137 24.24 -8.56 -16.68
CA ARG B 137 23.34 -7.95 -15.67
C ARG B 137 22.36 -9.01 -15.19
N ILE B 138 22.46 -9.36 -13.91
CA ILE B 138 21.51 -10.32 -13.27
C ILE B 138 20.64 -9.46 -12.37
N ALA B 139 19.36 -9.36 -12.66
CA ALA B 139 18.44 -8.64 -11.73
C ALA B 139 17.94 -9.62 -10.68
N VAL B 140 18.53 -9.59 -9.49
CA VAL B 140 18.17 -10.53 -8.40
C VAL B 140 17.05 -9.86 -7.59
N CYS B 141 15.81 -10.29 -7.81
CA CYS B 141 14.60 -9.76 -7.13
C CYS B 141 14.59 -10.24 -5.67
N ASP B 142 14.27 -9.34 -4.76
CA ASP B 142 14.04 -9.65 -3.34
C ASP B 142 12.89 -10.64 -3.20
N SER B 143 11.83 -10.52 -4.01
CA SER B 143 10.61 -11.35 -3.88
C SER B 143 10.63 -12.48 -4.92
N THR B 144 10.07 -13.65 -4.56
CA THR B 144 9.78 -14.76 -5.49
C THR B 144 8.48 -14.50 -6.25
N VAL B 145 7.77 -13.41 -5.95
CA VAL B 145 6.43 -13.15 -6.57
C VAL B 145 6.50 -12.01 -7.57
N THR B 146 5.96 -12.25 -8.75
CA THR B 146 5.64 -11.26 -9.80
C THR B 146 4.11 -11.11 -9.84
N ASP B 147 3.64 -9.89 -9.66
CA ASP B 147 2.18 -9.58 -9.72
C ASP B 147 1.71 -9.59 -11.20
N THR B 148 0.83 -10.52 -11.52
CA THR B 148 0.11 -10.68 -12.82
C THR B 148 1.04 -11.28 -13.87
N LEU B 149 2.01 -10.48 -14.35
CA LEU B 149 2.97 -10.89 -15.41
C LEU B 149 4.10 -9.87 -15.41
N MET B 150 5.18 -10.16 -16.12
CA MET B 150 6.26 -9.21 -16.37
C MET B 150 6.42 -9.07 -17.88
N ALA B 151 6.11 -7.91 -18.44
CA ALA B 151 6.24 -7.63 -19.88
C ALA B 151 7.56 -6.90 -20.15
N LEU B 152 7.81 -5.83 -19.43
CA LEU B 152 9.02 -5.00 -19.61
C LEU B 152 10.16 -5.58 -18.78
N PRO B 153 11.39 -5.59 -19.30
CA PRO B 153 12.53 -6.08 -18.50
C PRO B 153 12.89 -5.06 -17.41
N LEU B 154 13.57 -5.55 -16.37
CA LEU B 154 13.99 -4.76 -15.21
C LEU B 154 15.34 -4.11 -15.48
N MET C 1 30.35 24.37 -16.30
CA MET C 1 29.24 23.62 -16.81
C MET C 1 28.42 23.16 -15.61
N ILE C 2 27.13 23.50 -15.57
CA ILE C 2 26.15 22.92 -14.60
C ILE C 2 26.14 21.41 -14.83
N ASN C 3 26.35 20.62 -13.78
CA ASN C 3 26.41 19.16 -13.95
C ASN C 3 25.36 18.46 -13.05
N GLU C 4 25.30 17.12 -13.16
CA GLU C 4 24.31 16.21 -12.55
C GLU C 4 24.44 16.26 -11.01
N ILE C 5 25.65 16.39 -10.50
CA ILE C 5 25.93 16.53 -9.04
C ILE C 5 25.26 17.80 -8.52
N GLN C 6 25.45 18.92 -9.21
CA GLN C 6 24.91 20.21 -8.73
C GLN C 6 23.38 20.14 -8.77
N ILE C 7 22.82 19.55 -9.84
CA ILE C 7 21.35 19.49 -9.96
C ILE C 7 20.81 18.55 -8.87
N ALA C 8 21.50 17.43 -8.59
CA ALA C 8 21.08 16.46 -7.53
C ALA C 8 21.08 17.18 -6.17
N ALA C 9 22.06 18.03 -5.91
CA ALA C 9 22.22 18.77 -4.64
C ALA C 9 21.09 19.75 -4.52
N PHE C 10 20.78 20.51 -5.56
CA PHE C 10 19.61 21.42 -5.58
C PHE C 10 18.33 20.62 -5.26
N ASN C 11 18.14 19.50 -5.95
CA ASN C 11 16.88 18.71 -5.84
C ASN C 11 16.72 18.18 -4.40
N ALA C 12 17.81 17.80 -3.74
CA ALA C 12 17.83 17.33 -2.35
C ALA C 12 17.44 18.48 -1.42
N ALA C 13 17.93 19.70 -1.64
CA ALA C 13 17.52 20.86 -0.80
C ALA C 13 16.04 21.18 -1.04
N TYR C 14 15.58 21.14 -2.28
CA TYR C 14 14.13 21.34 -2.60
C TYR C 14 13.28 20.32 -1.83
N ALA C 15 13.65 19.04 -1.93
CA ALA C 15 12.93 17.93 -1.27
C ALA C 15 12.93 18.18 0.23
N LYS C 16 14.08 18.49 0.83
CA LYS C 16 14.20 18.66 2.28
C LYS C 16 13.27 19.79 2.69
N THR C 17 13.22 20.88 1.93
CA THR C 17 12.29 22.00 2.26
C THR C 17 10.84 21.50 2.29
N VAL C 18 10.38 20.80 1.25
CA VAL C 18 8.97 20.37 1.14
C VAL C 18 8.67 19.29 2.20
N ASP C 19 9.60 18.38 2.42
CA ASP C 19 9.38 17.25 3.34
C ASP C 19 9.47 17.70 4.79
N SER C 20 10.11 18.82 5.10
CA SER C 20 10.19 19.34 6.49
C SER C 20 9.02 20.29 6.75
N ASP C 21 8.12 20.48 5.80
CA ASP C 21 7.03 21.48 5.93
C ASP C 21 7.59 22.91 6.17
N ALA C 22 8.82 23.23 5.71
CA ALA C 22 9.33 24.62 5.66
C ALA C 22 8.80 25.26 4.36
N MET C 23 7.49 25.22 4.20
CA MET C 23 6.85 25.50 2.89
C MET C 23 7.10 26.94 2.48
N GLU C 24 7.32 27.84 3.45
CA GLU C 24 7.58 29.27 3.16
C GLU C 24 8.85 29.38 2.32
N GLN C 25 9.79 28.44 2.39
CA GLN C 25 11.05 28.55 1.61
C GLN C 25 10.85 27.96 0.20
N TRP C 26 9.76 27.25 -0.08
CA TRP C 26 9.63 26.52 -1.38
C TRP C 26 9.68 27.52 -2.54
N PRO C 27 8.97 28.68 -2.49
CA PRO C 27 9.00 29.64 -3.60
C PRO C 27 10.40 30.17 -3.92
N THR C 28 11.32 30.16 -2.96
CA THR C 28 12.66 30.78 -3.18
C THR C 28 13.48 29.87 -4.09
N PHE C 29 13.03 28.65 -4.41
CA PHE C 29 13.77 27.75 -5.34
C PHE C 29 13.50 28.16 -6.79
N PHE C 30 12.61 29.11 -7.01
CA PHE C 30 12.14 29.53 -8.37
C PHE C 30 12.49 30.99 -8.68
N THR C 31 12.59 31.32 -9.95
CA THR C 31 12.74 32.71 -10.45
C THR C 31 11.41 33.45 -10.26
N LYS C 32 11.44 34.77 -10.35
CA LYS C 32 10.26 35.66 -10.20
C LYS C 32 9.20 35.34 -11.24
N ASP C 33 9.60 35.14 -12.49
CA ASP C 33 8.73 34.85 -13.65
C ASP C 33 8.75 33.32 -13.96
N CYS C 34 8.73 32.45 -12.98
CA CYS C 34 8.89 30.99 -13.20
C CYS C 34 7.60 30.37 -13.76
N HIS C 35 7.70 29.15 -14.26
CA HIS C 35 6.51 28.28 -14.45
C HIS C 35 6.67 27.02 -13.56
N TYR C 36 5.61 26.70 -12.82
CA TYR C 36 5.49 25.43 -12.04
C TYR C 36 4.11 24.84 -12.35
N ARG C 37 4.10 23.56 -12.68
CA ARG C 37 2.86 22.81 -12.98
C ARG C 37 2.96 21.40 -12.42
N VAL C 38 1.86 20.90 -11.87
CA VAL C 38 1.73 19.45 -11.58
C VAL C 38 0.75 18.86 -12.59
N THR C 39 1.19 17.89 -13.36
CA THR C 39 0.37 17.26 -14.42
C THR C 39 0.65 15.76 -14.41
N ASN C 40 0.24 15.09 -15.47
CA ASN C 40 0.38 13.61 -15.56
C ASN C 40 0.80 13.27 -16.98
N VAL C 41 1.26 12.05 -17.18
CA VAL C 41 1.78 11.54 -18.47
C VAL C 41 0.73 11.68 -19.56
N ASP C 42 -0.54 11.42 -19.28
CA ASP C 42 -1.60 11.51 -20.33
C ASP C 42 -1.74 12.95 -20.81
N ASN C 43 -1.94 13.91 -19.92
CA ASN C 43 -1.97 15.34 -20.28
C ASN C 43 -0.70 15.70 -21.06
N HIS C 44 0.46 15.29 -20.58
CA HIS C 44 1.74 15.71 -21.18
C HIS C 44 1.84 15.12 -22.58
N ALA C 45 1.49 13.84 -22.79
CA ALA C 45 1.58 13.20 -24.13
C ALA C 45 0.59 13.87 -25.10
N GLU C 46 -0.60 14.27 -24.65
CA GLU C 46 -1.62 14.87 -25.53
C GLU C 46 -1.34 16.37 -25.71
N GLY C 47 -0.41 16.98 -25.00
CA GLY C 47 -0.15 18.42 -25.10
C GLY C 47 -1.20 19.22 -24.35
N LEU C 48 -1.91 18.67 -23.33
CA LEU C 48 -2.90 19.45 -22.55
C LEU C 48 -2.20 20.31 -21.49
N ALA C 49 -2.63 21.56 -21.34
CA ALA C 49 -1.83 22.57 -20.60
C ALA C 49 -2.20 22.63 -19.11
N ALA C 50 -3.34 22.13 -18.66
CA ALA C 50 -3.77 22.41 -17.25
C ALA C 50 -2.89 21.66 -16.26
N GLY C 51 -2.79 22.22 -15.07
CA GLY C 51 -2.16 21.56 -13.91
C GLY C 51 -3.12 21.56 -12.72
N ILE C 52 -2.96 20.58 -11.85
CA ILE C 52 -3.51 20.52 -10.46
C ILE C 52 -3.02 21.77 -9.71
N VAL C 53 -1.76 22.12 -9.95
CA VAL C 53 -1.16 23.43 -9.60
C VAL C 53 -0.63 24.01 -10.90
N TRP C 54 -0.83 25.32 -11.12
CA TRP C 54 -0.38 26.01 -12.34
C TRP C 54 0.04 27.42 -11.95
N ALA C 55 1.30 27.76 -12.11
CA ALA C 55 1.83 29.06 -11.63
C ALA C 55 2.75 29.62 -12.68
N ASP C 56 2.61 30.93 -12.98
CA ASP C 56 3.53 31.59 -13.91
C ASP C 56 4.22 32.74 -13.20
N SER C 57 4.29 32.74 -11.88
CA SER C 57 5.11 33.70 -11.11
C SER C 57 5.49 33.09 -9.76
N GLN C 58 6.57 33.56 -9.16
CA GLN C 58 6.97 33.14 -7.79
C GLN C 58 5.89 33.58 -6.80
N ASP C 59 5.29 34.72 -7.04
CA ASP C 59 4.20 35.26 -6.17
C ASP C 59 2.99 34.30 -6.13
N MET C 60 2.67 33.64 -7.26
CA MET C 60 1.57 32.62 -7.25
C MET C 60 1.97 31.49 -6.31
N LEU C 61 3.24 31.12 -6.28
CA LEU C 61 3.74 30.05 -5.38
C LEU C 61 3.57 30.51 -3.92
N THR C 62 3.95 31.74 -3.62
CA THR C 62 3.87 32.30 -2.23
C THR C 62 2.41 32.29 -1.80
N ASP C 63 1.51 32.78 -2.67
CA ASP C 63 0.07 32.82 -2.35
C ASP C 63 -0.44 31.41 -2.07
N ARG C 64 0.05 30.39 -2.79
CA ARG C 64 -0.44 29.00 -2.59
C ARG C 64 -0.03 28.57 -1.19
N ILE C 65 1.19 28.91 -0.76
CA ILE C 65 1.59 28.52 0.63
C ILE C 65 0.80 29.34 1.67
N SER C 66 0.52 30.63 1.45
CA SER C 66 -0.33 31.46 2.35
C SER C 66 -1.68 30.76 2.54
N ALA C 67 -2.34 30.40 1.44
CA ALA C 67 -3.63 29.65 1.45
C ALA C 67 -3.49 28.33 2.22
N LEU C 68 -2.40 27.61 2.03
CA LEU C 68 -2.17 26.34 2.76
C LEU C 68 -2.19 26.57 4.27
N ARG C 69 -1.59 27.68 4.72
CA ARG C 69 -1.40 27.98 6.17
C ARG C 69 -2.69 28.52 6.80
N GLU C 70 -3.38 29.43 6.13
CA GLU C 70 -4.42 30.28 6.77
C GLU C 70 -5.83 29.86 6.35
N ALA C 71 -6.00 29.16 5.21
CA ALA C 71 -7.31 28.99 4.58
C ALA C 71 -7.66 27.50 4.45
N ASN C 72 -6.76 26.65 3.97
CA ASN C 72 -7.11 25.28 3.54
C ASN C 72 -7.19 24.35 4.78
N ILE C 73 -8.17 23.45 4.74
CA ILE C 73 -8.45 22.37 5.72
C ILE C 73 -8.00 21.07 5.05
N TYR C 74 -7.08 20.37 5.67
CA TYR C 74 -6.72 19.00 5.24
C TYR C 74 -6.18 18.25 6.48
N GLU C 75 -6.23 16.92 6.44
CA GLU C 75 -5.69 16.11 7.55
C GLU C 75 -4.14 16.16 7.49
N ARG C 76 -3.52 16.29 8.66
CA ARG C 76 -2.05 16.38 8.82
C ARG C 76 -1.34 15.18 8.13
N HIS C 77 -0.33 15.48 7.35
CA HIS C 77 0.49 14.46 6.67
C HIS C 77 1.80 15.08 6.31
N ARG C 78 2.76 14.24 5.92
CA ARG C 78 4.06 14.70 5.39
C ARG C 78 4.37 13.93 4.13
N TYR C 79 5.27 14.50 3.33
CA TYR C 79 5.93 13.87 2.18
C TYR C 79 7.29 13.35 2.57
N ARG C 80 7.69 12.30 1.86
CA ARG C 80 9.11 11.85 1.81
C ARG C 80 9.44 11.66 0.33
N HIS C 81 10.26 12.55 -0.23
CA HIS C 81 10.78 12.51 -1.62
C HIS C 81 11.97 11.55 -1.67
N ILE C 82 11.95 10.67 -2.64
CA ILE C 82 13.12 9.85 -3.07
C ILE C 82 13.37 10.21 -4.53
N LEU C 83 14.54 10.75 -4.85
CA LEU C 83 14.87 11.33 -6.17
C LEU C 83 15.88 10.45 -6.89
N GLY C 84 15.80 10.40 -8.21
CA GLY C 84 16.82 9.68 -8.99
C GLY C 84 17.89 10.65 -9.46
N LEU C 85 18.90 10.17 -10.14
CA LEU C 85 19.94 11.03 -10.75
C LEU C 85 19.34 11.76 -11.93
N PRO C 86 19.59 13.09 -12.04
CA PRO C 86 19.16 13.88 -13.17
C PRO C 86 19.86 13.47 -14.46
N SER C 87 19.16 13.72 -15.57
CA SER C 87 19.70 13.61 -16.96
C SER C 87 19.69 15.03 -17.55
N ILE C 88 20.83 15.52 -18.00
CA ILE C 88 20.87 16.89 -18.63
C ILE C 88 20.67 16.74 -20.14
N GLN C 89 19.74 17.49 -20.71
CA GLN C 89 19.48 17.47 -22.15
C GLN C 89 20.34 18.56 -22.82
N SER C 90 20.50 19.73 -22.20
CA SER C 90 21.29 20.85 -22.73
C SER C 90 21.61 21.82 -21.60
N GLY C 91 22.57 22.72 -21.84
CA GLY C 91 22.82 23.90 -21.01
C GLY C 91 24.28 24.30 -21.07
N ASP C 92 24.77 24.99 -20.05
CA ASP C 92 26.06 25.72 -20.10
C ASP C 92 26.45 26.08 -18.68
N ALA C 93 27.12 27.21 -18.46
CA ALA C 93 27.59 27.59 -17.11
C ALA C 93 26.40 28.23 -16.38
N THR C 94 25.40 28.76 -17.08
CA THR C 94 24.28 29.53 -16.46
C THR C 94 22.93 28.76 -16.49
N GLN C 95 22.59 28.10 -17.62
CA GLN C 95 21.26 27.51 -17.94
C GLN C 95 21.42 26.01 -18.06
N ALA C 96 20.38 25.24 -17.74
CA ALA C 96 20.35 23.79 -18.05
C ALA C 96 18.89 23.32 -18.13
N SER C 97 18.60 22.45 -19.08
CA SER C 97 17.36 21.69 -19.26
C SER C 97 17.64 20.26 -18.82
N ALA C 98 16.83 19.75 -17.89
CA ALA C 98 17.10 18.44 -17.28
C ALA C 98 15.83 17.78 -16.81
N SER C 99 15.91 16.46 -16.63
CA SER C 99 14.79 15.59 -16.21
C SER C 99 15.29 14.76 -15.03
N THR C 100 14.49 14.71 -13.96
CA THR C 100 14.82 14.02 -12.70
C THR C 100 13.65 13.12 -12.31
N PRO C 101 13.89 11.80 -12.15
CA PRO C 101 12.88 10.91 -11.63
C PRO C 101 12.56 11.23 -10.17
N PHE C 102 11.31 11.02 -9.76
CA PHE C 102 10.93 11.18 -8.34
C PHE C 102 9.90 10.15 -7.93
N MET C 103 9.85 9.91 -6.62
CA MET C 103 8.79 9.20 -5.93
C MET C 103 8.51 10.02 -4.68
N VAL C 104 7.26 10.13 -4.32
CA VAL C 104 6.79 10.80 -3.07
C VAL C 104 5.96 9.80 -2.29
N LEU C 105 6.42 9.47 -1.10
CA LEU C 105 5.61 8.81 -0.06
C LEU C 105 4.77 9.88 0.65
N ARG C 106 3.53 9.53 0.96
CA ARG C 106 2.72 10.30 1.93
C ARG C 106 2.58 9.49 3.19
N ILE C 107 2.91 10.11 4.32
CA ILE C 107 2.72 9.51 5.65
C ILE C 107 1.67 10.35 6.38
N MET C 108 0.50 9.78 6.61
CA MET C 108 -0.52 10.44 7.43
C MET C 108 -0.02 10.55 8.89
N HIS C 109 -0.48 11.56 9.63
CA HIS C 109 -0.26 11.69 11.11
C HIS C 109 -0.68 10.40 11.85
N THR C 110 -1.63 9.64 11.30
CA THR C 110 -2.13 8.37 11.87
C THR C 110 -1.24 7.17 11.49
N GLY C 111 -0.22 7.36 10.65
CA GLY C 111 0.83 6.31 10.52
C GLY C 111 0.90 5.62 9.16
N GLU C 112 -0.15 5.74 8.33
CA GLU C 112 -0.24 5.04 7.02
C GLU C 112 0.81 5.65 6.08
N THR C 113 1.61 4.81 5.44
CA THR C 113 2.60 5.24 4.40
C THR C 113 2.14 4.71 3.06
N GLU C 114 1.97 5.58 2.06
CA GLU C 114 1.57 5.14 0.69
C GLU C 114 2.52 5.78 -0.30
N VAL C 115 2.70 5.16 -1.45
CA VAL C 115 3.29 5.83 -2.64
C VAL C 115 2.22 6.79 -3.17
N PHE C 116 2.42 8.08 -3.01
CA PHE C 116 1.43 9.12 -3.32
C PHE C 116 1.56 9.60 -4.75
N ALA C 117 2.81 9.71 -5.23
CA ALA C 117 3.07 10.16 -6.62
C ALA C 117 4.44 9.64 -7.05
N SER C 118 4.61 9.49 -8.34
CA SER C 118 5.94 9.22 -8.94
C SER C 118 5.95 9.84 -10.32
N GLY C 119 7.15 10.07 -10.89
CA GLY C 119 7.21 10.65 -12.23
C GLY C 119 8.56 11.27 -12.49
N GLU C 120 8.57 12.38 -13.24
CA GLU C 120 9.83 13.09 -13.49
C GLU C 120 9.51 14.56 -13.44
N TYR C 121 10.46 15.30 -12.92
CA TYR C 121 10.53 16.76 -13.05
C TYR C 121 11.15 17.08 -14.41
N LEU C 122 10.49 17.88 -15.22
CA LEU C 122 11.06 18.44 -16.49
C LEU C 122 11.40 19.90 -16.17
N ASP C 123 12.68 20.19 -16.03
CA ASP C 123 13.18 21.43 -15.41
C ASP C 123 13.96 22.27 -16.43
N LYS C 124 13.86 23.58 -16.28
CA LYS C 124 14.79 24.58 -16.86
C LYS C 124 15.39 25.33 -15.70
N PHE C 125 16.70 25.29 -15.63
CA PHE C 125 17.52 25.95 -14.56
C PHE C 125 18.18 27.17 -15.17
N THR C 126 18.25 28.20 -14.37
CA THR C 126 19.10 29.39 -14.56
C THR C 126 19.94 29.59 -13.31
N THR C 127 20.87 30.54 -13.32
CA THR C 127 21.76 30.89 -12.19
C THR C 127 21.45 32.36 -11.87
N ILE C 128 21.09 32.64 -10.63
CA ILE C 128 20.86 34.00 -10.09
C ILE C 128 21.79 34.21 -8.91
N ASP C 129 22.69 35.20 -9.02
CA ASP C 129 23.64 35.53 -7.93
C ASP C 129 24.49 34.30 -7.62
N GLY C 130 24.93 33.53 -8.63
CA GLY C 130 25.74 32.29 -8.43
C GLY C 130 24.97 31.08 -7.90
N LYS C 131 23.63 31.09 -7.83
CA LYS C 131 22.91 29.92 -7.28
C LYS C 131 21.92 29.38 -8.32
N LEU C 132 21.77 28.05 -8.39
CA LEU C 132 20.78 27.42 -9.27
C LEU C 132 19.40 27.88 -8.88
N ARG C 133 18.57 28.15 -9.88
CA ARG C 133 17.17 28.51 -9.63
C ARG C 133 16.34 27.83 -10.71
N LEU C 134 15.11 27.42 -10.35
CA LEU C 134 14.16 26.91 -11.38
C LEU C 134 13.45 28.06 -12.12
N GLN C 135 13.71 28.15 -13.41
CA GLN C 135 12.89 28.96 -14.34
C GLN C 135 11.59 28.19 -14.59
N GLU C 136 11.66 26.86 -14.63
CA GLU C 136 10.49 26.02 -14.94
C GLU C 136 10.68 24.66 -14.29
N ARG C 137 9.60 24.17 -13.63
CA ARG C 137 9.53 22.77 -13.14
C ARG C 137 8.14 22.25 -13.44
N ILE C 138 8.07 21.25 -14.30
CA ILE C 138 6.82 20.53 -14.63
C ILE C 138 6.96 19.16 -13.98
N ALA C 139 6.16 18.89 -12.98
CA ALA C 139 6.15 17.59 -12.29
C ALA C 139 5.17 16.68 -13.03
N VAL C 140 5.68 15.82 -13.91
CA VAL C 140 4.85 14.95 -14.76
C VAL C 140 4.62 13.65 -13.97
N CYS C 141 3.43 13.45 -13.41
CA CYS C 141 3.08 12.27 -12.58
C CYS C 141 2.84 11.08 -13.49
N ASP C 142 3.35 9.93 -13.10
CA ASP C 142 3.10 8.65 -13.79
C ASP C 142 1.61 8.27 -13.77
N SER C 143 0.90 8.56 -12.67
CA SER C 143 -0.53 8.17 -12.49
C SER C 143 -1.41 9.41 -12.78
N THR C 144 -2.62 9.18 -13.29
CA THR C 144 -3.68 10.20 -13.41
C THR C 144 -4.45 10.33 -12.09
N VAL C 145 -4.13 9.51 -11.06
CA VAL C 145 -4.88 9.45 -9.79
C VAL C 145 -4.08 10.12 -8.67
N THR C 146 -4.75 11.02 -7.96
CA THR C 146 -4.32 11.61 -6.67
C THR C 146 -5.23 11.02 -5.61
N ASP C 147 -4.66 10.41 -4.60
CA ASP C 147 -5.41 9.86 -3.46
C ASP C 147 -5.88 11.01 -2.56
N THR C 148 -7.20 11.15 -2.41
CA THR C 148 -7.93 12.09 -1.53
C THR C 148 -7.79 13.53 -2.02
N LEU C 149 -6.61 14.13 -1.91
CA LEU C 149 -6.33 15.55 -2.30
C LEU C 149 -4.82 15.74 -2.36
N MET C 150 -4.36 16.86 -2.88
CA MET C 150 -2.94 17.24 -2.86
C MET C 150 -2.86 18.62 -2.24
N ALA C 151 -2.29 18.72 -1.04
CA ALA C 151 -2.19 19.99 -0.30
C ALA C 151 -0.80 20.56 -0.53
N LEU C 152 0.21 19.70 -0.38
CA LEU C 152 1.63 20.10 -0.51
C LEU C 152 2.02 19.95 -1.97
N PRO C 153 2.79 20.90 -2.52
CA PRO C 153 3.32 20.73 -3.86
C PRO C 153 4.44 19.66 -3.89
N LEU C 154 4.64 19.09 -5.07
CA LEU C 154 5.61 18.03 -5.34
C LEU C 154 6.95 18.65 -5.72
N GLU D 5 -22.12 -26.04 12.81
CA GLU D 5 -22.60 -25.39 11.57
C GLU D 5 -22.38 -23.86 11.69
N SER D 6 -22.69 -23.29 12.88
CA SER D 6 -22.17 -21.98 13.37
C SER D 6 -20.68 -22.18 13.68
N ILE D 7 -19.80 -21.24 13.33
CA ILE D 7 -18.35 -21.35 13.66
C ILE D 7 -18.04 -20.66 15.01
N ILE D 8 -19.04 -20.06 15.68
CA ILE D 8 -18.89 -19.35 16.99
C ILE D 8 -19.70 -20.08 18.07
N GLN D 9 -20.13 -21.31 17.80
CA GLN D 9 -20.87 -22.19 18.74
C GLN D 9 -19.91 -22.61 19.85
N TRP D 10 -20.18 -22.27 21.10
CA TRP D 10 -19.39 -22.76 22.27
C TRP D 10 -19.75 -24.23 22.54
N HIS D 11 -18.78 -25.07 22.90
CA HIS D 11 -18.99 -26.53 23.06
C HIS D 11 -19.40 -26.88 24.49
N GLY D 12 -19.37 -25.95 25.46
CA GLY D 12 -19.86 -26.21 26.84
C GLY D 12 -19.75 -24.99 27.76
N ALA D 13 -20.13 -25.15 29.02
CA ALA D 13 -20.22 -24.05 30.02
C ALA D 13 -18.81 -23.57 30.41
N THR D 14 -17.81 -24.44 30.31
CA THR D 14 -16.44 -24.12 30.75
C THR D 14 -15.73 -23.50 29.54
N ASN D 15 -14.51 -22.99 29.75
CA ASN D 15 -13.73 -22.28 28.70
C ASN D 15 -12.47 -23.06 28.37
N THR D 16 -12.52 -24.39 28.47
CA THR D 16 -11.38 -25.26 28.07
C THR D 16 -11.38 -25.46 26.55
N ARG D 17 -12.44 -25.03 25.86
CA ARG D 17 -12.55 -25.09 24.39
C ARG D 17 -13.03 -23.73 23.87
N VAL D 18 -12.34 -23.14 22.90
CA VAL D 18 -12.74 -21.82 22.31
C VAL D 18 -12.91 -22.03 20.82
N PRO D 19 -14.08 -21.67 20.24
CA PRO D 19 -14.31 -21.91 18.81
C PRO D 19 -13.44 -20.96 17.97
N PHE D 20 -12.67 -21.51 17.03
CA PHE D 20 -11.71 -20.68 16.25
C PHE D 20 -12.47 -19.65 15.41
N GLY D 21 -13.72 -19.92 15.08
CA GLY D 21 -14.58 -18.96 14.35
C GLY D 21 -14.68 -17.62 15.07
N ILE D 22 -14.48 -17.58 16.38
CA ILE D 22 -14.60 -16.35 17.20
C ILE D 22 -13.56 -15.31 16.72
N TYR D 23 -12.49 -15.75 16.05
CA TYR D 23 -11.43 -14.84 15.56
C TYR D 23 -11.67 -14.35 14.11
N THR D 24 -12.70 -14.85 13.42
CA THR D 24 -12.91 -14.51 11.98
C THR D 24 -14.35 -14.09 11.68
N ASP D 25 -15.31 -14.35 12.55
CA ASP D 25 -16.73 -14.05 12.24
C ASP D 25 -16.99 -12.53 12.39
N THR D 26 -17.38 -11.87 11.31
CA THR D 26 -17.48 -10.37 11.25
C THR D 26 -18.77 -9.91 11.95
N ALA D 27 -19.87 -10.67 11.86
CA ALA D 27 -21.11 -10.31 12.57
C ALA D 27 -20.78 -10.30 14.06
N ASN D 28 -20.04 -11.32 14.52
CA ASN D 28 -19.66 -11.41 15.97
C ASN D 28 -18.78 -10.21 16.33
N ALA D 29 -17.89 -9.78 15.44
CA ALA D 29 -17.00 -8.61 15.69
C ALA D 29 -17.87 -7.34 15.90
N ASP D 30 -18.93 -7.19 15.12
CA ASP D 30 -19.84 -6.03 15.28
C ASP D 30 -20.59 -6.14 16.62
N GLN D 31 -20.98 -7.35 17.06
CA GLN D 31 -21.57 -7.52 18.40
C GLN D 31 -20.52 -7.13 19.46
N GLU D 32 -19.22 -7.42 19.26
CA GLU D 32 -18.18 -7.00 20.26
C GLU D 32 -18.22 -5.48 20.40
N GLN D 33 -18.43 -4.75 19.30
CA GLN D 33 -18.48 -3.25 19.36
C GLN D 33 -19.70 -2.82 20.21
N GLN D 34 -20.85 -3.45 19.99
CA GLN D 34 -22.11 -3.07 20.71
C GLN D 34 -22.03 -3.56 22.15
N ARG D 35 -21.56 -4.77 22.41
CA ARG D 35 -21.76 -5.38 23.75
C ARG D 35 -20.50 -5.26 24.62
N ILE D 36 -19.32 -5.12 24.04
CA ILE D 36 -18.08 -4.95 24.85
C ILE D 36 -17.73 -3.46 24.81
N TYR D 37 -17.27 -2.94 23.69
CA TYR D 37 -16.61 -1.62 23.69
C TYR D 37 -17.62 -0.52 24.07
N ARG D 38 -18.86 -0.56 23.56
CA ARG D 38 -19.95 0.39 23.94
C ARG D 38 -20.84 -0.22 25.04
N GLY D 39 -20.39 -1.27 25.71
CA GLY D 39 -21.13 -1.93 26.80
C GLY D 39 -20.57 -1.61 28.17
N GLU D 40 -20.71 -2.56 29.08
CA GLU D 40 -20.42 -2.37 30.53
CA GLU D 40 -20.41 -2.33 30.52
C GLU D 40 -18.93 -2.58 30.77
N VAL D 41 -18.07 -1.77 30.13
CA VAL D 41 -16.60 -1.87 30.35
C VAL D 41 -16.05 -0.45 30.55
N TRP D 42 -14.81 -0.39 31.00
CA TRP D 42 -13.97 0.83 31.01
C TRP D 42 -12.85 0.67 29.95
N ASN D 43 -12.79 1.64 29.04
CA ASN D 43 -11.88 1.70 27.88
C ASN D 43 -10.73 2.64 28.24
N TYR D 44 -9.48 2.20 28.12
CA TYR D 44 -8.35 3.10 28.45
C TYR D 44 -8.19 4.16 27.36
N LEU D 45 -8.11 5.42 27.77
CA LEU D 45 -8.03 6.58 26.86
C LEU D 45 -6.59 7.15 26.84
N CYS D 46 -6.05 7.56 27.99
CA CYS D 46 -4.72 8.20 28.08
C CYS D 46 -4.35 8.40 29.55
N LEU D 47 -3.19 8.97 29.82
CA LEU D 47 -2.80 9.42 31.20
C LEU D 47 -3.22 10.86 31.38
N GLU D 48 -3.59 11.20 32.62
CA GLU D 48 -3.99 12.59 32.94
C GLU D 48 -2.80 13.51 32.65
N SER D 49 -1.58 13.06 32.91
CA SER D 49 -0.36 13.89 32.73
C SER D 49 -0.10 14.16 31.24
N GLU D 50 -0.79 13.47 30.33
CA GLU D 50 -0.67 13.73 28.88
C GLU D 50 -1.54 14.93 28.51
N ILE D 51 -2.55 15.27 29.32
CA ILE D 51 -3.42 16.44 29.08
C ILE D 51 -3.43 17.27 30.38
N PRO D 52 -2.28 17.81 30.81
CA PRO D 52 -2.15 18.42 32.13
C PRO D 52 -2.90 19.76 32.25
N GLY D 53 -2.99 20.53 31.17
CA GLY D 53 -3.52 21.90 31.22
C GLY D 53 -4.94 22.00 30.66
N ALA D 54 -5.67 23.05 31.08
CA ALA D 54 -7.02 23.38 30.59
C ALA D 54 -6.97 23.46 29.07
N GLY D 55 -7.87 22.77 28.37
CA GLY D 55 -7.95 22.82 26.90
C GLY D 55 -7.13 21.71 26.23
N ASP D 56 -6.20 21.06 26.95
CA ASP D 56 -5.36 19.99 26.36
C ASP D 56 -6.28 18.81 26.04
N PHE D 57 -6.18 18.28 24.82
CA PHE D 57 -6.99 17.13 24.37
C PHE D 57 -6.09 16.17 23.59
N ARG D 58 -6.55 14.94 23.51
CA ARG D 58 -6.05 13.90 22.60
C ARG D 58 -7.26 13.27 21.94
N THR D 59 -7.07 12.68 20.76
CA THR D 59 -8.10 11.82 20.12
C THR D 59 -7.63 10.37 20.24
N THR D 60 -8.55 9.43 20.33
CA THR D 60 -8.24 7.99 20.46
C THR D 60 -9.49 7.24 20.06
N PHE D 61 -9.61 5.99 20.50
CA PHE D 61 -10.73 5.13 20.14
C PHE D 61 -11.19 4.38 21.38
N ALA D 62 -12.47 4.07 21.40
CA ALA D 62 -13.05 3.05 22.26
C ALA D 62 -13.59 2.00 21.31
N GLY D 63 -12.90 0.87 21.21
CA GLY D 63 -13.13 -0.06 20.10
C GLY D 63 -12.98 0.68 18.78
N GLU D 64 -13.99 0.60 17.90
CA GLU D 64 -13.97 1.21 16.55
C GLU D 64 -14.35 2.70 16.67
N THR D 65 -14.85 3.16 17.82
CA THR D 65 -15.52 4.50 17.93
C THR D 65 -14.48 5.55 18.28
N PRO D 66 -14.28 6.58 17.44
CA PRO D 66 -13.29 7.63 17.74
C PRO D 66 -13.80 8.49 18.91
N ILE D 67 -12.87 8.92 19.76
CA ILE D 67 -13.13 9.62 21.05
C ILE D 67 -12.28 10.88 21.10
N VAL D 68 -12.81 11.93 21.71
CA VAL D 68 -12.01 13.09 22.18
C VAL D 68 -11.95 12.99 23.70
N VAL D 69 -10.77 13.20 24.28
CA VAL D 69 -10.57 13.28 25.75
C VAL D 69 -9.85 14.61 26.04
N VAL D 70 -10.37 15.40 26.98
CA VAL D 70 -9.97 16.83 27.15
C VAL D 70 -10.06 17.28 28.62
N ARG D 71 -9.08 18.07 29.04
CA ARG D 71 -9.03 18.75 30.36
C ARG D 71 -9.82 20.06 30.27
N ASP D 72 -10.69 20.32 31.23
CA ASP D 72 -11.39 21.63 31.30
C ASP D 72 -10.78 22.52 32.41
N ALA D 73 -11.27 23.76 32.55
CA ALA D 73 -10.74 24.80 33.46
C ALA D 73 -10.94 24.36 34.93
N ASP D 74 -11.92 23.52 35.21
CA ASP D 74 -12.20 22.94 36.56
C ASP D 74 -11.16 21.86 36.89
N GLN D 75 -10.19 21.56 35.99
CA GLN D 75 -9.15 20.50 36.16
C GLN D 75 -9.76 19.10 36.08
N GLU D 76 -11.03 18.95 35.72
CA GLU D 76 -11.63 17.63 35.46
C GLU D 76 -11.37 17.25 33.98
N ILE D 77 -11.49 15.96 33.70
CA ILE D 77 -11.27 15.42 32.34
C ILE D 77 -12.62 14.92 31.82
N TYR D 78 -12.96 15.26 30.59
CA TYR D 78 -14.20 14.86 29.90
C TYR D 78 -13.82 14.06 28.65
N ALA D 79 -14.76 13.29 28.15
CA ALA D 79 -14.57 12.49 26.91
C ALA D 79 -15.91 12.38 26.21
N PHE D 80 -15.88 12.49 24.89
CA PHE D 80 -17.08 12.31 24.06
C PHE D 80 -16.68 11.69 22.71
N GLU D 81 -17.64 11.10 22.05
CA GLU D 81 -17.56 10.55 20.70
C GLU D 81 -17.16 11.65 19.73
N ASN D 82 -16.14 11.38 18.92
CA ASN D 82 -15.62 12.34 17.94
C ASN D 82 -16.48 12.32 16.67
N ARG D 83 -17.76 12.69 16.81
CA ARG D 83 -18.77 12.57 15.73
C ARG D 83 -19.67 13.78 15.84
N CYS D 84 -19.63 14.64 14.83
CA CYS D 84 -20.47 15.83 14.76
C CYS D 84 -21.94 15.40 14.66
N ALA D 85 -22.82 16.08 15.41
CA ALA D 85 -24.26 15.71 15.53
C ALA D 85 -25.03 16.17 14.30
N HIS D 86 -24.38 16.85 13.36
CA HIS D 86 -25.00 17.28 12.08
C HIS D 86 -25.02 16.08 11.12
N ARG D 87 -23.95 15.88 10.34
CA ARG D 87 -23.87 14.82 9.29
C ARG D 87 -22.77 13.79 9.63
N GLY D 88 -22.22 13.81 10.84
CA GLY D 88 -21.33 12.75 11.34
C GLY D 88 -19.82 12.90 11.11
N ALA D 89 -19.32 14.02 10.63
CA ALA D 89 -17.86 14.22 10.48
C ALA D 89 -17.14 14.13 11.83
N LEU D 90 -15.91 13.63 11.80
CA LEU D 90 -14.93 13.84 12.88
C LEU D 90 -14.97 15.33 13.22
N ILE D 91 -15.00 15.63 14.51
CA ILE D 91 -14.96 17.03 15.03
C ILE D 91 -13.50 17.45 15.20
N ALA D 92 -12.72 16.70 15.95
CA ALA D 92 -11.28 17.03 16.18
C ALA D 92 -10.46 16.19 15.19
N LEU D 93 -9.65 16.83 14.37
CA LEU D 93 -8.85 16.16 13.30
C LEU D 93 -7.42 15.85 13.75
N GLU D 94 -6.96 16.45 14.84
CA GLU D 94 -5.56 16.37 15.33
C GLU D 94 -5.48 15.28 16.41
N LYS D 95 -4.33 14.61 16.48
CA LYS D 95 -4.03 13.57 17.49
C LYS D 95 -4.06 14.22 18.87
N SER D 96 -3.65 15.46 18.97
CA SER D 96 -3.53 16.21 20.23
C SER D 96 -3.47 17.70 19.93
N GLY D 97 -3.75 18.51 20.94
CA GLY D 97 -3.71 19.98 20.82
C GLY D 97 -4.19 20.62 22.09
N ARG D 98 -4.50 21.89 21.99
CA ARG D 98 -5.08 22.67 23.10
C ARG D 98 -6.14 23.57 22.48
N THR D 99 -7.34 23.62 23.03
CA THR D 99 -8.39 24.45 22.42
C THR D 99 -9.36 24.95 23.50
N ASP D 100 -10.03 26.06 23.21
CA ASP D 100 -11.17 26.61 24.01
C ASP D 100 -12.41 25.80 23.69
N SER D 101 -12.72 25.65 22.40
CA SER D 101 -13.84 24.81 21.96
C SER D 101 -13.51 24.04 20.67
N PHE D 102 -14.32 23.06 20.34
CA PHE D 102 -14.14 22.16 19.18
C PHE D 102 -15.07 22.69 18.11
N GLN D 103 -14.59 22.74 16.90
CA GLN D 103 -15.45 23.20 15.80
C GLN D 103 -15.36 22.17 14.67
N CYS D 104 -16.48 21.67 14.21
CA CYS D 104 -16.53 20.81 13.03
C CYS D 104 -16.19 21.66 11.79
N VAL D 105 -15.22 21.22 10.97
CA VAL D 105 -14.76 21.98 9.79
C VAL D 105 -15.84 22.03 8.70
N TYR D 106 -16.81 21.10 8.69
CA TYR D 106 -17.69 20.93 7.50
C TYR D 106 -18.70 22.08 7.42
N HIS D 107 -19.48 22.32 8.48
CA HIS D 107 -20.47 23.45 8.52
C HIS D 107 -20.36 24.23 9.83
N ALA D 108 -19.18 24.23 10.44
CA ALA D 108 -18.81 25.13 11.56
C ALA D 108 -19.77 24.99 12.73
N TRP D 109 -20.25 23.79 13.07
CA TRP D 109 -20.94 23.58 14.36
C TRP D 109 -19.86 23.58 15.46
N SER D 110 -20.15 24.22 16.60
CA SER D 110 -19.24 24.39 17.75
C SER D 110 -19.67 23.48 18.91
N TYR D 111 -18.70 22.90 19.62
CA TYR D 111 -18.91 22.04 20.80
C TYR D 111 -18.04 22.57 21.94
N ASN D 112 -18.52 22.50 23.18
CA ASN D 112 -17.66 22.84 24.35
C ASN D 112 -16.84 21.60 24.72
N ARG D 113 -16.04 21.69 25.77
CA ARG D 113 -15.12 20.59 26.16
C ARG D 113 -15.89 19.40 26.74
N GLN D 114 -17.19 19.54 26.98
CA GLN D 114 -18.01 18.37 27.44
C GLN D 114 -18.60 17.68 26.20
N GLY D 115 -18.56 18.29 25.02
CA GLY D 115 -19.22 17.72 23.83
C GLY D 115 -20.64 18.24 23.60
N ASP D 116 -21.07 19.29 24.33
CA ASP D 116 -22.40 19.92 24.11
C ASP D 116 -22.28 20.79 22.86
N LEU D 117 -23.32 20.76 22.03
CA LEU D 117 -23.44 21.64 20.85
C LEU D 117 -23.72 23.06 21.34
N THR D 118 -22.81 24.00 21.12
CA THR D 118 -22.93 25.41 21.56
C THR D 118 -23.27 26.34 20.41
N GLY D 119 -23.10 25.93 19.16
CA GLY D 119 -23.25 26.88 18.03
C GLY D 119 -23.52 26.13 16.74
N VAL D 120 -24.47 26.63 15.94
CA VAL D 120 -24.85 26.07 14.63
C VAL D 120 -24.75 27.21 13.62
N ALA D 121 -23.88 27.12 12.62
CA ALA D 121 -23.70 28.16 11.60
C ALA D 121 -25.02 28.45 10.90
N PHE D 122 -25.42 29.71 10.87
CA PHE D 122 -26.60 30.21 10.12
C PHE D 122 -27.85 29.54 10.67
N GLU D 123 -27.86 29.21 11.96
CA GLU D 123 -29.03 28.57 12.62
C GLU D 123 -30.29 29.38 12.31
N LYS D 124 -30.18 30.72 12.29
CA LYS D 124 -31.36 31.62 12.18
C LYS D 124 -31.45 32.13 10.75
N GLY D 125 -30.76 31.47 9.82
CA GLY D 125 -30.79 31.83 8.39
C GLY D 125 -29.80 32.92 8.08
N VAL D 126 -29.83 33.39 6.84
CA VAL D 126 -28.99 34.50 6.33
C VAL D 126 -29.95 35.47 5.65
N LYS D 127 -29.98 36.71 6.13
CA LYS D 127 -30.86 37.79 5.63
C LYS D 127 -32.31 37.28 5.63
N GLY D 128 -32.72 36.62 6.71
CA GLY D 128 -34.12 36.17 6.92
C GLY D 128 -34.53 34.91 6.16
N GLN D 129 -33.64 34.26 5.40
CA GLN D 129 -34.02 33.07 4.58
C GLN D 129 -33.20 31.85 4.99
N GLY D 130 -33.79 30.65 4.86
CA GLY D 130 -33.19 29.38 5.29
C GLY D 130 -33.03 29.30 6.80
N GLY D 131 -32.04 28.54 7.28
CA GLY D 131 -31.87 28.32 8.72
C GLY D 131 -32.73 27.17 9.19
N MET D 132 -32.61 26.84 10.47
CA MET D 132 -33.31 25.72 11.11
C MET D 132 -34.76 26.11 11.34
N PRO D 133 -35.69 25.13 11.37
CA PRO D 133 -37.05 25.38 11.84
C PRO D 133 -37.06 25.78 13.33
N ALA D 134 -38.13 26.47 13.74
CA ALA D 134 -38.39 26.91 15.13
C ALA D 134 -38.23 25.70 16.07
N SER D 135 -38.72 24.53 15.65
CA SER D 135 -38.67 23.25 16.41
C SER D 135 -37.24 22.77 16.70
N PHE D 136 -36.21 23.31 16.04
CA PHE D 136 -34.82 22.78 16.15
C PHE D 136 -34.23 23.32 17.44
N CYS D 137 -33.70 22.42 18.26
CA CYS D 137 -33.14 22.79 19.57
C CYS D 137 -31.75 22.16 19.72
N LYS D 138 -30.71 22.99 19.83
CA LYS D 138 -29.28 22.57 19.90
C LYS D 138 -29.08 21.53 21.01
N GLU D 139 -29.77 21.72 22.13
CA GLU D 139 -29.62 20.94 23.38
C GLU D 139 -30.07 19.50 23.09
N GLU D 140 -30.80 19.24 22.02
CA GLU D 140 -31.30 17.88 21.69
C GLU D 140 -30.29 17.14 20.79
N HIS D 141 -29.20 17.79 20.38
CA HIS D 141 -28.24 17.20 19.41
C HIS D 141 -26.83 17.26 20.03
N GLY D 142 -26.11 16.14 19.96
CA GLY D 142 -24.71 16.11 20.39
C GLY D 142 -24.14 14.71 20.26
N PRO D 143 -22.81 14.55 20.19
CA PRO D 143 -22.20 13.23 20.22
C PRO D 143 -22.53 12.55 21.56
N ARG D 144 -22.41 11.23 21.62
CA ARG D 144 -22.53 10.51 22.91
C ARG D 144 -21.38 10.97 23.81
N LYS D 145 -21.70 11.30 25.05
CA LYS D 145 -20.70 11.58 26.10
C LYS D 145 -20.30 10.29 26.78
N LEU D 146 -19.05 10.21 27.23
CA LEU D 146 -18.57 9.06 28.03
C LEU D 146 -18.55 9.47 29.48
N ARG D 147 -18.85 8.51 30.34
CA ARG D 147 -18.43 8.56 31.76
C ARG D 147 -16.91 8.44 31.76
N VAL D 148 -16.25 9.27 32.54
CA VAL D 148 -14.78 9.27 32.72
C VAL D 148 -14.47 8.88 34.16
N ALA D 149 -13.53 7.98 34.31
CA ALA D 149 -12.91 7.61 35.60
C ALA D 149 -11.41 7.82 35.48
N VAL D 150 -10.77 8.38 36.51
CA VAL D 150 -9.30 8.51 36.61
C VAL D 150 -8.85 7.66 37.80
N PHE D 151 -7.97 6.67 37.58
CA PHE D 151 -7.39 5.85 38.67
C PHE D 151 -5.87 5.85 38.55
N CYS D 152 -5.17 6.40 39.54
CA CYS D 152 -3.69 6.57 39.58
C CYS D 152 -3.23 7.22 38.28
N GLY D 153 -3.95 8.23 37.79
CA GLY D 153 -3.60 8.97 36.57
C GLY D 153 -4.12 8.30 35.28
N LEU D 154 -4.64 7.06 35.37
CA LEU D 154 -5.18 6.35 34.17
C LEU D 154 -6.59 6.87 33.87
N VAL D 155 -6.80 7.39 32.68
CA VAL D 155 -8.13 7.95 32.25
C VAL D 155 -8.85 6.87 31.47
N PHE D 156 -9.97 6.42 32.00
CA PHE D 156 -10.85 5.41 31.36
C PHE D 156 -12.16 6.11 30.99
N GLY D 157 -12.82 5.59 29.96
CA GLY D 157 -14.13 6.05 29.50
C GLY D 157 -15.08 4.91 29.27
N SER D 158 -16.36 5.15 29.55
CA SER D 158 -17.45 4.15 29.35
C SER D 158 -18.62 4.86 28.67
N PHE D 159 -19.25 4.16 27.73
CA PHE D 159 -20.56 4.55 27.18
C PHE D 159 -21.69 4.21 28.18
N SER D 160 -21.46 3.34 29.17
CA SER D 160 -22.56 2.70 29.95
C SER D 160 -22.83 3.49 31.24
N GLU D 161 -24.09 3.83 31.47
CA GLU D 161 -24.56 4.49 32.71
C GLU D 161 -24.50 3.46 33.85
N ASP D 162 -24.50 2.17 33.56
CA ASP D 162 -24.67 1.10 34.58
C ASP D 162 -23.35 0.46 35.00
N VAL D 163 -22.26 0.70 34.28
CA VAL D 163 -20.99 0.02 34.61
C VAL D 163 -20.63 0.43 36.03
N PRO D 164 -20.11 -0.46 36.89
CA PRO D 164 -19.66 -0.03 38.21
C PRO D 164 -18.55 1.03 38.14
N SER D 165 -18.31 1.73 39.25
CA SER D 165 -17.17 2.66 39.47
C SER D 165 -15.89 1.96 38.98
N ILE D 166 -14.89 2.71 38.57
CA ILE D 166 -13.60 2.09 38.15
C ILE D 166 -13.03 1.22 39.28
N GLU D 167 -13.15 1.63 40.56
CA GLU D 167 -12.57 0.86 41.70
C GLU D 167 -13.26 -0.50 41.79
N ASP D 168 -14.58 -0.51 41.66
CA ASP D 168 -15.36 -1.76 41.78
C ASP D 168 -15.14 -2.60 40.53
N TYR D 169 -15.02 -1.98 39.35
CA TYR D 169 -14.81 -2.74 38.09
C TYR D 169 -13.48 -3.50 38.16
N LEU D 170 -12.44 -2.80 38.61
CA LEU D 170 -11.09 -3.41 38.67
C LEU D 170 -11.04 -4.47 39.79
N GLY D 171 -11.68 -4.16 40.92
CA GLY D 171 -11.58 -4.95 42.15
C GLY D 171 -10.34 -4.58 42.93
N PRO D 172 -10.37 -4.86 44.25
CA PRO D 172 -9.35 -4.36 45.16
C PRO D 172 -7.94 -4.88 44.85
N GLU D 173 -7.80 -6.09 44.35
CA GLU D 173 -6.43 -6.61 44.10
C GLU D 173 -5.81 -5.90 42.88
N ILE D 174 -6.55 -5.75 41.79
CA ILE D 174 -6.05 -4.98 40.61
C ILE D 174 -5.76 -3.53 41.05
N CYS D 175 -6.63 -2.90 41.82
CA CYS D 175 -6.41 -1.53 42.33
C CYS D 175 -5.06 -1.40 43.03
N GLU D 176 -4.78 -2.28 43.97
CA GLU D 176 -3.51 -2.25 44.74
C GLU D 176 -2.32 -2.52 43.80
N ARG D 177 -2.48 -3.43 42.85
CA ARG D 177 -1.36 -3.79 41.92
C ARG D 177 -1.09 -2.64 40.94
N ILE D 178 -2.09 -1.86 40.56
CA ILE D 178 -1.84 -0.63 39.76
C ILE D 178 -1.14 0.41 40.64
N GLU D 179 -1.62 0.65 41.86
CA GLU D 179 -1.09 1.68 42.80
C GLU D 179 0.38 1.37 43.08
N ARG D 180 0.72 0.10 43.19
CA ARG D 180 2.09 -0.40 43.43
C ARG D 180 3.04 0.19 42.36
N VAL D 181 2.63 0.22 41.10
CA VAL D 181 3.54 0.75 40.05
C VAL D 181 3.33 2.26 39.89
N LEU D 182 2.10 2.74 39.85
CA LEU D 182 1.80 4.17 39.61
C LEU D 182 1.66 4.89 40.98
N HIS D 183 2.65 4.74 41.86
CA HIS D 183 2.65 5.24 43.26
C HIS D 183 3.16 6.70 43.31
N LYS D 184 3.77 7.23 42.24
CA LYS D 184 4.41 8.56 42.17
C LYS D 184 4.20 9.10 40.75
N PRO D 185 4.43 10.42 40.54
CA PRO D 185 4.26 11.03 39.22
C PRO D 185 5.15 10.33 38.15
N VAL D 186 4.57 10.07 36.99
CA VAL D 186 5.23 9.38 35.83
C VAL D 186 5.44 10.41 34.74
N GLU D 187 6.34 10.13 33.80
CA GLU D 187 6.63 11.04 32.66
C GLU D 187 6.63 10.13 31.43
N VAL D 188 5.97 10.56 30.35
CA VAL D 188 6.05 9.82 29.07
C VAL D 188 7.48 10.00 28.54
N ILE D 189 8.17 8.90 28.24
CA ILE D 189 9.52 8.97 27.63
C ILE D 189 9.49 8.49 26.16
N GLY D 190 8.34 8.08 25.64
CA GLY D 190 8.26 7.67 24.24
C GLY D 190 6.92 7.04 23.91
N ARG D 191 6.46 7.24 22.66
CA ARG D 191 5.27 6.54 22.15
C ARG D 191 5.63 5.78 20.90
N PHE D 192 5.19 4.52 20.80
CA PHE D 192 5.34 3.70 19.57
C PHE D 192 4.08 2.87 19.38
N THR D 193 3.65 2.77 18.13
CA THR D 193 2.52 1.89 17.72
C THR D 193 3.04 0.64 17.00
N GLN D 194 2.51 -0.50 17.36
CA GLN D 194 2.75 -1.82 16.72
C GLN D 194 1.45 -2.23 16.06
N LYS D 195 1.41 -2.35 14.74
CA LYS D 195 0.23 -2.90 14.05
C LYS D 195 0.30 -4.42 14.01
N LEU D 196 -0.65 -5.08 14.65
CA LEU D 196 -0.61 -6.55 14.84
C LEU D 196 -1.48 -7.19 13.77
N PRO D 197 -0.95 -8.19 13.04
CA PRO D 197 -1.70 -8.86 11.95
C PRO D 197 -2.59 -9.98 12.57
N ASN D 198 -3.43 -9.63 13.54
CA ASN D 198 -4.30 -10.63 14.22
C ASN D 198 -5.49 -9.91 14.82
N ASN D 199 -6.58 -10.66 14.94
CA ASN D 199 -7.74 -10.31 15.77
C ASN D 199 -7.23 -9.82 17.14
N TRP D 200 -7.82 -8.76 17.66
CA TRP D 200 -7.43 -8.19 18.97
C TRP D 200 -7.34 -9.29 20.05
N LYS D 201 -8.26 -10.24 20.03
CA LYS D 201 -8.40 -11.17 21.17
C LYS D 201 -7.16 -12.04 21.28
N LEU D 202 -6.52 -12.36 20.17
CA LEU D 202 -5.29 -13.19 20.22
C LEU D 202 -4.16 -12.46 20.97
N TYR D 203 -4.07 -11.13 20.87
CA TYR D 203 -3.03 -10.38 21.60
C TYR D 203 -3.43 -10.32 23.08
N PHE D 204 -4.70 -10.03 23.37
CA PHE D 204 -5.14 -9.93 24.80
C PHE D 204 -5.00 -11.28 25.51
N GLU D 205 -5.30 -12.38 24.82
CA GLU D 205 -5.06 -13.73 25.39
C GLU D 205 -3.57 -13.88 25.65
N ASN D 206 -2.74 -13.46 24.67
CA ASN D 206 -1.26 -13.58 24.79
C ASN D 206 -0.76 -12.86 26.07
N VAL D 207 -1.25 -11.65 26.35
CA VAL D 207 -0.83 -10.87 27.55
C VAL D 207 -1.15 -11.68 28.82
N LYS D 208 -2.27 -12.39 28.81
CA LYS D 208 -2.79 -13.19 29.96
C LYS D 208 -2.13 -14.57 30.00
N ASP D 209 -1.28 -14.90 29.04
CA ASP D 209 -0.84 -16.30 28.87
C ASP D 209 0.44 -16.50 29.67
N SER D 210 0.33 -16.84 30.96
CA SER D 210 1.50 -17.05 31.87
C SER D 210 2.26 -18.26 31.36
N TYR D 211 1.55 -19.25 30.80
CA TYR D 211 2.16 -20.50 30.24
C TYR D 211 3.24 -20.14 29.22
N HIS D 212 2.93 -19.28 28.26
CA HIS D 212 3.87 -19.02 27.13
C HIS D 212 5.11 -18.24 27.57
N ALA D 213 5.08 -17.40 28.61
CA ALA D 213 6.13 -16.37 28.84
C ALA D 213 7.56 -16.93 28.77
N SER D 214 7.82 -18.07 29.40
CA SER D 214 9.16 -18.71 29.49
C SER D 214 9.45 -19.59 28.28
N LEU D 215 8.45 -19.87 27.42
CA LEU D 215 8.53 -20.87 26.32
C LEU D 215 8.72 -20.19 24.95
N LEU D 216 7.88 -19.20 24.63
CA LEU D 216 8.06 -18.32 23.44
C LEU D 216 9.36 -17.49 23.58
N HIS D 217 9.64 -16.91 24.75
CA HIS D 217 10.77 -15.94 24.92
C HIS D 217 12.01 -16.57 25.60
N MET D 218 13.01 -16.99 24.77
CA MET D 218 14.35 -17.43 25.23
C MET D 218 14.93 -16.43 26.25
N PHE D 219 14.78 -15.12 26.04
CA PHE D 219 15.34 -14.11 26.98
C PHE D 219 14.83 -14.36 28.42
N PHE D 220 13.52 -14.58 28.62
CA PHE D 220 12.91 -14.80 29.98
C PHE D 220 13.48 -16.05 30.69
N THR D 221 13.92 -17.08 29.95
CA THR D 221 14.44 -18.40 30.43
C THR D 221 15.99 -18.38 30.48
N THR D 222 16.70 -18.15 29.33
CA THR D 222 18.19 -18.04 29.23
C THR D 222 18.76 -17.17 30.36
N PHE D 223 18.21 -15.97 30.60
CA PHE D 223 18.74 -14.98 31.58
C PHE D 223 17.88 -14.99 32.88
N GLU D 224 17.18 -16.11 33.14
CA GLU D 224 16.50 -16.44 34.42
C GLU D 224 15.75 -15.19 34.96
N LEU D 225 14.96 -14.50 34.09
CA LEU D 225 14.09 -13.32 34.42
C LEU D 225 12.67 -13.73 34.84
N ASN D 226 12.13 -14.84 34.32
CA ASN D 226 10.68 -15.16 34.30
C ASN D 226 10.40 -16.65 34.01
N ARG D 227 11.14 -17.53 34.69
CA ARG D 227 11.03 -19.01 34.68
C ARG D 227 9.76 -19.41 35.50
N LEU D 228 9.10 -20.53 35.13
CA LEU D 228 7.91 -21.07 35.85
C LEU D 228 8.29 -21.55 37.25
N SER D 229 9.56 -21.94 37.47
CA SER D 229 10.16 -22.46 38.73
C SER D 229 10.46 -21.34 39.76
N GLN D 230 10.58 -20.07 39.34
CA GLN D 230 10.67 -18.89 40.23
C GLN D 230 9.35 -18.68 40.98
N LYS D 231 9.42 -18.13 42.20
CA LYS D 231 8.22 -17.72 42.96
C LYS D 231 7.46 -16.69 42.12
N GLY D 232 6.15 -16.67 42.28
CA GLY D 232 5.25 -15.85 41.48
C GLY D 232 3.83 -16.39 41.58
N GLY D 233 2.96 -15.95 40.68
CA GLY D 233 1.55 -16.30 40.74
C GLY D 233 0.83 -15.70 39.57
N VAL D 234 -0.41 -16.15 39.43
CA VAL D 234 -1.43 -15.52 38.55
C VAL D 234 -2.58 -15.10 39.44
N ILE D 235 -3.01 -13.88 39.30
CA ILE D 235 -4.24 -13.35 39.93
C ILE D 235 -5.27 -13.13 38.84
N VAL D 236 -6.51 -13.55 39.07
CA VAL D 236 -7.66 -13.27 38.18
C VAL D 236 -8.70 -12.60 39.06
N ASP D 237 -9.31 -11.49 38.63
CA ASP D 237 -10.34 -10.79 39.45
C ASP D 237 -11.58 -11.70 39.45
N GLU D 238 -12.68 -11.26 40.06
CA GLU D 238 -13.91 -12.09 40.18
C GLU D 238 -14.58 -12.25 38.80
N SER D 239 -14.57 -11.22 37.94
CA SER D 239 -15.25 -11.29 36.61
C SER D 239 -14.48 -12.21 35.65
N GLY D 240 -13.18 -12.45 35.88
CA GLY D 240 -12.33 -13.14 34.89
C GLY D 240 -11.63 -12.17 33.91
N GLY D 241 -12.12 -10.96 33.78
CA GLY D 241 -11.66 -9.99 32.76
C GLY D 241 -10.24 -9.46 32.97
N HIS D 242 -9.78 -9.43 34.22
CA HIS D 242 -8.52 -8.73 34.62
C HIS D 242 -7.56 -9.73 35.20
N HIS D 243 -6.27 -9.57 34.95
CA HIS D 243 -5.28 -10.50 35.55
C HIS D 243 -4.06 -9.71 36.00
N VAL D 244 -3.28 -10.41 36.81
CA VAL D 244 -1.86 -10.07 37.08
C VAL D 244 -1.08 -11.37 36.94
N SER D 245 0.05 -11.28 36.28
CA SER D 245 1.08 -12.34 36.33
C SER D 245 2.30 -11.70 36.94
N TYR D 246 2.90 -12.33 37.96
CA TYR D 246 4.05 -11.71 38.67
C TYR D 246 5.09 -12.78 39.00
N SER D 247 6.32 -12.31 39.21
CA SER D 247 7.53 -13.15 39.25
C SER D 247 8.55 -12.45 40.13
N MET D 248 9.35 -13.23 40.88
CA MET D 248 10.55 -12.76 41.68
C MET D 248 11.81 -13.53 41.27
N ILE D 249 12.98 -12.90 41.32
CA ILE D 249 14.29 -13.53 40.97
C ILE D 249 14.94 -13.99 42.29
N TYR D 270 24.45 -18.85 24.55
CA TYR D 270 24.06 -17.42 24.33
C TYR D 270 24.52 -16.54 25.52
N ARG D 271 25.39 -15.53 25.27
CA ARG D 271 25.96 -14.51 26.23
C ARG D 271 25.84 -13.04 25.70
N LEU D 272 26.26 -12.02 26.49
CA LEU D 272 26.12 -10.55 26.22
C LEU D 272 27.46 -9.85 26.43
N LYS D 273 28.00 -9.14 25.42
CA LYS D 273 29.23 -8.31 25.59
C LYS D 273 28.92 -7.09 26.46
N ASP D 274 27.67 -6.66 26.53
CA ASP D 274 27.28 -5.49 27.35
C ASP D 274 26.14 -5.94 28.24
N PRO D 275 26.48 -6.49 29.43
CA PRO D 275 25.46 -6.91 30.38
C PRO D 275 24.64 -5.74 30.93
N SER D 276 25.02 -4.47 30.68
CA SER D 276 24.27 -3.28 31.17
C SER D 276 22.81 -3.32 30.66
N LEU D 277 22.53 -4.01 29.55
CA LEU D 277 21.14 -4.25 29.06
C LEU D 277 20.22 -4.66 30.22
N LEU D 278 20.70 -5.53 31.12
CA LEU D 278 19.87 -6.18 32.18
C LEU D 278 20.30 -5.70 33.58
N GLU D 279 21.28 -4.82 33.69
CA GLU D 279 21.61 -4.15 34.98
C GLU D 279 20.47 -3.22 35.34
N GLY D 280 20.06 -3.28 36.60
CA GLY D 280 18.86 -2.61 37.15
C GLY D 280 19.15 -2.02 38.51
N PHE D 281 18.12 -1.54 39.15
CA PHE D 281 18.23 -0.96 40.52
C PHE D 281 16.96 -1.37 41.24
N GLU D 282 16.99 -1.52 42.56
CA GLU D 282 15.78 -1.92 43.34
C GLU D 282 14.91 -0.67 43.49
N GLU D 283 13.60 -0.81 43.30
CA GLU D 283 12.71 0.37 43.53
C GLU D 283 11.31 -0.10 43.97
N PHE D 284 11.04 -1.41 44.05
CA PHE D 284 9.73 -1.87 44.61
C PHE D 284 9.96 -2.59 45.94
N GLU D 285 9.06 -2.34 46.89
CA GLU D 285 9.17 -2.80 48.30
C GLU D 285 9.15 -4.34 48.28
N ASP D 286 8.18 -4.95 47.58
CA ASP D 286 8.13 -6.44 47.48
C ASP D 286 9.36 -6.87 46.66
N GLY D 287 9.61 -8.14 46.40
CA GLY D 287 10.83 -8.40 45.58
C GLY D 287 10.52 -8.50 44.09
N VAL D 288 9.38 -7.97 43.64
CA VAL D 288 8.72 -8.45 42.41
C VAL D 288 9.41 -7.76 41.24
N THR D 289 10.08 -8.56 40.40
CA THR D 289 10.90 -8.09 39.25
C THR D 289 10.11 -8.20 37.96
N LEU D 290 8.91 -8.79 37.97
CA LEU D 290 7.99 -8.73 36.80
C LEU D 290 6.54 -8.66 37.29
N GLN D 291 5.78 -7.70 36.79
CA GLN D 291 4.30 -7.63 37.02
C GLN D 291 3.66 -7.16 35.71
N ILE D 292 2.86 -8.02 35.13
CA ILE D 292 2.02 -7.70 33.96
C ILE D 292 0.58 -7.69 34.45
N LEU D 293 -0.13 -6.63 34.15
CA LEU D 293 -1.52 -6.46 34.60
C LEU D 293 -2.38 -6.09 33.38
N SER D 294 -3.52 -6.74 33.25
CA SER D 294 -4.49 -6.53 32.15
C SER D 294 -5.82 -6.13 32.75
N VAL D 295 -6.48 -5.18 32.09
CA VAL D 295 -7.86 -4.76 32.40
C VAL D 295 -8.70 -4.84 31.14
N PHE D 296 -9.74 -5.65 31.21
CA PHE D 296 -10.67 -5.92 30.09
C PHE D 296 -11.19 -4.58 29.63
N PRO D 297 -11.31 -4.31 28.30
CA PRO D 297 -10.94 -5.23 27.24
C PRO D 297 -9.63 -4.97 26.46
N GLY D 298 -8.76 -4.11 26.96
CA GLY D 298 -7.57 -3.76 26.15
C GLY D 298 -6.55 -2.88 26.83
N PHE D 299 -6.44 -2.93 28.16
CA PHE D 299 -5.47 -2.13 28.92
C PHE D 299 -4.40 -3.07 29.51
N VAL D 300 -3.14 -2.68 29.40
CA VAL D 300 -2.00 -3.41 30.00
C VAL D 300 -1.13 -2.40 30.74
N LEU D 301 -0.74 -2.75 31.98
CA LEU D 301 0.31 -2.01 32.72
C LEU D 301 1.46 -2.98 32.96
N GLN D 302 2.67 -2.62 32.54
CA GLN D 302 3.82 -3.53 32.65
C GLN D 302 4.89 -2.92 33.55
N GLN D 303 5.47 -3.79 34.37
CA GLN D 303 6.75 -3.56 35.06
C GLN D 303 7.62 -4.76 34.78
N ILE D 304 8.67 -4.59 33.99
CA ILE D 304 9.68 -5.65 33.75
C ILE D 304 11.00 -5.05 34.22
N GLN D 305 11.49 -5.52 35.36
CA GLN D 305 12.59 -4.86 36.13
C GLN D 305 12.26 -3.38 36.28
N ASN D 306 13.07 -2.48 35.71
CA ASN D 306 12.85 -1.01 35.76
C ASN D 306 12.14 -0.51 34.48
N SER D 307 11.73 -1.39 33.56
CA SER D 307 10.97 -0.98 32.35
C SER D 307 9.48 -0.88 32.69
N ILE D 308 8.95 0.34 32.64
CA ILE D 308 7.54 0.65 32.93
C ILE D 308 6.86 1.09 31.62
N ALA D 309 5.64 0.62 31.39
CA ALA D 309 4.86 1.02 30.22
C ALA D 309 3.40 0.70 30.41
N VAL D 310 2.63 1.46 29.65
CA VAL D 310 1.19 1.24 29.44
C VAL D 310 1.00 0.83 27.98
N ARG D 311 0.06 -0.10 27.74
CA ARG D 311 -0.33 -0.48 26.37
C ARG D 311 -1.83 -0.33 26.24
N GLN D 312 -2.25 0.13 25.08
CA GLN D 312 -3.66 0.22 24.71
C GLN D 312 -3.87 -0.64 23.47
N LEU D 313 -4.78 -1.63 23.55
CA LEU D 313 -5.07 -2.59 22.46
C LEU D 313 -6.38 -2.16 21.80
N LEU D 314 -6.38 -1.88 20.51
CA LEU D 314 -7.60 -1.49 19.77
C LEU D 314 -7.86 -2.45 18.65
N PRO D 315 -9.14 -2.82 18.44
CA PRO D 315 -9.48 -3.65 17.29
C PRO D 315 -9.46 -2.75 16.06
N LYS D 316 -9.05 -3.27 14.90
CA LYS D 316 -9.02 -2.45 13.67
C LYS D 316 -9.83 -3.09 12.55
N SER D 317 -9.63 -4.36 12.26
CA SER D 317 -10.43 -5.12 11.29
C SER D 317 -10.49 -6.53 11.91
N ILE D 318 -11.21 -7.43 11.30
CA ILE D 318 -11.39 -8.79 11.86
C ILE D 318 -10.03 -9.44 12.13
N SER D 319 -9.04 -9.22 11.28
CA SER D 319 -7.71 -9.87 11.41
C SER D 319 -6.60 -8.84 11.62
N SER D 320 -6.89 -7.70 12.22
CA SER D 320 -5.87 -6.66 12.48
CA SER D 320 -5.87 -6.66 12.49
C SER D 320 -6.23 -5.92 13.78
N SER D 321 -5.21 -5.51 14.52
CA SER D 321 -5.36 -4.74 15.76
C SER D 321 -4.15 -3.80 15.91
N GLU D 322 -4.29 -2.85 16.78
CA GLU D 322 -3.28 -1.82 17.02
C GLU D 322 -2.88 -1.87 18.50
N LEU D 323 -1.58 -1.90 18.74
CA LEU D 323 -1.04 -1.87 20.10
C LEU D 323 -0.26 -0.55 20.28
N ASN D 324 -0.78 0.34 21.10
CA ASN D 324 -0.17 1.66 21.35
C ASN D 324 0.61 1.56 22.65
N TRP D 325 1.92 1.74 22.56
CA TRP D 325 2.85 1.75 23.71
C TRP D 325 3.06 3.16 24.22
N THR D 326 2.96 3.34 25.53
CA THR D 326 3.32 4.59 26.23
C THR D 326 4.44 4.23 27.21
N TYR D 327 5.68 4.55 26.90
CA TYR D 327 6.86 4.21 27.75
C TYR D 327 6.91 5.27 28.88
N LEU D 328 7.17 4.84 30.11
CA LEU D 328 7.11 5.71 31.31
C LEU D 328 8.45 5.67 32.04
N GLY D 329 8.84 6.83 32.53
CA GLY D 329 9.77 6.94 33.68
C GLY D 329 9.05 7.57 34.86
N TYR D 330 9.68 7.65 36.02
CA TYR D 330 9.12 8.48 37.13
C TYR D 330 9.69 9.89 37.00
N ALA D 331 8.89 10.91 37.28
CA ALA D 331 9.36 12.33 37.28
C ALA D 331 10.62 12.51 38.12
N ASP D 332 10.83 11.71 39.15
CA ASP D 332 11.95 11.90 40.11
C ASP D 332 13.18 11.09 39.66
N ASP D 333 13.19 10.42 38.49
CA ASP D 333 14.35 9.57 38.09
C ASP D 333 15.63 10.44 38.07
N SER D 334 16.76 9.93 38.56
CA SER D 334 18.09 10.52 38.27
C SER D 334 18.44 10.19 36.81
N ALA D 335 19.44 10.90 36.25
CA ALA D 335 20.05 10.62 34.93
C ALA D 335 20.32 9.12 34.83
N GLU D 336 20.92 8.52 35.86
CA GLU D 336 21.38 7.12 35.81
C GLU D 336 20.14 6.20 35.83
N GLN D 337 19.11 6.50 36.62
CA GLN D 337 17.92 5.61 36.67
C GLN D 337 17.21 5.65 35.29
N ARG D 338 17.07 6.85 34.72
CA ARG D 338 16.40 7.10 33.44
C ARG D 338 17.15 6.34 32.33
N LYS D 339 18.48 6.39 32.34
CA LYS D 339 19.30 5.68 31.35
C LYS D 339 19.07 4.18 31.50
N VAL D 340 18.98 3.66 32.72
CA VAL D 340 18.67 2.22 32.92
C VAL D 340 17.31 1.92 32.23
N ARG D 341 16.30 2.78 32.35
CA ARG D 341 14.98 2.49 31.71
C ARG D 341 15.10 2.57 30.17
N LEU D 342 15.86 3.52 29.65
CA LEU D 342 16.06 3.67 28.19
C LEU D 342 16.77 2.41 27.65
N LYS D 343 17.71 1.84 28.41
CA LYS D 343 18.42 0.61 27.99
C LYS D 343 17.49 -0.59 28.11
N GLN D 344 16.80 -0.74 29.24
CA GLN D 344 15.92 -1.91 29.42
C GLN D 344 14.73 -1.89 28.46
N ALA D 345 14.37 -0.74 27.90
CA ALA D 345 13.27 -0.62 26.93
C ALA D 345 13.59 -1.49 25.69
N ASN D 346 14.87 -1.83 25.46
CA ASN D 346 15.24 -2.76 24.37
C ASN D 346 14.51 -4.09 24.54
N LEU D 347 13.98 -4.38 25.74
CA LEU D 347 13.26 -5.66 26.01
C LEU D 347 11.86 -5.62 25.43
N ILE D 348 11.27 -4.43 25.28
CA ILE D 348 9.81 -4.25 25.04
C ILE D 348 9.60 -3.52 23.73
N GLY D 349 8.36 -3.45 23.33
CA GLY D 349 7.93 -2.70 22.14
C GLY D 349 8.20 -3.50 20.87
N PRO D 350 8.05 -2.83 19.73
CA PRO D 350 8.12 -3.51 18.44
C PRO D 350 9.41 -4.28 18.15
N ALA D 351 10.54 -3.85 18.69
CA ALA D 351 11.87 -4.50 18.52
C ALA D 351 12.33 -5.14 19.84
N GLY D 352 11.41 -5.42 20.76
CA GLY D 352 11.78 -5.92 22.08
C GLY D 352 12.37 -7.33 22.03
N PHE D 353 13.48 -7.57 22.73
CA PHE D 353 14.04 -8.92 22.90
C PHE D 353 12.96 -9.90 23.44
N ILE D 354 11.93 -9.41 24.14
CA ILE D 354 10.71 -10.17 24.50
C ILE D 354 9.62 -9.87 23.47
N SER D 355 9.21 -8.62 23.43
CA SER D 355 7.89 -8.23 22.88
C SER D 355 7.82 -8.45 21.35
N MET D 356 8.96 -8.49 20.64
CA MET D 356 8.91 -8.64 19.18
C MET D 356 8.15 -9.94 18.88
N GLU D 357 8.42 -11.02 19.61
CA GLU D 357 7.80 -12.36 19.47
C GLU D 357 6.29 -12.28 19.72
N ASP D 358 5.87 -11.44 20.67
CA ASP D 358 4.44 -11.28 21.04
C ASP D 358 3.72 -10.60 19.87
N GLY D 359 4.39 -9.76 19.10
CA GLY D 359 3.75 -9.13 17.94
C GLY D 359 3.48 -10.11 16.81
N ALA D 360 4.30 -11.18 16.68
CA ALA D 360 4.22 -12.16 15.58
C ALA D 360 3.32 -13.39 15.91
N VAL D 361 3.30 -13.85 17.17
CA VAL D 361 2.65 -15.15 17.50
C VAL D 361 1.17 -15.06 17.18
N GLY D 362 0.53 -13.91 17.44
CA GLY D 362 -0.88 -13.75 17.12
C GLY D 362 -1.17 -14.08 15.65
N GLY D 363 -0.33 -13.59 14.77
CA GLY D 363 -0.47 -13.82 13.32
C GLY D 363 -0.24 -15.27 13.00
N PHE D 364 0.67 -15.94 13.69
CA PHE D 364 0.94 -17.38 13.46
C PHE D 364 -0.35 -18.13 13.78
N VAL D 365 -1.11 -17.71 14.79
CA VAL D 365 -2.40 -18.37 15.13
C VAL D 365 -3.41 -18.03 14.00
N GLN D 366 -3.55 -16.75 13.69
CA GLN D 366 -4.54 -16.29 12.67
C GLN D 366 -4.34 -17.13 11.41
N ARG D 367 -3.10 -17.38 11.00
CA ARG D 367 -2.79 -18.12 9.77
C ARG D 367 -2.89 -19.62 9.99
N GLY D 368 -2.45 -20.12 11.14
CA GLY D 368 -2.50 -21.54 11.44
C GLY D 368 -3.91 -22.11 11.41
N ILE D 369 -4.92 -21.31 11.71
CA ILE D 369 -6.33 -21.76 11.81
C ILE D 369 -7.06 -21.52 10.49
N ALA D 370 -6.38 -21.12 9.42
CA ALA D 370 -7.08 -20.65 8.18
C ALA D 370 -8.00 -21.75 7.64
N GLY D 371 -7.65 -23.05 7.77
CA GLY D 371 -8.55 -24.16 7.36
C GLY D 371 -9.39 -24.77 8.46
N ALA D 372 -9.53 -24.11 9.61
CA ALA D 372 -9.98 -24.77 10.86
C ALA D 372 -11.05 -23.90 11.57
N ALA D 373 -11.79 -23.05 10.85
CA ALA D 373 -12.80 -22.14 11.45
C ALA D 373 -13.81 -22.97 12.28
N ASN D 374 -14.00 -24.27 11.99
CA ASN D 374 -15.02 -25.14 12.67
C ASN D 374 -14.39 -25.91 13.85
N LEU D 375 -13.09 -25.77 14.15
CA LEU D 375 -12.42 -26.47 15.28
C LEU D 375 -12.21 -25.54 16.48
N ASP D 376 -11.63 -26.06 17.56
CA ASP D 376 -11.60 -25.42 18.90
C ASP D 376 -10.15 -25.38 19.40
N ALA D 377 -9.78 -24.26 20.01
CA ALA D 377 -8.58 -24.15 20.81
C ALA D 377 -8.74 -25.02 22.07
N VAL D 378 -7.65 -25.63 22.51
CA VAL D 378 -7.59 -26.46 23.75
C VAL D 378 -6.91 -25.63 24.86
N ILE D 379 -7.64 -25.30 25.91
CA ILE D 379 -7.12 -24.45 27.00
C ILE D 379 -7.36 -25.15 28.36
N GLU D 380 -6.52 -26.10 28.69
CA GLU D 380 -6.75 -27.05 29.81
C GLU D 380 -5.65 -26.99 30.88
N MET D 381 -4.62 -26.17 30.71
CA MET D 381 -3.54 -26.09 31.74
C MET D 381 -4.11 -25.48 33.02
N GLY D 382 -3.98 -26.18 34.16
CA GLY D 382 -4.53 -25.77 35.48
C GLY D 382 -6.01 -26.08 35.59
N GLY D 383 -6.54 -26.94 34.72
CA GLY D 383 -7.92 -27.49 34.79
C GLY D 383 -8.93 -26.66 33.98
N ASP D 384 -10.15 -26.46 34.52
CA ASP D 384 -11.18 -25.58 33.91
C ASP D 384 -11.41 -24.37 34.86
N HIS D 385 -10.48 -24.19 35.79
CA HIS D 385 -10.33 -23.07 36.78
C HIS D 385 -10.25 -21.72 36.06
N GLU D 386 -10.91 -20.68 36.60
CA GLU D 386 -10.83 -19.24 36.22
C GLU D 386 -10.48 -18.38 37.45
N GLY D 387 -9.78 -18.95 38.44
CA GLY D 387 -9.36 -18.21 39.66
C GLY D 387 -7.86 -17.95 39.73
N SER D 388 -7.41 -17.24 40.76
CA SER D 388 -5.96 -17.08 41.07
C SER D 388 -5.29 -18.43 41.35
N SER D 389 -3.98 -18.52 41.12
CA SER D 389 -3.16 -19.73 41.32
C SER D 389 -1.75 -19.31 41.75
N GLU D 390 -1.09 -20.06 42.63
CA GLU D 390 0.41 -20.07 42.73
C GLU D 390 0.93 -20.84 41.50
N GLY D 391 2.12 -20.51 41.04
CA GLY D 391 2.65 -21.09 39.80
C GLY D 391 1.92 -20.56 38.56
N ARG D 392 2.58 -20.73 37.42
CA ARG D 392 2.27 -20.03 36.16
C ARG D 392 2.13 -21.05 35.02
N ALA D 393 2.27 -22.36 35.29
CA ALA D 393 1.96 -23.47 34.32
C ALA D 393 0.44 -23.71 34.29
N THR D 394 -0.29 -22.64 34.01
CA THR D 394 -1.76 -22.60 33.99
C THR D 394 -2.23 -21.67 32.87
N GLU D 395 -3.49 -21.81 32.46
CA GLU D 395 -4.16 -20.93 31.49
C GLU D 395 -5.38 -20.30 32.17
N THR D 396 -5.39 -20.27 33.51
CA THR D 396 -6.55 -19.75 34.28
C THR D 396 -6.88 -18.31 33.87
N SER D 397 -5.89 -17.45 33.63
CA SER D 397 -6.15 -16.03 33.25
C SER D 397 -6.67 -15.94 31.80
N VAL D 398 -6.30 -16.88 30.93
CA VAL D 398 -6.86 -16.98 29.57
C VAL D 398 -8.34 -17.40 29.66
N ARG D 399 -8.65 -18.43 30.47
CA ARG D 399 -10.05 -18.86 30.67
C ARG D 399 -10.87 -17.73 31.29
N GLY D 400 -10.28 -16.96 32.22
CA GLY D 400 -10.94 -15.80 32.83
C GLY D 400 -11.42 -14.83 31.76
N PHE D 401 -10.57 -14.56 30.76
CA PHE D 401 -10.89 -13.61 29.68
C PHE D 401 -12.19 -14.08 29.03
N TRP D 402 -12.25 -15.36 28.65
CA TRP D 402 -13.41 -15.93 27.90
C TRP D 402 -14.64 -15.95 28.80
N LYS D 403 -14.46 -16.18 30.11
CA LYS D 403 -15.61 -16.05 31.04
C LYS D 403 -16.16 -14.62 30.94
N ALA D 404 -15.34 -13.59 31.11
CA ALA D 404 -15.83 -12.19 31.06
C ALA D 404 -16.40 -11.90 29.67
N TYR D 405 -15.77 -12.43 28.64
CA TYR D 405 -16.19 -12.17 27.24
C TYR D 405 -17.62 -12.71 27.05
N ARG D 406 -17.81 -13.99 27.40
CA ARG D 406 -19.11 -14.69 27.12
C ARG D 406 -20.23 -13.97 27.88
N LYS D 407 -19.94 -13.44 29.06
CA LYS D 407 -20.95 -12.74 29.88
C LYS D 407 -21.34 -11.46 29.18
N HIS D 408 -20.39 -10.61 28.79
CA HIS D 408 -20.73 -9.37 28.03
C HIS D 408 -21.48 -9.72 26.73
N MET D 409 -21.06 -10.79 26.06
CA MET D 409 -21.51 -11.07 24.68
C MET D 409 -22.82 -11.88 24.71
N GLY D 410 -23.31 -12.32 25.89
CA GLY D 410 -24.50 -13.20 25.97
C GLY D 410 -24.24 -14.56 25.34
N GLN D 411 -23.08 -15.15 25.57
CA GLN D 411 -22.69 -16.46 24.97
C GLN D 411 -22.42 -17.49 26.09
N GLU D 412 -22.97 -17.26 27.29
CA GLU D 412 -22.93 -18.26 28.39
C GLU D 412 -23.66 -19.55 28.00
N MET D 413 -23.11 -20.69 28.43
CA MET D 413 -23.55 -22.08 28.05
C MET D 413 -23.73 -22.25 26.53
N GLU E 5 -32.13 -14.50 -6.74
CA GLU E 5 -31.39 -14.17 -5.49
C GLU E 5 -30.01 -14.84 -5.55
N SER E 6 -29.96 -16.18 -5.73
CA SER E 6 -28.70 -16.99 -5.83
C SER E 6 -27.98 -16.67 -7.14
N ILE E 7 -26.68 -16.33 -7.08
CA ILE E 7 -25.87 -15.99 -8.30
C ILE E 7 -25.05 -17.24 -8.74
N ILE E 8 -25.25 -18.39 -8.09
CA ILE E 8 -24.53 -19.68 -8.34
C ILE E 8 -25.52 -20.74 -8.82
N GLN E 9 -26.72 -20.32 -9.27
CA GLN E 9 -27.75 -21.25 -9.84
C GLN E 9 -27.23 -21.83 -11.16
N TRP E 10 -27.08 -23.13 -11.29
CA TRP E 10 -26.73 -23.75 -12.58
C TRP E 10 -28.00 -23.80 -13.46
N HIS E 11 -27.85 -23.58 -14.77
CA HIS E 11 -28.96 -23.44 -15.72
C HIS E 11 -29.60 -24.83 -15.88
N GLY E 12 -28.81 -25.91 -16.06
CA GLY E 12 -29.29 -27.32 -16.13
C GLY E 12 -28.18 -28.34 -15.89
N ALA E 13 -28.38 -29.59 -16.33
CA ALA E 13 -27.42 -30.71 -16.18
C ALA E 13 -26.16 -30.47 -17.01
N THR E 14 -26.26 -29.68 -18.05
CA THR E 14 -25.15 -29.43 -19.01
C THR E 14 -24.17 -28.41 -18.38
N ASN E 15 -22.94 -28.37 -18.89
CA ASN E 15 -21.92 -27.37 -18.49
C ASN E 15 -21.60 -26.40 -19.63
N THR E 16 -22.54 -26.21 -20.56
CA THR E 16 -22.41 -25.21 -21.65
C THR E 16 -22.71 -23.81 -21.11
N ARG E 17 -23.25 -23.71 -19.90
CA ARG E 17 -23.54 -22.45 -19.20
C ARG E 17 -22.97 -22.50 -17.78
N VAL E 18 -22.20 -21.50 -17.39
CA VAL E 18 -21.52 -21.44 -16.08
C VAL E 18 -21.95 -20.14 -15.44
N PRO E 19 -22.56 -20.18 -14.25
CA PRO E 19 -22.99 -18.91 -13.61
C PRO E 19 -21.80 -18.07 -13.13
N PHE E 20 -21.77 -16.80 -13.53
CA PHE E 20 -20.61 -15.92 -13.25
C PHE E 20 -20.49 -15.70 -11.75
N GLY E 21 -21.58 -15.82 -10.99
CA GLY E 21 -21.53 -15.75 -9.51
C GLY E 21 -20.55 -16.74 -8.90
N ILE E 22 -20.25 -17.83 -9.59
CA ILE E 22 -19.33 -18.89 -9.11
C ILE E 22 -17.92 -18.30 -8.87
N TYR E 23 -17.59 -17.19 -9.52
CA TYR E 23 -16.26 -16.55 -9.39
C TYR E 23 -16.24 -15.47 -8.29
N THR E 24 -17.35 -15.14 -7.64
CA THR E 24 -17.40 -14.04 -6.64
C THR E 24 -18.11 -14.44 -5.35
N ASP E 25 -18.84 -15.56 -5.31
CA ASP E 25 -19.65 -15.90 -4.12
C ASP E 25 -18.74 -16.46 -3.00
N THR E 26 -18.64 -15.78 -1.87
CA THR E 26 -17.66 -16.10 -0.78
C THR E 26 -18.13 -17.34 0.01
N ALA E 27 -19.44 -17.49 0.24
CA ALA E 27 -20.01 -18.69 0.88
C ALA E 27 -19.60 -19.90 0.03
N ASN E 28 -19.73 -19.79 -1.28
CA ASN E 28 -19.38 -20.90 -2.20
C ASN E 28 -17.86 -21.19 -2.10
N ALA E 29 -17.02 -20.15 -1.97
CA ALA E 29 -15.55 -20.30 -1.85
C ALA E 29 -15.27 -21.15 -0.59
N ASP E 30 -15.98 -20.90 0.50
CA ASP E 30 -15.78 -21.67 1.76
CA ASP E 30 -15.81 -21.66 1.76
C ASP E 30 -16.21 -23.13 1.52
N GLN E 31 -17.31 -23.37 0.78
CA GLN E 31 -17.69 -24.75 0.43
C GLN E 31 -16.57 -25.40 -0.42
N GLU E 32 -15.91 -24.65 -1.32
CA GLU E 32 -14.79 -25.23 -2.13
C GLU E 32 -13.71 -25.77 -1.19
N GLN E 33 -13.43 -25.05 -0.10
CA GLN E 33 -12.39 -25.48 0.86
C GLN E 33 -12.80 -26.80 1.53
N GLN E 34 -14.07 -26.88 1.96
CA GLN E 34 -14.59 -28.10 2.63
C GLN E 34 -14.76 -29.24 1.64
N ARG E 35 -15.30 -29.00 0.44
CA ARG E 35 -15.73 -30.12 -0.43
C ARG E 35 -14.70 -30.46 -1.52
N ILE E 36 -13.86 -29.52 -1.90
CA ILE E 36 -12.80 -29.80 -2.89
C ILE E 36 -11.50 -30.00 -2.14
N TYR E 37 -10.90 -28.92 -1.61
CA TYR E 37 -9.50 -28.99 -1.16
C TYR E 37 -9.34 -30.00 -0.01
N ARG E 38 -10.30 -30.02 0.92
CA ARG E 38 -10.30 -30.98 2.07
C ARG E 38 -11.25 -32.16 1.78
N GLY E 39 -11.65 -32.34 0.54
CA GLY E 39 -12.50 -33.46 0.11
C GLY E 39 -11.72 -34.52 -0.64
N GLU E 40 -12.40 -35.22 -1.54
CA GLU E 40 -11.84 -36.42 -2.20
C GLU E 40 -11.02 -35.97 -3.41
N VAL E 41 -9.97 -35.20 -3.16
CA VAL E 41 -9.02 -34.84 -4.23
C VAL E 41 -7.60 -35.11 -3.76
N TRP E 42 -6.69 -35.02 -4.72
CA TRP E 42 -5.24 -35.09 -4.52
C TRP E 42 -4.68 -33.70 -4.82
N ASN E 43 -4.03 -33.11 -3.79
CA ASN E 43 -3.45 -31.74 -3.79
C ASN E 43 -1.97 -31.90 -4.08
N TYR E 44 -1.43 -31.23 -5.08
CA TYR E 44 0.02 -31.30 -5.40
C TYR E 44 0.80 -30.51 -4.32
N LEU E 45 1.79 -31.17 -3.73
CA LEU E 45 2.60 -30.61 -2.63
C LEU E 45 4.00 -30.22 -3.15
N CYS E 46 4.79 -31.15 -3.69
CA CYS E 46 6.17 -30.89 -4.14
C CYS E 46 6.70 -32.10 -4.89
N LEU E 47 7.92 -32.03 -5.40
CA LEU E 47 8.62 -33.22 -5.96
C LEU E 47 9.43 -33.90 -4.85
N GLU E 48 9.51 -35.21 -4.90
CA GLU E 48 10.26 -35.99 -3.88
C GLU E 48 11.73 -35.55 -3.87
N SER E 49 12.29 -35.24 -5.02
CA SER E 49 13.69 -34.81 -5.19
C SER E 49 13.92 -33.45 -4.53
N GLU E 50 12.87 -32.71 -4.14
CA GLU E 50 13.02 -31.42 -3.43
C GLU E 50 13.22 -31.70 -1.93
N ILE E 51 12.83 -32.88 -1.42
CA ILE E 51 13.06 -33.29 0.00
C ILE E 51 13.74 -34.65 -0.02
N PRO E 52 14.97 -34.77 -0.57
CA PRO E 52 15.60 -36.07 -0.81
C PRO E 52 16.04 -36.80 0.46
N GLY E 53 16.49 -36.07 1.49
CA GLY E 53 17.08 -36.69 2.70
C GLY E 53 16.13 -36.69 3.89
N ALA E 54 16.39 -37.58 4.83
CA ALA E 54 15.67 -37.71 6.13
C ALA E 54 15.62 -36.36 6.82
N GLY E 55 14.43 -35.91 7.22
CA GLY E 55 14.27 -34.63 7.92
C GLY E 55 13.99 -33.45 6.98
N ASP E 56 14.27 -33.57 5.69
CA ASP E 56 14.03 -32.47 4.73
C ASP E 56 12.50 -32.24 4.64
N PHE E 57 12.07 -31.00 4.78
CA PHE E 57 10.65 -30.61 4.72
C PHE E 57 10.53 -29.35 3.88
N ARG E 58 9.31 -29.16 3.38
CA ARG E 58 8.85 -27.89 2.79
C ARG E 58 7.48 -27.57 3.40
N THR E 59 7.08 -26.30 3.41
CA THR E 59 5.71 -25.89 3.76
C THR E 59 5.00 -25.43 2.48
N THR E 60 3.69 -25.67 2.40
CA THR E 60 2.91 -25.36 1.20
C THR E 60 1.46 -25.24 1.68
N PHE E 61 0.52 -25.35 0.77
CA PHE E 61 -0.92 -25.22 1.10
C PHE E 61 -1.65 -26.31 0.31
N ALA E 62 -2.74 -26.78 0.90
CA ALA E 62 -3.79 -27.51 0.21
C ALA E 62 -5.03 -26.60 0.27
N GLY E 63 -5.38 -25.99 -0.84
CA GLY E 63 -6.37 -24.88 -0.80
C GLY E 63 -5.84 -23.79 0.15
N GLU E 64 -6.68 -23.34 1.08
CA GLU E 64 -6.34 -22.31 2.09
C GLU E 64 -5.52 -22.95 3.25
N THR E 65 -5.40 -24.27 3.32
CA THR E 65 -4.90 -24.97 4.55
C THR E 65 -3.41 -25.15 4.46
N PRO E 66 -2.59 -24.57 5.36
CA PRO E 66 -1.13 -24.73 5.29
C PRO E 66 -0.77 -26.19 5.63
N ILE E 67 0.28 -26.69 4.98
CA ILE E 67 0.73 -28.10 5.05
C ILE E 67 2.24 -28.11 5.31
N VAL E 68 2.69 -29.13 6.04
CA VAL E 68 4.11 -29.55 6.09
C VAL E 68 4.23 -30.84 5.31
N VAL E 69 5.26 -30.95 4.50
CA VAL E 69 5.58 -32.22 3.77
C VAL E 69 7.03 -32.56 4.06
N VAL E 70 7.31 -33.79 4.50
CA VAL E 70 8.64 -34.13 5.12
C VAL E 70 9.02 -35.57 4.79
N ARG E 71 10.30 -35.77 4.49
CA ARG E 71 10.94 -37.11 4.37
C ARG E 71 11.31 -37.63 5.76
N ASP E 72 11.01 -38.89 6.07
CA ASP E 72 11.47 -39.53 7.33
C ASP E 72 12.67 -40.46 7.07
N ALA E 73 13.19 -41.07 8.14
CA ALA E 73 14.38 -41.97 8.10
C ALA E 73 14.04 -43.27 7.35
N ASP E 74 12.77 -43.66 7.27
CA ASP E 74 12.35 -44.82 6.42
C ASP E 74 12.36 -44.47 4.92
N GLN E 75 12.70 -43.26 4.53
CA GLN E 75 12.71 -42.76 3.11
C GLN E 75 11.29 -42.56 2.59
N GLU E 76 10.27 -42.68 3.45
CA GLU E 76 8.88 -42.36 3.03
C GLU E 76 8.63 -40.87 3.23
N ILE E 77 7.60 -40.36 2.59
CA ILE E 77 7.20 -38.93 2.69
C ILE E 77 5.86 -38.87 3.42
N TYR E 78 5.76 -37.97 4.39
CA TYR E 78 4.54 -37.73 5.17
C TYR E 78 4.12 -36.27 4.98
N ALA E 79 2.87 -35.98 5.30
CA ALA E 79 2.32 -34.61 5.20
C ALA E 79 1.26 -34.44 6.26
N PHE E 80 1.19 -33.24 6.85
CA PHE E 80 0.17 -32.92 7.86
C PHE E 80 -0.08 -31.42 7.86
N GLU E 81 -1.28 -31.05 8.34
CA GLU E 81 -1.73 -29.67 8.47
C GLU E 81 -0.75 -28.92 9.39
N ASN E 82 -0.33 -27.73 8.97
CA ASN E 82 0.66 -26.90 9.71
C ASN E 82 -0.05 -26.08 10.80
N ARG E 83 -0.71 -26.77 11.74
CA ARG E 83 -1.62 -26.15 12.75
C ARG E 83 -1.36 -26.88 14.07
N CYS E 84 -0.83 -26.16 15.05
CA CYS E 84 -0.56 -26.72 16.39
C CYS E 84 -1.91 -27.07 17.05
N ALA E 85 -1.98 -28.22 17.69
CA ALA E 85 -3.24 -28.77 18.27
C ALA E 85 -3.58 -28.07 19.59
N HIS E 86 -2.72 -27.16 20.04
CA HIS E 86 -2.95 -26.36 21.26
C HIS E 86 -3.90 -25.19 20.94
N ARG E 87 -3.35 -24.05 20.50
CA ARG E 87 -4.11 -22.80 20.24
C ARG E 87 -4.02 -22.43 18.74
N GLY E 88 -3.46 -23.29 17.89
CA GLY E 88 -3.65 -23.22 16.42
C GLY E 88 -2.52 -22.52 15.66
N ALA E 89 -1.41 -22.18 16.31
CA ALA E 89 -0.25 -21.57 15.64
C ALA E 89 0.28 -22.45 14.51
N LEU E 90 0.79 -21.80 13.46
CA LEU E 90 1.70 -22.47 12.49
C LEU E 90 2.76 -23.16 13.32
N ILE E 91 3.10 -24.40 12.97
CA ILE E 91 4.15 -25.19 13.65
C ILE E 91 5.50 -24.88 12.99
N ALA E 92 5.61 -25.06 11.67
CA ALA E 92 6.84 -24.82 10.89
C ALA E 92 6.71 -23.45 10.27
N LEU E 93 7.66 -22.56 10.58
CA LEU E 93 7.65 -21.15 10.13
C LEU E 93 8.50 -20.96 8.87
N GLU E 94 9.34 -21.94 8.49
CA GLU E 94 10.22 -21.82 7.29
C GLU E 94 9.55 -22.47 6.07
N LYS E 95 9.88 -21.95 4.90
CA LYS E 95 9.45 -22.48 3.59
C LYS E 95 10.06 -23.86 3.39
N SER E 96 11.28 -24.06 3.87
CA SER E 96 12.02 -25.35 3.75
C SER E 96 13.07 -25.46 4.83
N GLY E 97 13.54 -26.66 5.10
CA GLY E 97 14.61 -26.89 6.10
C GLY E 97 14.82 -28.37 6.30
N ARG E 98 15.49 -28.69 7.38
CA ARG E 98 15.76 -30.08 7.76
C ARG E 98 15.60 -30.17 9.26
N THR E 99 14.82 -31.11 9.77
CA THR E 99 14.62 -31.16 11.24
C THR E 99 14.40 -32.61 11.68
N ASP E 100 14.69 -32.88 12.94
CA ASP E 100 14.39 -34.15 13.65
C ASP E 100 12.91 -34.15 14.01
N SER E 101 12.44 -33.09 14.65
CA SER E 101 11.05 -32.91 15.04
C SER E 101 10.66 -31.43 14.90
N PHE E 102 9.37 -31.19 14.87
CA PHE E 102 8.77 -29.87 14.67
C PHE E 102 8.35 -29.40 16.05
N GLN E 103 8.73 -28.19 16.42
CA GLN E 103 8.33 -27.68 17.74
C GLN E 103 7.59 -26.35 17.53
N CYS E 104 6.38 -26.25 18.04
CA CYS E 104 5.63 -24.98 18.02
C CYS E 104 6.38 -23.94 18.87
N VAL E 105 6.58 -22.73 18.33
CA VAL E 105 7.31 -21.64 19.06
C VAL E 105 6.50 -21.13 20.26
N TYR E 106 5.18 -21.27 20.25
CA TYR E 106 4.34 -20.48 21.21
C TYR E 106 4.45 -21.09 22.63
N HIS E 107 4.17 -22.39 22.80
CA HIS E 107 4.29 -23.09 24.11
C HIS E 107 5.02 -24.40 23.96
N ALA E 108 5.87 -24.51 22.95
CA ALA E 108 6.89 -25.58 22.83
C ALA E 108 6.23 -26.94 22.81
N TRP E 109 5.06 -27.13 22.19
CA TRP E 109 4.58 -28.50 21.92
C TRP E 109 5.43 -29.07 20.78
N SER E 110 5.77 -30.36 20.85
CA SER E 110 6.60 -31.10 19.87
C SER E 110 5.75 -32.06 19.04
N TYR E 111 6.10 -32.19 17.76
CA TYR E 111 5.44 -33.10 16.78
C TYR E 111 6.53 -33.89 16.06
N ASN E 112 6.30 -35.17 15.82
CA ASN E 112 7.25 -35.97 15.00
C ASN E 112 6.95 -35.70 13.51
N ARG E 113 7.65 -36.37 12.62
CA ARG E 113 7.57 -36.09 11.19
C ARG E 113 6.28 -36.66 10.60
N GLN E 114 5.48 -37.38 11.38
CA GLN E 114 4.14 -37.84 10.92
C GLN E 114 3.11 -36.83 11.35
N GLY E 115 3.44 -35.89 12.23
CA GLY E 115 2.42 -34.96 12.76
C GLY E 115 1.84 -35.35 14.12
N ASP E 116 2.34 -36.41 14.74
CA ASP E 116 1.89 -36.87 16.09
C ASP E 116 2.46 -35.92 17.14
N LEU E 117 1.62 -35.52 18.09
CA LEU E 117 2.02 -34.75 19.27
C LEU E 117 2.85 -35.66 20.17
N THR E 118 4.13 -35.36 20.36
CA THR E 118 5.08 -36.18 21.15
C THR E 118 5.42 -35.49 22.47
N GLY E 119 5.15 -34.21 22.62
CA GLY E 119 5.60 -33.47 23.80
C GLY E 119 4.71 -32.29 24.04
N VAL E 120 4.33 -32.11 25.29
CA VAL E 120 3.55 -30.92 25.75
C VAL E 120 4.36 -30.27 26.87
N ALA E 121 4.80 -29.02 26.71
CA ALA E 121 5.66 -28.37 27.71
C ALA E 121 4.91 -28.32 29.05
N PHE E 122 5.53 -28.81 30.13
CA PHE E 122 4.97 -28.72 31.52
C PHE E 122 3.60 -29.42 31.59
N GLU E 123 3.44 -30.45 30.78
CA GLU E 123 2.22 -31.29 30.76
C GLU E 123 1.85 -31.72 32.20
N LYS E 124 2.84 -32.02 33.02
CA LYS E 124 2.64 -32.61 34.37
C LYS E 124 2.68 -31.50 35.42
N GLY E 125 2.75 -30.23 35.00
CA GLY E 125 2.80 -29.07 35.89
C GLY E 125 4.18 -28.82 36.44
N VAL E 126 4.30 -27.94 37.43
CA VAL E 126 5.59 -27.51 38.06
C VAL E 126 5.42 -27.70 39.56
N LYS E 127 6.31 -28.48 40.17
CA LYS E 127 6.19 -29.04 41.53
C LYS E 127 4.97 -29.94 41.43
N GLY E 128 3.87 -29.61 42.09
CA GLY E 128 2.59 -30.32 41.89
C GLY E 128 1.48 -29.34 41.55
N GLN E 129 1.80 -28.23 40.88
CA GLN E 129 0.80 -27.17 40.55
C GLN E 129 0.59 -27.09 39.03
N GLY E 130 -0.67 -27.00 38.60
CA GLY E 130 -1.04 -26.74 37.20
C GLY E 130 -0.75 -27.95 36.33
N GLY E 131 -0.51 -27.71 35.05
CA GLY E 131 -0.33 -28.79 34.06
C GLY E 131 -1.69 -29.27 33.60
N MET E 132 -1.71 -30.35 32.83
CA MET E 132 -2.96 -30.85 32.22
C MET E 132 -3.68 -31.70 33.26
N PRO E 133 -5.02 -31.84 33.16
CA PRO E 133 -5.73 -32.84 33.93
C PRO E 133 -5.32 -34.27 33.52
N ALA E 134 -5.49 -35.22 34.45
CA ALA E 134 -5.25 -36.67 34.28
C ALA E 134 -5.93 -37.16 32.99
N SER E 135 -7.13 -36.65 32.65
CA SER E 135 -7.91 -37.02 31.43
C SER E 135 -7.18 -36.64 30.11
N PHE E 136 -6.17 -35.76 30.15
CA PHE E 136 -5.52 -35.22 28.93
C PHE E 136 -4.57 -36.28 28.40
N CYS E 137 -4.69 -36.58 27.12
CA CYS E 137 -3.93 -37.65 26.46
C CYS E 137 -3.40 -37.11 25.12
N LYS E 138 -2.08 -37.04 24.97
CA LYS E 138 -1.38 -36.40 23.81
C LYS E 138 -1.88 -37.02 22.50
N GLU E 139 -2.09 -38.33 22.49
CA GLU E 139 -2.40 -39.14 21.29
C GLU E 139 -3.79 -38.75 20.80
N GLU E 140 -4.59 -38.01 21.56
CA GLU E 140 -5.95 -37.57 21.14
C GLU E 140 -5.91 -36.18 20.50
N HIS E 141 -4.74 -35.55 20.45
CA HIS E 141 -4.58 -34.17 19.92
C HIS E 141 -3.52 -34.20 18.82
N GLY E 142 -3.80 -33.54 17.72
CA GLY E 142 -2.87 -33.49 16.58
C GLY E 142 -3.50 -32.74 15.43
N PRO E 143 -2.69 -32.13 14.55
CA PRO E 143 -3.20 -31.59 13.29
C PRO E 143 -3.73 -32.76 12.45
N ARG E 144 -4.54 -32.45 11.44
CA ARG E 144 -5.04 -33.47 10.49
C ARG E 144 -3.84 -33.96 9.69
N LYS E 145 -3.71 -35.26 9.55
CA LYS E 145 -2.71 -35.90 8.68
C LYS E 145 -3.27 -36.05 7.28
N LEU E 146 -2.38 -35.97 6.28
CA LEU E 146 -2.78 -36.25 4.89
C LEU E 146 -2.35 -37.66 4.50
N ARG E 147 -3.19 -38.30 3.71
CA ARG E 147 -2.85 -39.48 2.90
C ARG E 147 -1.92 -38.97 1.79
N VAL E 148 -0.81 -39.65 1.57
CA VAL E 148 0.25 -39.21 0.64
C VAL E 148 0.41 -40.26 -0.45
N ALA E 149 0.48 -39.79 -1.68
CA ALA E 149 0.82 -40.61 -2.86
C ALA E 149 1.99 -39.94 -3.56
N VAL E 150 2.93 -40.73 -4.04
CA VAL E 150 4.08 -40.28 -4.87
C VAL E 150 3.94 -40.98 -6.22
N PHE E 151 3.70 -40.23 -7.29
CA PHE E 151 3.52 -40.78 -8.64
C PHE E 151 4.55 -40.12 -9.54
N CYS E 152 5.50 -40.90 -10.07
CA CYS E 152 6.61 -40.35 -10.90
C CYS E 152 7.29 -39.15 -10.18
N GLY E 153 7.47 -39.23 -8.88
CA GLY E 153 8.19 -38.23 -8.07
C GLY E 153 7.27 -37.11 -7.60
N LEU E 154 6.04 -37.06 -8.11
CA LEU E 154 5.07 -36.01 -7.72
C LEU E 154 4.43 -36.41 -6.41
N VAL E 155 4.53 -35.54 -5.41
CA VAL E 155 3.96 -35.83 -4.06
C VAL E 155 2.60 -35.14 -3.99
N PHE E 156 1.55 -35.94 -3.87
CA PHE E 156 0.17 -35.47 -3.68
C PHE E 156 -0.26 -35.85 -2.26
N GLY E 157 -1.18 -35.07 -1.73
CA GLY E 157 -1.83 -35.33 -0.44
C GLY E 157 -3.31 -35.11 -0.47
N SER E 158 -4.03 -35.91 0.31
CA SER E 158 -5.49 -35.77 0.51
C SER E 158 -5.81 -35.79 2.00
N PHE E 159 -6.76 -34.98 2.41
CA PHE E 159 -7.39 -35.02 3.75
C PHE E 159 -8.30 -36.24 3.88
N SER E 160 -8.77 -36.81 2.78
CA SER E 160 -9.77 -37.90 2.83
C SER E 160 -9.08 -39.25 2.72
N GLU E 161 -9.35 -40.17 3.64
CA GLU E 161 -8.81 -41.56 3.58
C GLU E 161 -9.58 -42.33 2.49
N ASP E 162 -10.74 -41.84 2.03
CA ASP E 162 -11.58 -42.57 1.04
C ASP E 162 -11.41 -42.08 -0.40
N VAL E 163 -10.48 -41.15 -0.62
CA VAL E 163 -10.16 -40.69 -2.00
C VAL E 163 -9.76 -41.92 -2.81
N PRO E 164 -10.09 -42.05 -4.10
CA PRO E 164 -9.52 -43.12 -4.90
C PRO E 164 -7.98 -43.03 -4.91
N SER E 165 -7.32 -44.15 -5.15
CA SER E 165 -5.84 -44.26 -5.33
C SER E 165 -5.41 -43.23 -6.37
N ILE E 166 -4.17 -42.76 -6.32
CA ILE E 166 -3.73 -41.75 -7.33
C ILE E 166 -3.90 -42.35 -8.74
N GLU E 167 -3.70 -43.65 -8.91
CA GLU E 167 -3.72 -44.34 -10.22
C GLU E 167 -5.16 -44.27 -10.75
N ASP E 168 -6.13 -44.59 -9.92
CA ASP E 168 -7.56 -44.56 -10.34
C ASP E 168 -8.01 -43.11 -10.53
N TYR E 169 -7.59 -42.21 -9.67
CA TYR E 169 -7.96 -40.77 -9.73
C TYR E 169 -7.51 -40.21 -11.07
N LEU E 170 -6.29 -40.48 -11.49
CA LEU E 170 -5.73 -39.97 -12.76
C LEU E 170 -6.33 -40.71 -13.97
N GLY E 171 -6.42 -42.03 -13.90
CA GLY E 171 -6.77 -42.92 -15.03
C GLY E 171 -5.54 -43.22 -15.86
N PRO E 172 -5.62 -44.27 -16.69
CA PRO E 172 -4.44 -44.79 -17.38
C PRO E 172 -3.86 -43.81 -18.40
N GLU E 173 -4.67 -43.04 -19.10
CA GLU E 173 -4.13 -42.18 -20.18
C GLU E 173 -3.32 -41.03 -19.54
N ILE E 174 -3.84 -40.41 -18.49
CA ILE E 174 -3.14 -39.32 -17.77
C ILE E 174 -1.86 -39.93 -17.15
N CYS E 175 -1.94 -41.10 -16.48
CA CYS E 175 -0.76 -41.79 -15.90
C CYS E 175 0.33 -41.90 -16.95
N GLU E 176 0.02 -42.41 -18.16
CA GLU E 176 1.05 -42.64 -19.21
C GLU E 176 1.62 -41.28 -19.62
N ARG E 177 0.76 -40.27 -19.75
CA ARG E 177 1.17 -38.93 -20.25
C ARG E 177 2.10 -38.26 -19.21
N ILE E 178 1.91 -38.48 -17.93
CA ILE E 178 2.85 -37.99 -16.88
C ILE E 178 4.17 -38.79 -16.98
N GLU E 179 4.11 -40.11 -17.10
CA GLU E 179 5.32 -41.00 -17.12
C GLU E 179 6.16 -40.64 -18.33
N ARG E 180 5.52 -40.27 -19.43
CA ARG E 180 6.21 -39.88 -20.69
C ARG E 180 7.19 -38.72 -20.39
N VAL E 181 6.77 -37.73 -19.58
CA VAL E 181 7.61 -36.55 -19.26
C VAL E 181 8.55 -36.89 -18.10
N LEU E 182 8.02 -37.44 -17.03
CA LEU E 182 8.82 -37.78 -15.83
C LEU E 182 9.31 -39.24 -15.92
N HIS E 183 10.06 -39.54 -16.98
CA HIS E 183 10.57 -40.90 -17.32
C HIS E 183 11.93 -41.12 -16.69
N LYS E 184 12.64 -40.08 -16.24
CA LYS E 184 14.01 -40.21 -15.64
C LYS E 184 14.15 -39.11 -14.59
N PRO E 185 15.21 -39.16 -13.76
CA PRO E 185 15.40 -38.16 -12.72
C PRO E 185 15.43 -36.72 -13.29
N VAL E 186 14.75 -35.82 -12.60
CA VAL E 186 14.60 -34.38 -12.92
C VAL E 186 15.34 -33.56 -11.85
N GLU E 187 15.74 -32.34 -12.19
CA GLU E 187 16.45 -31.40 -11.28
C GLU E 187 15.67 -30.08 -11.38
N VAL E 188 15.38 -29.46 -10.24
CA VAL E 188 14.80 -28.10 -10.23
C VAL E 188 15.87 -27.14 -10.77
N ILE E 189 15.51 -26.34 -11.79
CA ILE E 189 16.46 -25.32 -12.31
C ILE E 189 15.95 -23.91 -12.01
N GLY E 190 14.80 -23.77 -11.35
CA GLY E 190 14.31 -22.42 -10.96
C GLY E 190 12.88 -22.48 -10.42
N ARG E 191 12.59 -21.58 -9.52
CA ARG E 191 11.27 -21.40 -8.91
C ARG E 191 10.86 -19.94 -9.12
N PHE E 192 9.62 -19.71 -9.52
CA PHE E 192 9.01 -18.36 -9.67
C PHE E 192 7.52 -18.47 -9.32
N THR E 193 6.99 -17.49 -8.61
CA THR E 193 5.56 -17.36 -8.29
C THR E 193 4.96 -16.21 -9.09
N GLN E 194 3.75 -16.41 -9.58
CA GLN E 194 2.90 -15.33 -10.16
C GLN E 194 1.69 -15.15 -9.28
N LYS E 195 1.44 -13.94 -8.83
CA LYS E 195 0.18 -13.62 -8.13
C LYS E 195 -0.86 -13.17 -9.17
N LEU E 196 -1.92 -13.93 -9.30
CA LEU E 196 -2.93 -13.73 -10.38
C LEU E 196 -4.09 -12.93 -9.81
N PRO E 197 -4.52 -11.84 -10.45
CA PRO E 197 -5.67 -11.03 -10.02
C PRO E 197 -7.00 -11.68 -10.49
N ASN E 198 -7.22 -12.95 -10.15
CA ASN E 198 -8.47 -13.66 -10.51
C ASN E 198 -8.71 -14.84 -9.55
N ASN E 199 -9.98 -15.15 -9.35
CA ASN E 199 -10.43 -16.44 -8.78
C ASN E 199 -9.61 -17.58 -9.38
N TRP E 200 -9.20 -18.54 -8.56
CA TRP E 200 -8.39 -19.69 -9.02
C TRP E 200 -9.01 -20.36 -10.24
N LYS E 201 -10.32 -20.47 -10.28
CA LYS E 201 -10.98 -21.30 -11.30
C LYS E 201 -10.70 -20.72 -12.69
N LEU E 202 -10.61 -19.40 -12.80
CA LEU E 202 -10.35 -18.77 -14.14
C LEU E 202 -8.96 -19.20 -14.66
N TYR E 203 -7.97 -19.36 -13.80
CA TYR E 203 -6.64 -19.79 -14.29
C TYR E 203 -6.69 -21.28 -14.70
N PHE E 204 -7.33 -22.11 -13.89
CA PHE E 204 -7.42 -23.56 -14.16
C PHE E 204 -8.24 -23.82 -15.42
N GLU E 205 -9.31 -23.07 -15.63
CA GLU E 205 -10.04 -23.14 -16.94
C GLU E 205 -9.06 -22.74 -18.06
N ASN E 206 -8.26 -21.69 -17.85
CA ASN E 206 -7.29 -21.24 -18.87
C ASN E 206 -6.31 -22.35 -19.25
N VAL E 207 -5.76 -23.07 -18.27
CA VAL E 207 -4.85 -24.22 -18.55
C VAL E 207 -5.56 -25.21 -19.50
N LYS E 208 -6.85 -25.46 -19.26
CA LYS E 208 -7.68 -26.45 -19.99
C LYS E 208 -8.23 -25.83 -21.28
N ASP E 209 -7.89 -24.59 -21.62
CA ASP E 209 -8.61 -23.88 -22.71
C ASP E 209 -7.83 -24.07 -24.01
N SER E 210 -8.06 -25.19 -24.69
CA SER E 210 -7.39 -25.53 -25.95
C SER E 210 -7.84 -24.54 -27.02
N TYR E 211 -9.05 -24.02 -26.92
CA TYR E 211 -9.57 -22.97 -27.84
C TYR E 211 -8.60 -21.77 -27.84
N HIS E 212 -8.37 -21.16 -26.68
CA HIS E 212 -7.42 -20.00 -26.55
C HIS E 212 -6.00 -20.40 -27.00
N ALA E 213 -5.57 -21.57 -26.57
CA ALA E 213 -4.18 -22.04 -26.80
C ALA E 213 -3.96 -22.24 -28.29
N SER E 214 -4.91 -22.88 -28.97
CA SER E 214 -4.75 -23.15 -30.43
C SER E 214 -4.89 -21.82 -31.20
N LEU E 215 -5.70 -20.86 -30.74
CA LEU E 215 -5.70 -19.50 -31.37
C LEU E 215 -4.32 -18.87 -31.28
N LEU E 216 -3.72 -18.92 -30.08
CA LEU E 216 -2.43 -18.25 -29.79
C LEU E 216 -1.27 -18.97 -30.51
N HIS E 217 -1.25 -20.31 -30.53
CA HIS E 217 -0.29 -21.15 -31.31
CA HIS E 217 -0.21 -21.06 -31.28
C HIS E 217 -0.37 -20.76 -32.79
N MET E 218 -1.60 -20.73 -33.35
CA MET E 218 -1.82 -20.40 -34.80
C MET E 218 -1.26 -19.00 -35.11
N PHE E 219 -1.49 -18.04 -34.23
CA PHE E 219 -0.89 -16.69 -34.37
C PHE E 219 0.64 -16.80 -34.51
N PHE E 220 1.33 -17.57 -33.65
CA PHE E 220 2.82 -17.64 -33.63
C PHE E 220 3.36 -18.29 -34.91
N THR E 221 2.59 -19.17 -35.59
CA THR E 221 3.02 -19.81 -36.87
C THR E 221 3.15 -18.76 -38.01
N THR E 222 2.53 -17.56 -37.90
CA THR E 222 2.90 -16.33 -38.69
C THR E 222 4.43 -16.13 -38.69
N PHE E 223 5.15 -16.46 -37.60
CA PHE E 223 6.61 -16.24 -37.41
C PHE E 223 7.38 -17.56 -37.47
N LEU E 228 6.38 -26.85 -39.90
CA LEU E 228 6.01 -28.29 -40.17
C LEU E 228 4.54 -28.51 -39.78
N SER E 229 3.80 -29.25 -40.61
CA SER E 229 2.38 -29.65 -40.40
C SER E 229 2.20 -30.34 -39.02
N GLN E 230 1.17 -29.91 -38.24
CA GLN E 230 0.83 -30.46 -36.91
C GLN E 230 -0.66 -30.83 -36.81
N LYS E 231 -0.96 -31.80 -35.95
CA LYS E 231 -2.33 -32.11 -35.49
C LYS E 231 -2.33 -32.03 -33.97
N GLY E 232 -3.51 -31.86 -33.39
CA GLY E 232 -3.69 -31.75 -31.93
C GLY E 232 -4.85 -32.58 -31.46
N GLY E 233 -4.98 -32.69 -30.16
CA GLY E 233 -6.17 -33.25 -29.54
C GLY E 233 -6.21 -32.86 -28.08
N VAL E 234 -7.31 -33.26 -27.47
CA VAL E 234 -7.62 -33.03 -26.06
C VAL E 234 -8.01 -34.40 -25.50
N ILE E 235 -7.42 -34.76 -24.39
CA ILE E 235 -7.82 -35.94 -23.58
C ILE E 235 -8.46 -35.44 -22.30
N VAL E 236 -9.59 -36.01 -21.92
CA VAL E 236 -10.29 -35.71 -20.67
C VAL E 236 -10.47 -37.05 -19.97
N ASP E 237 -10.11 -37.16 -18.70
CA ASP E 237 -10.31 -38.41 -17.92
C ASP E 237 -11.83 -38.60 -17.77
N GLU E 238 -12.24 -39.69 -17.14
CA GLU E 238 -13.69 -39.99 -16.93
C GLU E 238 -14.37 -38.99 -15.98
N SER E 239 -13.67 -38.49 -14.96
CA SER E 239 -14.29 -37.55 -13.96
C SER E 239 -14.48 -36.16 -14.60
N GLY E 240 -13.74 -35.83 -15.66
CA GLY E 240 -13.76 -34.47 -16.24
C GLY E 240 -12.65 -33.57 -15.67
N GLY E 241 -12.14 -33.92 -14.48
CA GLY E 241 -11.22 -33.08 -13.71
C GLY E 241 -9.83 -32.89 -14.33
N HIS E 242 -9.37 -33.82 -15.15
CA HIS E 242 -7.99 -33.89 -15.64
C HIS E 242 -7.99 -33.82 -17.15
N HIS E 243 -7.03 -33.13 -17.73
CA HIS E 243 -6.92 -33.08 -19.20
C HIS E 243 -5.47 -33.23 -19.64
N VAL E 244 -5.33 -33.50 -20.92
CA VAL E 244 -4.11 -33.25 -21.73
C VAL E 244 -4.53 -32.54 -22.99
N SER E 245 -3.77 -31.51 -23.34
CA SER E 245 -3.83 -30.87 -24.67
C SER E 245 -2.48 -31.09 -25.34
N TYR E 246 -2.45 -31.58 -26.57
CA TYR E 246 -1.18 -31.87 -27.26
C TYR E 246 -1.22 -31.39 -28.71
N SER E 247 -0.03 -31.15 -29.23
CA SER E 247 0.27 -30.94 -30.65
C SER E 247 1.47 -31.81 -31.05
N MET E 248 1.44 -32.36 -32.26
CA MET E 248 2.41 -33.37 -32.72
C MET E 248 2.65 -33.26 -34.21
N ILE E 249 3.88 -33.58 -34.61
CA ILE E 249 4.22 -33.88 -36.03
C ILE E 249 4.08 -35.40 -36.25
N ASP E 250 4.02 -35.77 -37.50
CA ASP E 250 4.03 -37.15 -37.98
C ASP E 250 5.46 -37.44 -38.41
N ARG E 251 6.29 -37.99 -37.51
CA ARG E 251 7.70 -38.37 -37.77
C ARG E 251 7.72 -39.21 -39.07
N GLY E 252 8.51 -38.82 -40.06
CA GLY E 252 8.50 -39.54 -41.36
C GLY E 252 7.31 -39.27 -42.28
N ALA E 253 6.48 -38.23 -42.07
CA ALA E 253 5.71 -37.63 -43.17
C ALA E 253 6.74 -36.90 -44.04
N LYS E 254 6.52 -36.87 -45.35
CA LYS E 254 7.34 -36.08 -46.31
C LYS E 254 6.81 -34.63 -46.33
N ASP E 255 7.67 -33.67 -46.63
CA ASP E 255 7.23 -32.26 -46.80
C ASP E 255 6.49 -32.09 -48.14
N ARG E 271 12.01 -13.65 -38.85
CA ARG E 271 11.79 -12.61 -37.79
C ARG E 271 12.95 -12.62 -36.79
N LEU E 272 13.25 -13.76 -36.14
CA LEU E 272 14.17 -13.86 -34.95
C LEU E 272 15.62 -13.56 -35.35
N LYS E 273 16.25 -12.59 -34.70
CA LYS E 273 17.70 -12.33 -34.88
C LYS E 273 18.50 -13.42 -34.20
N ASP E 274 17.95 -14.10 -33.18
CA ASP E 274 18.67 -15.24 -32.54
C ASP E 274 17.70 -16.40 -32.54
N PRO E 275 17.67 -17.17 -33.64
CA PRO E 275 16.81 -18.34 -33.75
C PRO E 275 17.09 -19.40 -32.68
N SER E 276 18.21 -19.33 -31.94
CA SER E 276 18.55 -20.35 -30.90
C SER E 276 17.42 -20.42 -29.84
N LEU E 277 16.63 -19.37 -29.65
CA LEU E 277 15.44 -19.38 -28.75
C LEU E 277 14.59 -20.63 -29.03
N LEU E 278 14.42 -21.05 -30.28
CA LEU E 278 13.48 -22.12 -30.70
C LEU E 278 14.23 -23.35 -31.21
N GLU E 279 15.56 -23.31 -31.29
CA GLU E 279 16.38 -24.53 -31.58
C GLU E 279 16.28 -25.46 -30.37
N GLY E 280 16.06 -26.73 -30.66
CA GLY E 280 15.67 -27.80 -29.74
C GLY E 280 16.28 -29.11 -30.20
N PHE E 281 15.93 -30.17 -29.55
CA PHE E 281 16.54 -31.49 -29.76
C PHE E 281 15.44 -32.50 -29.52
N GLU E 282 15.51 -33.64 -30.21
CA GLU E 282 14.58 -34.79 -30.03
C GLU E 282 14.97 -35.49 -28.74
N GLU E 283 14.03 -35.84 -27.87
CA GLU E 283 14.32 -36.52 -26.61
C GLU E 283 13.13 -37.36 -26.15
N PHE E 284 12.03 -37.41 -26.86
CA PHE E 284 10.87 -38.30 -26.55
C PHE E 284 10.71 -39.25 -27.76
N GLU E 285 10.20 -40.44 -27.53
CA GLU E 285 10.00 -41.45 -28.60
C GLU E 285 8.61 -41.19 -29.21
N ASP E 286 8.30 -39.95 -29.65
CA ASP E 286 7.00 -39.67 -30.29
C ASP E 286 7.08 -38.32 -31.01
N GLY E 287 6.00 -37.86 -31.66
CA GLY E 287 6.16 -36.59 -32.39
C GLY E 287 5.65 -35.40 -31.61
N VAL E 288 5.42 -35.58 -30.31
CA VAL E 288 4.70 -34.56 -29.50
C VAL E 288 5.62 -33.39 -29.22
N THR E 289 5.25 -32.20 -29.74
CA THR E 289 6.01 -30.92 -29.60
C THR E 289 5.49 -30.11 -28.42
N LEU E 290 4.28 -30.41 -27.98
CA LEU E 290 3.57 -29.67 -26.91
C LEU E 290 2.62 -30.61 -26.19
N GLN E 291 2.74 -30.70 -24.86
CA GLN E 291 1.80 -31.49 -24.02
C GLN E 291 1.60 -30.71 -22.72
N ILE E 292 0.38 -30.27 -22.48
CA ILE E 292 -0.07 -29.58 -21.24
C ILE E 292 -1.02 -30.54 -20.56
N LEU E 293 -0.78 -30.81 -19.28
CA LEU E 293 -1.60 -31.80 -18.54
C LEU E 293 -2.00 -31.14 -17.23
N SER E 294 -3.23 -31.33 -16.83
CA SER E 294 -3.83 -30.74 -15.61
C SER E 294 -4.38 -31.88 -14.79
N VAL E 295 -4.24 -31.75 -13.48
CA VAL E 295 -4.89 -32.65 -12.49
C VAL E 295 -5.62 -31.82 -11.48
N PHE E 296 -6.94 -32.04 -11.44
CA PHE E 296 -7.86 -31.35 -10.53
C PHE E 296 -7.30 -31.50 -9.11
N PRO E 297 -7.34 -30.44 -8.27
CA PRO E 297 -7.86 -29.11 -8.62
C PRO E 297 -6.83 -28.00 -8.94
N GLY E 298 -5.56 -28.33 -9.10
CA GLY E 298 -4.56 -27.25 -9.31
C GLY E 298 -3.16 -27.70 -9.64
N PHE E 299 -2.98 -28.80 -10.35
CA PHE E 299 -1.63 -29.28 -10.76
C PHE E 299 -1.51 -29.20 -12.29
N VAL E 300 -0.38 -28.73 -12.78
CA VAL E 300 -0.08 -28.68 -14.23
C VAL E 300 1.28 -29.28 -14.44
N LEU E 301 1.43 -30.11 -15.48
CA LEU E 301 2.75 -30.59 -15.94
C LEU E 301 2.85 -30.18 -17.39
N GLN E 302 3.94 -29.51 -17.78
CA GLN E 302 4.08 -28.99 -19.15
C GLN E 302 5.35 -29.52 -19.81
N GLN E 303 5.23 -29.83 -21.09
CA GLN E 303 6.36 -30.08 -22.01
C GLN E 303 6.09 -29.21 -23.25
N ILE E 304 6.88 -28.16 -23.45
CA ILE E 304 6.79 -27.29 -24.64
C ILE E 304 8.17 -27.38 -25.28
N GLN E 305 8.29 -28.11 -26.39
CA GLN E 305 9.61 -28.52 -26.95
C GLN E 305 10.46 -29.15 -25.84
N ASN E 306 11.61 -28.56 -25.46
CA ASN E 306 12.50 -29.06 -24.38
C ASN E 306 12.22 -28.29 -23.07
N SER E 307 11.18 -27.44 -23.02
CA SER E 307 10.82 -26.69 -21.79
C SER E 307 9.93 -27.55 -20.93
N ILE E 308 10.43 -27.98 -19.78
CA ILE E 308 9.67 -28.83 -18.83
C ILE E 308 9.39 -28.01 -17.56
N ALA E 309 8.19 -28.11 -17.02
CA ALA E 309 7.85 -27.46 -15.73
C ALA E 309 6.62 -28.11 -15.12
N VAL E 310 6.52 -27.88 -13.83
CA VAL E 310 5.32 -28.16 -13.01
C VAL E 310 4.77 -26.80 -12.56
N ARG E 311 3.47 -26.70 -12.41
CA ARG E 311 2.78 -25.54 -11.80
C ARG E 311 1.87 -26.02 -10.71
N GLN E 312 1.78 -25.21 -9.66
CA GLN E 312 0.84 -25.45 -8.55
C GLN E 312 -0.06 -24.22 -8.44
N LEU E 313 -1.38 -24.42 -8.53
CA LEU E 313 -2.38 -23.32 -8.46
C LEU E 313 -3.05 -23.33 -7.08
N LEU E 314 -2.97 -22.23 -6.34
CA LEU E 314 -3.58 -22.13 -4.99
C LEU E 314 -4.57 -21.00 -4.98
N PRO E 315 -5.73 -21.18 -4.30
CA PRO E 315 -6.67 -20.08 -4.11
C PRO E 315 -6.06 -19.17 -3.04
N LYS E 316 -6.25 -17.86 -3.13
CA LYS E 316 -5.81 -16.95 -2.05
C LYS E 316 -6.98 -16.15 -1.47
N SER E 317 -7.73 -15.45 -2.28
CA SER E 317 -8.93 -14.70 -1.85
C SER E 317 -9.94 -14.95 -2.97
N ILE E 318 -11.15 -14.45 -2.85
CA ILE E 318 -12.20 -14.72 -3.88
C ILE E 318 -11.71 -14.29 -5.24
N SER E 319 -10.96 -13.17 -5.33
CA SER E 319 -10.50 -12.63 -6.64
C SER E 319 -8.99 -12.64 -6.76
N SER E 320 -8.29 -13.55 -6.09
CA SER E 320 -6.83 -13.65 -6.23
C SER E 320 -6.39 -15.11 -6.09
N SER E 321 -5.32 -15.48 -6.78
CA SER E 321 -4.76 -16.84 -6.74
C SER E 321 -3.27 -16.77 -6.96
N GLU E 322 -2.60 -17.85 -6.64
CA GLU E 322 -1.14 -17.94 -6.72
C GLU E 322 -0.76 -19.12 -7.61
N LEU E 323 0.14 -18.86 -8.54
CA LEU E 323 0.68 -19.89 -9.43
C LEU E 323 2.18 -20.05 -9.16
N ASN E 324 2.56 -21.21 -8.66
CA ASN E 324 3.96 -21.52 -8.32
C ASN E 324 4.57 -22.37 -9.42
N TRP E 325 5.56 -21.84 -10.11
CA TRP E 325 6.33 -22.55 -11.17
C TRP E 325 7.53 -23.29 -10.57
N THR E 326 7.70 -24.54 -10.97
CA THR E 326 8.94 -25.33 -10.75
C THR E 326 9.51 -25.69 -12.12
N TYR E 327 10.55 -25.00 -12.57
CA TYR E 327 11.23 -25.28 -13.87
C TYR E 327 12.11 -26.49 -13.67
N LEU E 328 12.14 -27.41 -14.64
CA LEU E 328 12.85 -28.70 -14.55
C LEU E 328 13.84 -28.87 -15.69
N GLY E 329 14.99 -29.46 -15.36
CA GLY E 329 15.84 -30.14 -16.36
C GLY E 329 15.92 -31.61 -16.01
N TYR E 330 16.55 -32.43 -16.84
CA TYR E 330 16.83 -33.83 -16.46
C TYR E 330 18.21 -33.87 -15.81
N ALA E 331 18.39 -34.69 -14.78
CA ALA E 331 19.71 -34.81 -14.11
C ALA E 331 20.79 -35.17 -15.12
N ASP E 332 20.48 -35.86 -16.21
CA ASP E 332 21.49 -36.33 -17.18
C ASP E 332 21.78 -35.26 -18.26
N ASP E 333 21.21 -34.05 -18.21
CA ASP E 333 21.42 -33.04 -19.28
C ASP E 333 22.93 -32.78 -19.44
N SER E 334 23.41 -32.67 -20.66
CA SER E 334 24.71 -32.02 -20.96
C SER E 334 24.55 -30.50 -20.77
N ALA E 335 25.68 -29.80 -20.71
CA ALA E 335 25.73 -28.32 -20.63
C ALA E 335 24.89 -27.76 -21.77
N GLU E 336 25.04 -28.32 -22.97
CA GLU E 336 24.35 -27.79 -24.18
C GLU E 336 22.84 -28.06 -24.07
N GLN E 337 22.40 -29.21 -23.56
CA GLN E 337 20.95 -29.51 -23.48
C GLN E 337 20.31 -28.58 -22.43
N ARG E 338 21.00 -28.34 -21.32
CA ARG E 338 20.53 -27.50 -20.19
C ARG E 338 20.38 -26.08 -20.70
N LYS E 339 21.34 -25.61 -21.51
CA LYS E 339 21.28 -24.25 -22.07
C LYS E 339 20.08 -24.14 -23.00
N VAL E 340 19.77 -25.18 -23.76
CA VAL E 340 18.54 -25.16 -24.60
C VAL E 340 17.33 -24.93 -23.67
N ARG E 341 17.25 -25.60 -22.54
CA ARG E 341 16.09 -25.43 -21.60
C ARG E 341 16.09 -24.02 -21.02
N LEU E 342 17.24 -23.46 -20.69
CA LEU E 342 17.32 -22.10 -20.09
C LEU E 342 16.85 -21.07 -21.11
N LYS E 343 17.10 -21.29 -22.39
CA LYS E 343 16.65 -20.38 -23.48
C LYS E 343 15.17 -20.57 -23.72
N GLN E 344 14.72 -21.80 -23.80
CA GLN E 344 13.30 -22.06 -24.13
C GLN E 344 12.40 -21.69 -22.94
N ALA E 345 12.94 -21.50 -21.74
CA ALA E 345 12.18 -21.02 -20.57
C ALA E 345 11.63 -19.63 -20.85
N ASN E 346 12.22 -18.90 -21.80
CA ASN E 346 11.70 -17.57 -22.18
C ASN E 346 10.29 -17.71 -22.75
N LEU E 347 9.87 -18.92 -23.12
CA LEU E 347 8.52 -19.11 -23.71
C LEU E 347 7.46 -19.15 -22.58
N ILE E 348 7.87 -19.49 -21.35
CA ILE E 348 6.93 -19.82 -20.22
C ILE E 348 7.13 -18.85 -19.07
N GLY E 349 6.24 -18.98 -18.10
CA GLY E 349 6.36 -18.23 -16.85
C GLY E 349 5.83 -16.82 -17.01
N PRO E 350 6.13 -16.01 -16.00
CA PRO E 350 5.58 -14.69 -15.87
C PRO E 350 5.85 -13.75 -17.05
N ALA E 351 6.94 -13.93 -17.77
CA ALA E 351 7.37 -13.11 -18.92
C ALA E 351 7.38 -13.96 -20.19
N GLY E 352 6.64 -15.06 -20.24
CA GLY E 352 6.76 -16.03 -21.36
C GLY E 352 6.27 -15.42 -22.69
N PHE E 353 6.98 -15.64 -23.79
CA PHE E 353 6.45 -15.34 -25.16
C PHE E 353 5.07 -15.98 -25.38
N ILE E 354 4.82 -17.13 -24.75
CA ILE E 354 3.49 -17.82 -24.81
C ILE E 354 2.70 -17.52 -23.55
N SER E 355 3.25 -17.74 -22.37
CA SER E 355 2.37 -17.74 -21.18
C SER E 355 2.05 -16.32 -20.72
N MET E 356 2.62 -15.24 -21.30
CA MET E 356 2.61 -13.95 -20.54
C MET E 356 1.14 -13.57 -20.28
N GLU E 357 0.34 -13.59 -21.36
CA GLU E 357 -1.08 -13.23 -21.31
C GLU E 357 -1.88 -14.18 -20.42
N ASP E 358 -1.45 -15.44 -20.19
CA ASP E 358 -2.14 -16.38 -19.28
C ASP E 358 -2.24 -15.76 -17.87
N GLY E 359 -1.32 -14.87 -17.51
CA GLY E 359 -1.42 -14.19 -16.22
C GLY E 359 -2.51 -13.15 -16.17
N ALA E 360 -2.95 -12.59 -17.29
CA ALA E 360 -3.84 -11.39 -17.39
C ALA E 360 -5.27 -11.75 -17.84
N VAL E 361 -5.49 -12.81 -18.66
CA VAL E 361 -6.83 -13.05 -19.25
C VAL E 361 -7.81 -13.33 -18.14
N GLY E 362 -7.43 -14.07 -17.10
CA GLY E 362 -8.33 -14.33 -15.97
C GLY E 362 -8.84 -13.05 -15.35
N GLY E 363 -7.96 -12.09 -15.17
CA GLY E 363 -8.32 -10.77 -14.62
C GLY E 363 -9.24 -10.01 -15.53
N PHE E 364 -9.08 -10.16 -16.84
CA PHE E 364 -9.96 -9.50 -17.83
C PHE E 364 -11.38 -10.04 -17.63
N VAL E 365 -11.52 -11.31 -17.27
CA VAL E 365 -12.85 -11.93 -17.04
C VAL E 365 -13.37 -11.39 -15.70
N GLN E 366 -12.53 -11.46 -14.68
CA GLN E 366 -12.95 -11.03 -13.31
C GLN E 366 -13.53 -9.63 -13.42
N ARG E 367 -12.93 -8.76 -14.23
CA ARG E 367 -13.38 -7.36 -14.30
C ARG E 367 -14.56 -7.24 -15.28
N GLY E 368 -14.51 -7.98 -16.39
CA GLY E 368 -15.58 -7.87 -17.41
C GLY E 368 -16.97 -8.24 -16.85
N ILE E 369 -17.01 -9.09 -15.83
CA ILE E 369 -18.27 -9.61 -15.26
C ILE E 369 -18.69 -8.81 -14.02
N ALA E 370 -18.04 -7.68 -13.75
CA ALA E 370 -18.30 -6.88 -12.52
C ALA E 370 -19.80 -6.55 -12.36
N GLY E 371 -20.53 -6.28 -13.44
CA GLY E 371 -21.97 -5.95 -13.34
C GLY E 371 -22.87 -7.10 -13.77
N ALA E 372 -22.32 -8.29 -13.90
CA ALA E 372 -23.00 -9.44 -14.52
C ALA E 372 -23.01 -10.69 -13.63
N ALA E 373 -22.99 -10.54 -12.31
CA ALA E 373 -22.93 -11.69 -11.38
C ALA E 373 -24.10 -12.67 -11.68
N ASN E 374 -25.21 -12.20 -12.27
CA ASN E 374 -26.46 -12.99 -12.47
C ASN E 374 -26.49 -13.63 -13.87
N LEU E 375 -25.47 -13.44 -14.72
CA LEU E 375 -25.41 -13.98 -16.10
C LEU E 375 -24.47 -15.19 -16.17
N ASP E 376 -24.33 -15.77 -17.37
CA ASP E 376 -23.72 -17.10 -17.58
C ASP E 376 -22.66 -17.00 -18.68
N ALA E 377 -21.53 -17.66 -18.45
CA ALA E 377 -20.54 -17.93 -19.49
C ALA E 377 -21.15 -18.92 -20.49
N VAL E 378 -20.80 -18.77 -21.76
CA VAL E 378 -21.24 -19.68 -22.85
C VAL E 378 -20.05 -20.55 -23.23
N ILE E 379 -20.16 -21.87 -23.02
CA ILE E 379 -19.05 -22.82 -23.29
C ILE E 379 -19.55 -23.95 -24.21
N GLU E 380 -19.62 -23.69 -25.50
CA GLU E 380 -20.33 -24.58 -26.47
C GLU E 380 -19.40 -25.09 -27.58
N MET E 381 -18.15 -24.67 -27.65
CA MET E 381 -17.22 -25.18 -28.68
C MET E 381 -17.04 -26.70 -28.49
N GLY E 382 -17.28 -27.47 -29.55
CA GLY E 382 -17.21 -28.95 -29.55
C GLY E 382 -18.46 -29.56 -28.99
N GLY E 383 -19.55 -28.79 -28.85
CA GLY E 383 -20.87 -29.25 -28.37
C GLY E 383 -21.01 -29.17 -26.84
N ASP E 384 -21.70 -30.13 -26.22
CA ASP E 384 -21.93 -30.23 -24.75
C ASP E 384 -21.17 -31.46 -24.22
N HIS E 385 -20.27 -31.98 -25.05
CA HIS E 385 -19.28 -33.08 -24.83
C HIS E 385 -18.35 -32.72 -23.64
N GLU E 386 -18.00 -33.68 -22.79
CA GLU E 386 -16.94 -33.65 -21.76
C GLU E 386 -15.93 -34.79 -21.95
N GLY E 387 -15.76 -35.30 -23.17
CA GLY E 387 -14.85 -36.41 -23.49
C GLY E 387 -13.66 -35.97 -24.33
N SER E 388 -12.76 -36.90 -24.63
CA SER E 388 -11.59 -36.65 -25.51
C SER E 388 -12.05 -36.31 -26.92
N SER E 389 -11.26 -35.55 -27.67
CA SER E 389 -11.59 -35.08 -29.02
C SER E 389 -10.29 -34.98 -29.81
N GLU E 390 -10.38 -35.21 -31.13
CA GLU E 390 -9.35 -34.79 -32.11
C GLU E 390 -9.53 -33.30 -32.35
N GLY E 391 -8.44 -32.61 -32.63
CA GLY E 391 -8.43 -31.14 -32.73
C GLY E 391 -8.61 -30.45 -31.37
N ARG E 392 -8.46 -29.14 -31.38
CA ARG E 392 -8.32 -28.29 -30.19
C ARG E 392 -9.33 -27.12 -30.25
N ALA E 393 -10.10 -26.96 -31.34
CA ALA E 393 -11.16 -25.96 -31.44
C ALA E 393 -12.43 -26.46 -30.69
N THR E 394 -12.28 -26.71 -29.40
CA THR E 394 -13.26 -27.32 -28.49
C THR E 394 -13.05 -26.74 -27.08
N GLU E 395 -14.07 -26.83 -26.25
CA GLU E 395 -14.00 -26.46 -24.81
C GLU E 395 -14.35 -27.69 -23.99
N THR E 396 -14.25 -28.90 -24.57
CA THR E 396 -14.56 -30.16 -23.85
C THR E 396 -13.79 -30.24 -22.50
N SER E 397 -12.53 -29.86 -22.45
CA SER E 397 -11.71 -29.98 -21.21
C SER E 397 -12.13 -28.89 -20.19
N VAL E 398 -12.64 -27.75 -20.64
CA VAL E 398 -13.22 -26.71 -19.75
C VAL E 398 -14.54 -27.24 -19.17
N ARG E 399 -15.42 -27.83 -20.01
CA ARG E 399 -16.70 -28.40 -19.49
C ARG E 399 -16.38 -29.56 -18.53
N GLY E 400 -15.34 -30.36 -18.82
CA GLY E 400 -14.91 -31.43 -17.92
C GLY E 400 -14.62 -30.91 -16.54
N PHE E 401 -13.90 -29.78 -16.45
CA PHE E 401 -13.56 -29.18 -15.14
C PHE E 401 -14.86 -28.94 -14.37
N TRP E 402 -15.87 -28.33 -15.00
CA TRP E 402 -17.17 -28.02 -14.34
C TRP E 402 -17.93 -29.31 -14.00
N LYS E 403 -17.82 -30.33 -14.85
CA LYS E 403 -18.38 -31.66 -14.47
C LYS E 403 -17.76 -32.13 -13.14
N ALA E 404 -16.44 -32.14 -13.02
CA ALA E 404 -15.80 -32.66 -11.80
C ALA E 404 -16.12 -31.73 -10.65
N TYR E 405 -16.15 -30.42 -10.91
CA TYR E 405 -16.41 -29.40 -9.86
C TYR E 405 -17.81 -29.66 -9.28
N ARG E 406 -18.81 -29.78 -10.13
CA ARG E 406 -20.23 -29.91 -9.66
C ARG E 406 -20.41 -31.19 -8.85
N LYS E 407 -19.74 -32.27 -9.25
CA LYS E 407 -19.80 -33.54 -8.48
C LYS E 407 -19.21 -33.34 -7.08
N HIS E 408 -17.99 -32.78 -6.96
CA HIS E 408 -17.43 -32.56 -5.60
C HIS E 408 -18.31 -31.60 -4.79
N MET E 409 -18.85 -30.58 -5.46
CA MET E 409 -19.51 -29.48 -4.76
C MET E 409 -20.97 -29.83 -4.47
N GLY E 410 -21.49 -30.97 -4.93
CA GLY E 410 -22.92 -31.30 -4.75
C GLY E 410 -23.78 -30.32 -5.54
N GLN E 411 -23.36 -29.91 -6.75
CA GLN E 411 -24.11 -28.88 -7.56
C GLN E 411 -24.64 -29.50 -8.84
N GLU E 412 -24.83 -30.82 -8.86
CA GLU E 412 -25.59 -31.47 -9.97
C GLU E 412 -27.07 -31.07 -9.79
N MET E 413 -27.89 -31.21 -10.81
CA MET E 413 -29.38 -31.15 -10.67
C MET E 413 -29.81 -32.19 -9.60
N GLN E 414 -30.43 -31.73 -8.52
CA GLN E 414 -31.05 -32.63 -7.49
C GLN E 414 -32.49 -32.18 -7.13
N ALA E 415 -33.27 -33.06 -6.50
CA ALA E 415 -34.45 -32.69 -5.70
C ALA E 415 -35.40 -31.81 -6.57
N GLU E 416 -35.72 -30.59 -6.15
CA GLU E 416 -36.89 -29.82 -6.68
C GLU E 416 -36.67 -29.57 -8.17
N ASN E 417 -35.47 -29.13 -8.55
CA ASN E 417 -35.25 -28.63 -9.94
C ASN E 417 -35.28 -29.80 -10.90
N LEU E 418 -34.74 -30.92 -10.44
CA LEU E 418 -34.81 -32.16 -11.24
C LEU E 418 -36.28 -32.55 -11.38
N TYR E 419 -37.05 -32.41 -10.29
CA TYR E 419 -38.46 -32.86 -10.30
C TYR E 419 -39.25 -32.00 -11.31
N PHE E 420 -38.96 -30.69 -11.36
CA PHE E 420 -39.74 -29.74 -12.23
C PHE E 420 -39.48 -30.12 -13.69
N GLN E 421 -38.24 -30.44 -14.05
CA GLN E 421 -37.89 -31.03 -15.38
C GLN E 421 -38.61 -32.42 -15.58
N GLY E 422 -38.50 -33.40 -14.67
CA GLY E 422 -38.90 -34.79 -14.98
C GLY E 422 -40.30 -35.20 -14.53
N HIS E 423 -41.23 -34.27 -14.24
CA HIS E 423 -42.61 -34.59 -13.75
C HIS E 423 -43.64 -34.63 -14.91
N HIS E 424 -43.44 -35.52 -15.90
CA HIS E 424 -44.26 -35.61 -17.14
C HIS E 424 -44.63 -37.09 -17.40
N HIS E 425 -45.10 -37.42 -18.61
CA HIS E 425 -45.34 -38.81 -19.09
C HIS E 425 -45.51 -38.76 -20.63
N HIS E 426 -44.40 -38.74 -21.38
CA HIS E 426 -44.37 -38.21 -22.78
C HIS E 426 -45.12 -39.16 -23.75
N SER F 6 -31.75 -3.79 11.15
CA SER F 6 -31.47 -3.07 9.88
C SER F 6 -30.80 -1.71 10.19
N ILE F 7 -29.67 -1.44 9.55
CA ILE F 7 -28.95 -0.14 9.73
C ILE F 7 -29.35 0.87 8.63
N ILE F 8 -30.24 0.47 7.70
CA ILE F 8 -30.71 1.28 6.53
C ILE F 8 -32.20 1.59 6.68
N GLN F 9 -32.76 1.40 7.89
CA GLN F 9 -34.16 1.72 8.26
C GLN F 9 -34.33 3.24 8.18
N TRP F 10 -35.21 3.75 7.32
CA TRP F 10 -35.54 5.19 7.26
C TRP F 10 -36.45 5.54 8.47
N HIS F 11 -36.28 6.73 9.05
CA HIS F 11 -37.00 7.22 10.25
C HIS F 11 -38.36 7.86 9.88
N GLY F 12 -38.70 8.09 8.61
CA GLY F 12 -39.89 8.88 8.22
C GLY F 12 -40.04 9.06 6.72
N ALA F 13 -41.18 9.58 6.25
CA ALA F 13 -41.45 9.89 4.83
C ALA F 13 -40.56 11.05 4.35
N THR F 14 -40.16 11.92 5.27
CA THR F 14 -39.33 13.11 5.07
C THR F 14 -37.86 12.67 4.93
N ASN F 15 -36.97 13.56 4.50
CA ASN F 15 -35.51 13.28 4.38
C ASN F 15 -34.71 14.17 5.30
N THR F 16 -35.28 14.54 6.44
CA THR F 16 -34.59 15.37 7.46
C THR F 16 -33.71 14.43 8.31
N ARG F 17 -33.89 13.12 8.19
CA ARG F 17 -33.06 12.09 8.87
C ARG F 17 -32.60 11.05 7.83
N VAL F 18 -31.30 10.75 7.80
CA VAL F 18 -30.73 9.75 6.84
C VAL F 18 -30.00 8.74 7.70
N PRO F 19 -30.32 7.44 7.55
CA PRO F 19 -29.64 6.42 8.34
C PRO F 19 -28.17 6.23 7.89
N PHE F 20 -27.26 6.30 8.83
CA PHE F 20 -25.82 6.24 8.55
C PHE F 20 -25.45 4.88 7.93
N GLY F 21 -26.20 3.84 8.24
CA GLY F 21 -26.02 2.51 7.62
C GLY F 21 -26.09 2.53 6.10
N ILE F 22 -26.72 3.54 5.52
CA ILE F 22 -26.82 3.68 4.03
C ILE F 22 -25.41 3.80 3.39
N TYR F 23 -24.42 4.23 4.17
CA TYR F 23 -23.04 4.46 3.69
C TYR F 23 -22.15 3.24 3.89
N THR F 24 -22.64 2.17 4.55
CA THR F 24 -21.79 0.99 4.87
C THR F 24 -22.45 -0.34 4.49
N ASP F 25 -23.74 -0.38 4.24
CA ASP F 25 -24.45 -1.67 4.02
C ASP F 25 -24.17 -2.16 2.59
N THR F 26 -23.54 -3.33 2.47
CA THR F 26 -23.01 -3.82 1.17
C THR F 26 -24.13 -4.43 0.35
N ALA F 27 -25.09 -5.11 0.96
CA ALA F 27 -26.29 -5.62 0.23
C ALA F 27 -26.98 -4.41 -0.42
N ASN F 28 -27.12 -3.31 0.31
CA ASN F 28 -27.79 -2.08 -0.19
C ASN F 28 -26.96 -1.51 -1.36
N ALA F 29 -25.63 -1.58 -1.29
CA ALA F 29 -24.75 -1.10 -2.38
C ALA F 29 -25.04 -1.90 -3.63
N ASP F 30 -25.22 -3.22 -3.50
CA ASP F 30 -25.54 -4.10 -4.67
C ASP F 30 -26.91 -3.70 -5.25
N GLN F 31 -27.90 -3.38 -4.40
CA GLN F 31 -29.21 -2.90 -4.88
C GLN F 31 -29.00 -1.55 -5.62
N GLU F 32 -28.10 -0.67 -5.18
CA GLU F 32 -27.85 0.62 -5.89
C GLU F 32 -27.39 0.29 -7.32
N GLN F 33 -26.57 -0.75 -7.53
CA GLN F 33 -26.09 -1.11 -8.89
C GLN F 33 -27.30 -1.55 -9.73
N GLN F 34 -28.18 -2.36 -9.17
CA GLN F 34 -29.38 -2.91 -9.89
C GLN F 34 -30.40 -1.80 -10.11
N ARG F 35 -30.69 -1.00 -9.12
CA ARG F 35 -31.86 -0.08 -9.18
C ARG F 35 -31.48 1.33 -9.54
N ILE F 36 -30.23 1.75 -9.29
CA ILE F 36 -29.80 3.11 -9.73
C ILE F 36 -29.00 2.96 -11.01
N TYR F 37 -27.78 2.42 -10.95
CA TYR F 37 -26.85 2.58 -12.10
C TYR F 37 -27.41 1.84 -13.32
N ARG F 38 -27.98 0.64 -13.14
CA ARG F 38 -28.60 -0.14 -14.25
C ARG F 38 -30.13 0.08 -14.25
N GLY F 39 -30.63 1.11 -13.58
CA GLY F 39 -32.06 1.46 -13.54
C GLY F 39 -32.40 2.68 -14.39
N GLU F 40 -33.39 3.42 -13.94
CA GLU F 40 -34.02 4.51 -14.74
CA GLU F 40 -34.03 4.51 -14.72
C GLU F 40 -33.21 5.79 -14.54
N VAL F 41 -31.92 5.75 -14.89
CA VAL F 41 -31.06 6.95 -14.79
C VAL F 41 -30.30 7.11 -16.10
N TRP F 42 -29.74 8.28 -16.25
CA TRP F 42 -28.73 8.61 -17.26
C TRP F 42 -27.37 8.73 -16.54
N ASN F 43 -26.42 7.93 -16.96
CA ASN F 43 -25.02 7.84 -16.47
C ASN F 43 -24.16 8.66 -17.42
N TYR F 44 -23.38 9.61 -16.91
CA TYR F 44 -22.49 10.42 -17.76
C TYR F 44 -21.32 9.56 -18.23
N LEU F 45 -21.10 9.57 -19.53
CA LEU F 45 -20.04 8.74 -20.16
C LEU F 45 -18.84 9.60 -20.58
N CYS F 46 -19.00 10.62 -21.40
CA CYS F 46 -17.91 11.43 -21.92
C CYS F 46 -18.49 12.65 -22.68
N LEU F 47 -17.62 13.48 -23.22
CA LEU F 47 -18.02 14.59 -24.13
C LEU F 47 -17.98 14.14 -25.59
N GLU F 48 -18.87 14.71 -26.41
CA GLU F 48 -18.81 14.56 -27.88
C GLU F 48 -17.44 14.93 -28.41
N SER F 49 -16.86 16.01 -27.92
CA SER F 49 -15.56 16.51 -28.44
C SER F 49 -14.43 15.50 -28.12
N GLU F 50 -14.65 14.57 -27.19
CA GLU F 50 -13.65 13.53 -26.86
C GLU F 50 -13.75 12.38 -27.87
N ILE F 51 -14.89 12.18 -28.54
CA ILE F 51 -15.03 11.13 -29.59
C ILE F 51 -15.57 11.78 -30.86
N PRO F 52 -14.84 12.73 -31.46
CA PRO F 52 -15.40 13.54 -32.56
C PRO F 52 -15.59 12.76 -33.86
N GLY F 53 -14.69 11.83 -34.16
CA GLY F 53 -14.67 11.18 -35.48
C GLY F 53 -15.13 9.72 -35.43
N ALA F 54 -15.50 9.17 -36.59
CA ALA F 54 -16.00 7.78 -36.75
C ALA F 54 -14.92 6.84 -36.19
N GLY F 55 -15.29 5.90 -35.32
CA GLY F 55 -14.35 4.91 -34.73
C GLY F 55 -13.75 5.38 -33.41
N ASP F 56 -13.82 6.66 -33.08
CA ASP F 56 -13.26 7.17 -31.79
C ASP F 56 -14.07 6.59 -30.66
N PHE F 57 -13.39 6.08 -29.63
CA PHE F 57 -14.06 5.45 -28.45
C PHE F 57 -13.30 5.84 -27.20
N ARG F 58 -14.03 5.73 -26.08
CA ARG F 58 -13.49 5.74 -24.72
C ARG F 58 -14.08 4.55 -23.98
N THR F 59 -13.39 4.09 -22.94
CA THR F 59 -13.96 3.15 -21.97
C THR F 59 -14.21 3.88 -20.67
N THR F 60 -15.25 3.51 -19.94
CA THR F 60 -15.60 4.14 -18.65
C THR F 60 -16.50 3.15 -17.92
N PHE F 61 -17.31 3.65 -17.00
CA PHE F 61 -18.15 2.82 -16.14
C PHE F 61 -19.51 3.51 -16.04
N ALA F 62 -20.52 2.68 -15.87
CA ALA F 62 -21.82 3.08 -15.35
C ALA F 62 -21.97 2.32 -14.04
N GLY F 63 -21.80 3.03 -12.95
CA GLY F 63 -21.61 2.40 -11.63
C GLY F 63 -20.45 1.44 -11.67
N GLU F 64 -20.65 0.18 -11.30
CA GLU F 64 -19.55 -0.86 -11.27
C GLU F 64 -19.33 -1.41 -12.68
N THR F 65 -20.24 -1.15 -13.64
CA THR F 65 -20.31 -1.90 -14.92
C THR F 65 -19.44 -1.20 -15.95
N PRO F 66 -18.40 -1.86 -16.49
CA PRO F 66 -17.55 -1.19 -17.49
C PRO F 66 -18.32 -1.02 -18.81
N ILE F 67 -18.03 0.06 -19.54
CA ILE F 67 -18.79 0.55 -20.71
C ILE F 67 -17.81 0.94 -21.82
N VAL F 68 -18.19 0.66 -23.05
CA VAL F 68 -17.53 1.23 -24.25
C VAL F 68 -18.49 2.27 -24.83
N VAL F 69 -17.98 3.44 -25.18
CA VAL F 69 -18.79 4.50 -25.86
C VAL F 69 -18.00 4.92 -27.11
N VAL F 70 -18.64 4.96 -28.28
CA VAL F 70 -17.96 5.04 -29.61
C VAL F 70 -18.83 5.79 -30.61
N ARG F 71 -18.17 6.57 -31.46
CA ARG F 71 -18.78 7.30 -32.60
C ARG F 71 -18.77 6.35 -33.80
N ASP F 72 -19.87 6.25 -34.52
CA ASP F 72 -19.93 5.47 -35.78
C ASP F 72 -19.97 6.43 -36.98
N ALA F 73 -19.95 5.89 -38.20
CA ALA F 73 -19.84 6.64 -39.48
C ALA F 73 -21.09 7.48 -39.72
N ASP F 74 -22.22 7.12 -39.13
CA ASP F 74 -23.50 7.90 -39.20
C ASP F 74 -23.41 9.15 -38.30
N GLN F 75 -22.29 9.37 -37.58
CA GLN F 75 -22.08 10.50 -36.64
C GLN F 75 -22.90 10.30 -35.36
N GLU F 76 -23.58 9.17 -35.18
CA GLU F 76 -24.25 8.85 -33.90
C GLU F 76 -23.24 8.19 -32.94
N ILE F 77 -23.58 8.20 -31.67
CA ILE F 77 -22.78 7.61 -30.57
C ILE F 77 -23.52 6.38 -30.03
N TYR F 78 -22.78 5.28 -29.88
CA TYR F 78 -23.29 4.01 -29.31
C TYR F 78 -22.50 3.69 -28.05
N ALA F 79 -23.14 2.91 -27.20
CA ALA F 79 -22.54 2.48 -25.93
C ALA F 79 -23.03 1.07 -25.65
N PHE F 80 -22.15 0.25 -25.11
CA PHE F 80 -22.48 -1.14 -24.70
C PHE F 80 -21.55 -1.54 -23.55
N GLU F 81 -21.99 -2.53 -22.83
CA GLU F 81 -21.28 -3.12 -21.69
C GLU F 81 -19.98 -3.73 -22.22
N ASN F 82 -18.87 -3.43 -21.54
CA ASN F 82 -17.53 -3.89 -21.96
C ASN F 82 -17.30 -5.34 -21.46
N ARG F 83 -18.14 -6.28 -21.90
CA ARG F 83 -18.17 -7.68 -21.42
C ARG F 83 -18.41 -8.56 -22.64
N CYS F 84 -17.42 -9.34 -23.00
CA CYS F 84 -17.50 -10.32 -24.09
C CYS F 84 -18.57 -11.38 -23.76
N ALA F 85 -19.39 -11.71 -24.74
CA ALA F 85 -20.57 -12.60 -24.59
C ALA F 85 -20.15 -14.06 -24.56
N HIS F 86 -18.86 -14.33 -24.72
CA HIS F 86 -18.29 -15.70 -24.61
C HIS F 86 -18.12 -16.05 -23.12
N ARG F 87 -16.94 -15.71 -22.53
CA ARG F 87 -16.60 -16.07 -21.13
C ARG F 87 -16.42 -14.82 -20.26
N GLY F 88 -16.81 -13.62 -20.74
CA GLY F 88 -17.00 -12.43 -19.89
C GLY F 88 -15.80 -11.47 -19.84
N ALA F 89 -14.74 -11.66 -20.62
CA ALA F 89 -13.59 -10.76 -20.62
C ALA F 89 -13.98 -9.35 -21.08
N LEU F 90 -13.28 -8.36 -20.51
CA LEU F 90 -13.25 -7.01 -21.07
C LEU F 90 -12.93 -7.13 -22.56
N ILE F 91 -13.70 -6.42 -23.40
CA ILE F 91 -13.54 -6.39 -24.88
C ILE F 91 -12.50 -5.32 -25.21
N ALA F 92 -12.70 -4.08 -24.80
CA ALA F 92 -11.76 -2.98 -25.11
C ALA F 92 -10.88 -2.79 -23.87
N LEU F 93 -9.57 -2.88 -24.01
CA LEU F 93 -8.59 -2.78 -22.89
C LEU F 93 -8.00 -1.36 -22.76
N GLU F 94 -8.21 -0.48 -23.73
CA GLU F 94 -7.59 0.90 -23.77
C GLU F 94 -8.61 1.92 -23.28
N LYS F 95 -8.12 2.98 -22.63
CA LYS F 95 -8.93 4.11 -22.10
C LYS F 95 -9.58 4.82 -23.29
N SER F 96 -8.89 4.89 -24.42
CA SER F 96 -9.36 5.62 -25.62
C SER F 96 -8.60 5.11 -26.84
N GLY F 97 -9.15 5.37 -28.02
CA GLY F 97 -8.52 4.96 -29.28
C GLY F 97 -9.48 5.21 -30.44
N ARG F 98 -9.19 4.60 -31.56
CA ARG F 98 -9.99 4.69 -32.77
C ARG F 98 -9.98 3.30 -33.40
N THR F 99 -11.13 2.74 -33.75
CA THR F 99 -11.11 1.38 -34.31
C THR F 99 -12.26 1.23 -35.30
N ASP F 100 -12.14 0.26 -36.20
CA ASP F 100 -13.22 -0.23 -37.10
C ASP F 100 -14.17 -1.11 -36.28
N SER F 101 -13.62 -2.11 -35.61
CA SER F 101 -14.39 -3.05 -34.79
C SER F 101 -13.61 -3.37 -33.49
N PHE F 102 -14.35 -3.90 -32.54
CA PHE F 102 -13.81 -4.28 -31.21
C PHE F 102 -13.55 -5.76 -31.26
N GLN F 103 -12.46 -6.19 -30.65
CA GLN F 103 -12.15 -7.63 -30.66
C GLN F 103 -11.75 -8.06 -29.25
N CYS F 104 -12.42 -9.05 -28.69
CA CYS F 104 -11.99 -9.65 -27.40
C CYS F 104 -10.69 -10.40 -27.63
N VAL F 105 -9.64 -10.11 -26.85
CA VAL F 105 -8.28 -10.69 -27.10
C VAL F 105 -8.28 -12.16 -26.69
N TYR F 106 -9.25 -12.61 -25.86
CA TYR F 106 -9.10 -13.96 -25.26
C TYR F 106 -9.30 -15.05 -26.35
N HIS F 107 -10.43 -15.05 -27.05
CA HIS F 107 -10.65 -16.03 -28.17
C HIS F 107 -11.18 -15.33 -29.43
N ALA F 108 -10.79 -14.09 -29.62
CA ALA F 108 -10.92 -13.33 -30.86
C ALA F 108 -12.39 -13.25 -31.31
N TRP F 109 -13.34 -13.05 -30.44
CA TRP F 109 -14.71 -12.72 -30.87
C TRP F 109 -14.70 -11.23 -31.23
N SER F 110 -15.34 -10.86 -32.34
CA SER F 110 -15.35 -9.52 -32.96
C SER F 110 -16.74 -8.90 -32.76
N TYR F 111 -16.80 -7.62 -32.47
CA TYR F 111 -18.04 -6.83 -32.22
C TYR F 111 -18.00 -5.60 -33.13
N ASN F 112 -19.16 -5.16 -33.64
CA ASN F 112 -19.23 -3.87 -34.39
C ASN F 112 -19.36 -2.76 -33.33
N ARG F 113 -19.49 -1.52 -33.79
CA ARG F 113 -19.50 -0.34 -32.90
C ARG F 113 -20.82 -0.26 -32.13
N GLN F 114 -21.82 -1.10 -32.45
CA GLN F 114 -23.09 -1.14 -31.69
C GLN F 114 -22.96 -2.17 -30.56
N GLY F 115 -21.95 -3.04 -30.60
CA GLY F 115 -21.90 -4.14 -29.60
C GLY F 115 -22.45 -5.45 -30.13
N ASP F 116 -22.77 -5.56 -31.43
CA ASP F 116 -23.28 -6.83 -32.03
C ASP F 116 -22.06 -7.73 -32.23
N LEU F 117 -22.22 -9.01 -31.93
CA LEU F 117 -21.21 -10.04 -32.22
C LEU F 117 -21.21 -10.30 -33.72
N THR F 118 -20.12 -10.01 -34.42
CA THR F 118 -19.99 -10.13 -35.89
C THR F 118 -19.03 -11.26 -36.27
N GLY F 119 -18.27 -11.83 -35.34
CA GLY F 119 -17.30 -12.86 -35.71
C GLY F 119 -16.92 -13.68 -34.50
N VAL F 120 -16.83 -15.00 -34.68
CA VAL F 120 -16.46 -15.97 -33.63
C VAL F 120 -15.32 -16.79 -34.20
N ALA F 121 -14.14 -16.71 -33.62
CA ALA F 121 -12.95 -17.45 -34.12
C ALA F 121 -13.24 -18.95 -34.10
N PHE F 122 -12.96 -19.60 -35.22
CA PHE F 122 -13.08 -21.05 -35.43
C PHE F 122 -14.55 -21.47 -35.26
N GLU F 123 -15.49 -20.60 -35.57
CA GLU F 123 -16.93 -20.90 -35.40
C GLU F 123 -17.30 -22.22 -36.10
N LYS F 124 -16.71 -22.47 -37.25
CA LYS F 124 -17.02 -23.67 -38.09
C LYS F 124 -15.91 -24.70 -37.91
N GLY F 125 -15.12 -24.56 -36.86
CA GLY F 125 -14.07 -25.52 -36.51
C GLY F 125 -12.78 -25.25 -37.27
N VAL F 126 -11.84 -26.17 -37.17
CA VAL F 126 -10.49 -26.13 -37.80
C VAL F 126 -10.30 -27.48 -38.46
N LYS F 127 -10.06 -27.47 -39.77
CA LYS F 127 -9.95 -28.70 -40.62
C LYS F 127 -11.15 -29.61 -40.39
N GLY F 128 -12.36 -29.05 -40.31
CA GLY F 128 -13.63 -29.80 -40.14
C GLY F 128 -13.83 -30.47 -38.77
N GLN F 129 -13.07 -30.10 -37.73
CA GLN F 129 -13.24 -30.63 -36.35
C GLN F 129 -13.59 -29.50 -35.39
N GLY F 130 -14.48 -29.76 -34.43
CA GLY F 130 -14.80 -28.81 -33.35
C GLY F 130 -15.62 -27.64 -33.90
N GLY F 131 -15.55 -26.47 -33.28
CA GLY F 131 -16.44 -25.35 -33.65
C GLY F 131 -17.76 -25.46 -32.94
N MET F 132 -18.63 -24.49 -33.19
CA MET F 132 -19.92 -24.35 -32.50
C MET F 132 -20.90 -25.36 -33.07
N PRO F 133 -21.92 -25.78 -32.31
CA PRO F 133 -22.99 -26.61 -32.88
C PRO F 133 -23.81 -25.78 -33.90
N ALA F 134 -24.52 -26.50 -34.77
CA ALA F 134 -25.52 -25.99 -35.73
C ALA F 134 -26.47 -25.00 -35.05
N SER F 135 -26.91 -25.29 -33.82
CA SER F 135 -27.86 -24.43 -33.04
C SER F 135 -27.26 -23.08 -32.65
N PHE F 136 -25.95 -22.86 -32.76
CA PHE F 136 -25.30 -21.62 -32.24
C PHE F 136 -25.54 -20.50 -33.25
N CYS F 137 -26.05 -19.37 -32.80
CA CYS F 137 -26.34 -18.23 -33.70
CA CYS F 137 -26.33 -18.22 -33.71
C CYS F 137 -25.75 -16.95 -33.05
N LYS F 138 -24.83 -16.29 -33.74
CA LYS F 138 -24.09 -15.09 -33.22
C LYS F 138 -25.07 -14.03 -32.75
N GLU F 139 -26.16 -13.83 -33.50
CA GLU F 139 -27.12 -12.72 -33.29
C GLU F 139 -27.83 -12.93 -31.96
N GLU F 140 -27.74 -14.10 -31.34
CA GLU F 140 -28.38 -14.36 -30.01
C GLU F 140 -27.42 -14.02 -28.84
N HIS F 141 -26.19 -13.59 -29.11
CA HIS F 141 -25.15 -13.40 -28.07
C HIS F 141 -24.58 -11.98 -28.21
N GLY F 142 -24.47 -11.27 -27.09
CA GLY F 142 -23.89 -9.92 -27.14
C GLY F 142 -23.96 -9.26 -25.78
N PRO F 143 -23.05 -8.30 -25.51
CA PRO F 143 -23.14 -7.51 -24.29
C PRO F 143 -24.45 -6.72 -24.29
N ARG F 144 -24.90 -6.27 -23.11
CA ARG F 144 -26.08 -5.41 -23.02
C ARG F 144 -25.71 -4.09 -23.69
N LYS F 145 -26.60 -3.59 -24.53
CA LYS F 145 -26.45 -2.26 -25.17
C LYS F 145 -27.08 -1.22 -24.28
N LEU F 146 -26.51 -0.02 -24.29
CA LEU F 146 -27.11 1.13 -23.61
C LEU F 146 -27.86 1.99 -24.62
N ARG F 147 -28.93 2.60 -24.15
CA ARG F 147 -29.50 3.81 -24.78
C ARG F 147 -28.48 4.92 -24.55
N VAL F 148 -28.19 5.68 -25.58
CA VAL F 148 -27.37 6.92 -25.54
C VAL F 148 -28.25 8.14 -25.76
N ALA F 149 -28.05 9.19 -24.97
CA ALA F 149 -28.60 10.53 -25.21
C ALA F 149 -27.43 11.51 -25.16
N VAL F 150 -27.51 12.58 -25.94
CA VAL F 150 -26.51 13.68 -26.01
C VAL F 150 -27.27 14.98 -25.66
N PHE F 151 -26.60 15.89 -25.00
CA PHE F 151 -27.21 17.18 -24.64
C PHE F 151 -26.09 18.20 -24.54
N CYS F 152 -26.06 19.11 -25.52
CA CYS F 152 -25.06 20.20 -25.56
C CYS F 152 -23.63 19.64 -25.42
N GLY F 153 -23.38 18.50 -26.08
CA GLY F 153 -22.00 17.94 -26.13
C GLY F 153 -21.79 16.89 -25.04
N LEU F 154 -22.73 16.75 -24.10
CA LEU F 154 -22.60 15.73 -23.03
C LEU F 154 -23.19 14.41 -23.56
N VAL F 155 -22.56 13.27 -23.26
CA VAL F 155 -23.02 11.93 -23.69
C VAL F 155 -23.39 11.12 -22.45
N PHE F 156 -24.63 10.68 -22.36
CA PHE F 156 -25.19 9.90 -21.25
C PHE F 156 -25.63 8.53 -21.80
N GLY F 157 -25.63 7.53 -20.95
CA GLY F 157 -26.04 6.15 -21.23
C GLY F 157 -26.95 5.59 -20.15
N SER F 158 -27.91 4.75 -20.53
CA SER F 158 -28.82 4.04 -19.62
C SER F 158 -28.99 2.60 -20.08
N PHE F 159 -29.12 1.70 -19.12
CA PHE F 159 -29.50 0.29 -19.36
C PHE F 159 -31.03 0.16 -19.53
N SER F 160 -31.81 1.18 -19.17
CA SER F 160 -33.28 1.04 -19.01
C SER F 160 -34.02 1.48 -20.27
N GLU F 161 -34.93 0.64 -20.75
CA GLU F 161 -35.83 0.96 -21.90
C GLU F 161 -36.83 2.03 -21.48
N ASP F 162 -37.08 2.16 -20.17
CA ASP F 162 -38.18 3.00 -19.62
C ASP F 162 -37.69 4.37 -19.14
N VAL F 163 -36.40 4.66 -19.12
CA VAL F 163 -35.92 5.98 -18.61
C VAL F 163 -36.50 7.05 -19.52
N PRO F 164 -36.97 8.20 -19.01
CA PRO F 164 -37.42 9.28 -19.88
C PRO F 164 -36.30 9.80 -20.80
N SER F 165 -36.67 10.57 -21.82
CA SER F 165 -35.74 11.33 -22.71
C SER F 165 -34.79 12.12 -21.82
N ILE F 166 -33.59 12.44 -22.29
CA ILE F 166 -32.64 13.26 -21.45
C ILE F 166 -33.30 14.61 -21.07
N GLU F 167 -34.08 15.24 -21.96
CA GLU F 167 -34.73 16.56 -21.69
C GLU F 167 -35.74 16.41 -20.55
N ASP F 168 -36.54 15.36 -20.58
CA ASP F 168 -37.57 15.15 -19.53
C ASP F 168 -36.88 14.74 -18.24
N TYR F 169 -35.82 13.92 -18.30
CA TYR F 169 -35.09 13.47 -17.10
C TYR F 169 -34.49 14.69 -16.40
N LEU F 170 -33.84 15.57 -17.15
CA LEU F 170 -33.16 16.76 -16.57
C LEU F 170 -34.22 17.76 -16.06
N GLY F 171 -35.30 17.94 -16.86
CA GLY F 171 -36.27 19.00 -16.65
C GLY F 171 -35.77 20.31 -17.24
N PRO F 172 -36.70 21.25 -17.41
CA PRO F 172 -36.45 22.44 -18.20
C PRO F 172 -35.43 23.37 -17.58
N GLU F 173 -35.43 23.51 -16.25
CA GLU F 173 -34.50 24.46 -15.60
C GLU F 173 -33.05 23.95 -15.72
N ILE F 174 -32.85 22.65 -15.50
CA ILE F 174 -31.49 22.06 -15.59
C ILE F 174 -31.04 22.18 -17.06
N CYS F 175 -31.91 21.84 -18.02
CA CYS F 175 -31.60 22.00 -19.47
C CYS F 175 -31.06 23.41 -19.77
N GLU F 176 -31.77 24.46 -19.37
CA GLU F 176 -31.39 25.86 -19.63
C GLU F 176 -30.03 26.15 -18.97
N ARG F 177 -29.83 25.65 -17.75
CA ARG F 177 -28.61 25.99 -16.96
C ARG F 177 -27.41 25.27 -17.57
N ILE F 178 -27.60 24.07 -18.13
CA ILE F 178 -26.51 23.38 -18.87
C ILE F 178 -26.20 24.17 -20.15
N GLU F 179 -27.23 24.51 -20.94
CA GLU F 179 -27.09 25.15 -22.27
C GLU F 179 -26.36 26.47 -22.09
N ARG F 180 -26.62 27.17 -20.98
CA ARG F 180 -25.95 28.46 -20.64
C ARG F 180 -24.42 28.30 -20.65
N VAL F 181 -23.89 27.19 -20.14
CA VAL F 181 -22.41 26.98 -20.15
C VAL F 181 -21.99 26.34 -21.48
N LEU F 182 -22.71 25.31 -21.93
CA LEU F 182 -22.21 24.47 -23.05
C LEU F 182 -22.84 24.93 -24.38
N HIS F 183 -23.02 26.23 -24.57
CA HIS F 183 -23.69 26.85 -25.74
C HIS F 183 -22.79 26.82 -26.98
N LYS F 184 -21.49 26.53 -26.85
CA LYS F 184 -20.55 26.48 -28.00
C LYS F 184 -19.54 25.36 -27.76
N PRO F 185 -18.76 24.98 -28.78
CA PRO F 185 -17.86 23.82 -28.64
C PRO F 185 -16.84 24.03 -27.51
N VAL F 186 -16.61 22.97 -26.71
CA VAL F 186 -15.62 22.95 -25.59
C VAL F 186 -14.44 22.07 -26.02
N GLU F 187 -13.29 22.25 -25.39
CA GLU F 187 -12.04 21.50 -25.66
C GLU F 187 -11.54 21.04 -24.29
N VAL F 188 -11.15 19.76 -24.18
CA VAL F 188 -10.51 19.27 -22.93
C VAL F 188 -9.14 19.96 -22.81
N ILE F 189 -8.88 20.62 -21.68
CA ILE F 189 -7.54 21.18 -21.41
C ILE F 189 -6.79 20.41 -20.32
N GLY F 190 -7.38 19.35 -19.77
CA GLY F 190 -6.69 18.48 -18.83
C GLY F 190 -7.62 17.49 -18.16
N ARG F 191 -7.06 16.35 -17.78
CA ARG F 191 -7.82 15.31 -17.02
C ARG F 191 -7.05 14.97 -15.76
N PHE F 192 -7.76 14.84 -14.64
CA PHE F 192 -7.22 14.42 -13.33
C PHE F 192 -8.29 13.61 -12.62
N THR F 193 -7.88 12.54 -11.97
CA THR F 193 -8.77 11.70 -11.11
C THR F 193 -8.38 11.90 -9.64
N GLN F 194 -9.38 12.01 -8.79
CA GLN F 194 -9.23 11.94 -7.33
C GLN F 194 -9.83 10.64 -6.83
N LYS F 195 -9.07 9.81 -6.13
CA LYS F 195 -9.65 8.66 -5.40
C LYS F 195 -10.12 9.11 -4.00
N LEU F 196 -11.43 9.06 -3.78
CA LEU F 196 -12.05 9.60 -2.55
C LEU F 196 -12.23 8.45 -1.58
N PRO F 197 -11.77 8.60 -0.32
CA PRO F 197 -11.91 7.53 0.69
C PRO F 197 -13.30 7.66 1.35
N ASN F 198 -14.36 7.56 0.56
CA ASN F 198 -15.75 7.63 1.07
C ASN F 198 -16.67 6.97 0.05
N ASN F 199 -17.76 6.43 0.58
CA ASN F 199 -18.96 6.06 -0.20
C ASN F 199 -19.28 7.19 -1.19
N TRP F 200 -19.63 6.84 -2.39
CA TRP F 200 -19.96 7.81 -3.47
C TRP F 200 -20.98 8.85 -2.98
N LYS F 201 -21.95 8.43 -2.18
CA LYS F 201 -23.11 9.31 -1.88
C LYS F 201 -22.64 10.52 -1.08
N LEU F 202 -21.61 10.34 -0.24
CA LEU F 202 -21.09 11.47 0.57
C LEU F 202 -20.50 12.56 -0.33
N TYR F 203 -19.86 12.21 -1.45
CA TYR F 203 -19.32 13.24 -2.37
C TYR F 203 -20.50 13.90 -3.09
N PHE F 204 -21.47 13.12 -3.56
CA PHE F 204 -22.60 13.69 -4.33
C PHE F 204 -23.44 14.62 -3.45
N GLU F 205 -23.65 14.24 -2.17
CA GLU F 205 -24.30 15.15 -1.21
C GLU F 205 -23.47 16.42 -1.11
N ASN F 206 -22.15 16.26 -1.01
CA ASN F 206 -21.24 17.42 -0.84
C ASN F 206 -21.44 18.43 -1.98
N VAL F 207 -21.48 17.96 -3.22
CA VAL F 207 -21.67 18.86 -4.41
C VAL F 207 -23.00 19.64 -4.28
N LYS F 208 -24.02 18.98 -3.73
CA LYS F 208 -25.37 19.58 -3.53
C LYS F 208 -25.44 20.43 -2.26
N ASP F 209 -24.39 20.49 -1.46
CA ASP F 209 -24.46 21.09 -0.09
C ASP F 209 -24.14 22.58 -0.19
N SER F 210 -25.15 23.42 -0.49
CA SER F 210 -24.98 24.89 -0.58
C SER F 210 -24.61 25.44 0.81
N TYR F 211 -25.10 24.82 1.87
CA TYR F 211 -24.80 25.17 3.27
C TYR F 211 -23.26 25.19 3.48
N HIS F 212 -22.55 24.12 3.11
CA HIS F 212 -21.08 24.03 3.40
C HIS F 212 -20.25 25.06 2.61
N ALA F 213 -20.66 25.51 1.42
CA ALA F 213 -19.77 26.19 0.45
C ALA F 213 -18.94 27.32 1.09
N SER F 214 -19.55 28.18 1.90
CA SER F 214 -18.87 29.36 2.53
C SER F 214 -18.13 29.00 3.83
N LEU F 215 -18.38 27.81 4.38
CA LEU F 215 -18.02 27.40 5.77
C LEU F 215 -16.82 26.44 5.78
N LEU F 216 -16.90 25.34 5.03
CA LEU F 216 -15.76 24.42 4.81
C LEU F 216 -14.61 25.13 4.06
N HIS F 217 -14.92 25.95 3.04
CA HIS F 217 -13.93 26.69 2.18
C HIS F 217 -13.83 28.16 2.61
N MET F 218 -12.81 28.46 3.43
CA MET F 218 -12.58 29.82 4.01
C MET F 218 -11.70 30.63 3.04
N PHE F 219 -11.78 30.35 1.73
CA PHE F 219 -10.86 30.98 0.75
C PHE F 219 -11.24 32.45 0.50
N PHE F 220 -12.40 32.83 -0.09
CA PHE F 220 -12.76 34.28 -0.28
C PHE F 220 -12.81 35.04 1.07
N THR F 221 -13.09 34.31 2.17
CA THR F 221 -13.39 34.85 3.53
C THR F 221 -12.25 34.46 4.49
N SER F 229 -21.10 42.15 -1.50
CA SER F 229 -22.54 41.77 -1.49
C SER F 229 -22.92 41.14 -2.85
N GLN F 230 -23.52 39.95 -2.81
CA GLN F 230 -24.16 39.32 -3.98
C GLN F 230 -25.02 38.15 -3.49
N LYS F 231 -26.07 37.86 -4.25
CA LYS F 231 -27.17 36.94 -3.86
C LYS F 231 -27.04 35.62 -4.64
N GLY F 232 -27.70 34.58 -4.15
CA GLY F 232 -27.68 33.26 -4.77
C GLY F 232 -28.95 32.49 -4.51
N GLY F 233 -29.03 31.29 -5.08
CA GLY F 233 -30.16 30.40 -4.87
C GLY F 233 -29.78 28.98 -5.13
N VAL F 234 -30.74 28.11 -4.91
CA VAL F 234 -30.70 26.68 -5.16
C VAL F 234 -31.92 26.35 -6.00
N ILE F 235 -31.71 25.65 -7.11
CA ILE F 235 -32.76 25.04 -7.94
C ILE F 235 -32.70 23.54 -7.75
N VAL F 236 -33.86 22.90 -7.57
CA VAL F 236 -33.98 21.44 -7.51
C VAL F 236 -35.01 21.04 -8.56
N ASP F 237 -34.72 20.07 -9.41
CA ASP F 237 -35.70 19.61 -10.43
C ASP F 237 -36.87 18.95 -9.68
N GLU F 238 -37.86 18.43 -10.40
CA GLU F 238 -39.07 17.81 -9.81
C GLU F 238 -38.73 16.49 -9.11
N SER F 239 -37.79 15.70 -9.63
CA SER F 239 -37.44 14.39 -9.00
C SER F 239 -36.65 14.61 -7.71
N GLY F 240 -35.99 15.75 -7.52
CA GLY F 240 -35.05 15.97 -6.39
C GLY F 240 -33.59 15.61 -6.76
N GLY F 241 -33.39 14.81 -7.81
CA GLY F 241 -32.06 14.24 -8.11
C GLY F 241 -31.07 15.24 -8.66
N HIS F 242 -31.53 16.35 -9.24
CA HIS F 242 -30.66 17.32 -9.96
C HIS F 242 -30.73 18.68 -9.27
N HIS F 243 -29.63 19.39 -9.19
CA HIS F 243 -29.65 20.74 -8.56
C HIS F 243 -28.81 21.71 -9.36
N VAL F 244 -29.05 22.99 -9.07
CA VAL F 244 -28.11 24.08 -9.37
C VAL F 244 -27.96 24.90 -8.12
N SER F 245 -26.73 25.26 -7.80
CA SER F 245 -26.42 26.30 -6.79
C SER F 245 -25.74 27.43 -7.54
N TYR F 246 -26.21 28.67 -7.39
CA TYR F 246 -25.71 29.80 -8.21
C TYR F 246 -25.54 31.04 -7.33
N SER F 247 -24.67 31.93 -7.82
CA SER F 247 -24.30 33.19 -7.14
C SER F 247 -24.02 34.23 -8.22
N MET F 248 -24.40 35.49 -7.97
CA MET F 248 -24.41 36.61 -8.95
C MET F 248 -24.40 37.95 -8.21
N ILE F 249 -24.16 39.06 -8.92
CA ILE F 249 -23.90 40.39 -8.30
C ILE F 249 -25.21 41.19 -8.21
N ARG F 271 -3.59 41.31 -0.01
CA ARG F 271 -3.80 39.94 0.52
C ARG F 271 -3.12 38.91 -0.40
N LEU F 272 -3.51 38.81 -1.67
CA LEU F 272 -2.81 38.03 -2.74
C LEU F 272 -1.67 38.88 -3.28
N LYS F 273 -0.44 38.36 -3.32
CA LYS F 273 0.68 39.06 -4.01
C LYS F 273 0.47 39.01 -5.53
N ASP F 274 -0.27 38.02 -6.05
CA ASP F 274 -0.56 37.94 -7.50
C ASP F 274 -2.07 37.82 -7.64
N PRO F 275 -2.78 38.97 -7.67
CA PRO F 275 -4.23 38.98 -7.83
C PRO F 275 -4.68 38.39 -9.18
N SER F 276 -3.77 38.17 -10.15
CA SER F 276 -4.13 37.58 -11.47
C SER F 276 -4.84 36.22 -11.30
N LEU F 277 -4.65 35.52 -10.19
CA LEU F 277 -5.38 34.28 -9.85
C LEU F 277 -6.87 34.46 -10.12
N LEU F 278 -7.45 35.62 -9.78
CA LEU F 278 -8.91 35.87 -9.75
C LEU F 278 -9.29 36.92 -10.78
N GLU F 279 -8.35 37.44 -11.56
CA GLU F 279 -8.68 38.28 -12.75
C GLU F 279 -9.34 37.37 -13.78
N GLY F 280 -10.40 37.88 -14.37
CA GLY F 280 -11.35 37.17 -15.21
C GLY F 280 -11.89 38.10 -16.28
N PHE F 281 -12.84 37.60 -17.05
CA PHE F 281 -13.37 38.35 -18.20
C PHE F 281 -14.84 37.97 -18.28
N GLU F 282 -15.66 38.85 -18.84
CA GLU F 282 -17.12 38.64 -19.03
C GLU F 282 -17.30 37.68 -20.22
N GLU F 283 -18.14 36.67 -20.09
CA GLU F 283 -18.48 35.79 -21.21
C GLU F 283 -19.88 35.21 -21.04
N PHE F 284 -20.59 35.46 -19.94
CA PHE F 284 -22.00 35.02 -19.81
C PHE F 284 -22.90 36.26 -19.78
N GLU F 285 -24.04 36.18 -20.46
CA GLU F 285 -25.02 37.28 -20.65
C GLU F 285 -25.52 37.74 -19.25
N ASP F 286 -26.00 36.82 -18.41
CA ASP F 286 -26.42 37.12 -17.01
C ASP F 286 -25.19 37.57 -16.22
N GLY F 287 -25.31 37.88 -14.94
CA GLY F 287 -24.10 38.23 -14.17
C GLY F 287 -23.67 37.08 -13.27
N VAL F 288 -23.92 35.83 -13.68
CA VAL F 288 -23.77 34.68 -12.74
C VAL F 288 -22.29 34.32 -12.69
N THR F 289 -21.67 34.45 -11.52
CA THR F 289 -20.21 34.26 -11.32
C THR F 289 -19.91 32.85 -10.81
N LEU F 290 -20.91 32.12 -10.33
CA LEU F 290 -20.77 30.72 -9.92
C LEU F 290 -22.05 29.95 -10.27
N GLN F 291 -21.88 28.82 -10.95
CA GLN F 291 -22.97 27.86 -11.16
C GLN F 291 -22.42 26.45 -11.02
N ILE F 292 -22.89 25.72 -10.00
CA ILE F 292 -22.60 24.28 -9.80
C ILE F 292 -23.90 23.55 -10.10
N LEU F 293 -23.85 22.56 -10.98
CA LEU F 293 -25.05 21.82 -11.43
C LEU F 293 -24.75 20.33 -11.32
N SER F 294 -25.68 19.55 -10.79
CA SER F 294 -25.54 18.12 -10.55
C SER F 294 -26.68 17.40 -11.29
N VAL F 295 -26.36 16.25 -11.87
CA VAL F 295 -27.36 15.34 -12.46
C VAL F 295 -27.18 13.93 -11.88
N PHE F 296 -28.21 13.45 -11.21
CA PHE F 296 -28.28 12.13 -10.58
C PHE F 296 -27.90 11.09 -11.62
N PRO F 297 -27.07 10.08 -11.31
CA PRO F 297 -26.46 9.89 -9.99
C PRO F 297 -25.00 10.29 -9.79
N GLY F 298 -24.38 11.02 -10.74
CA GLY F 298 -22.93 11.27 -10.59
C GLY F 298 -22.34 12.24 -11.55
N PHE F 299 -23.10 13.18 -12.11
CA PHE F 299 -22.61 14.19 -13.08
C PHE F 299 -22.57 15.56 -12.44
N VAL F 300 -21.48 16.30 -12.66
CA VAL F 300 -21.34 17.71 -12.20
C VAL F 300 -20.87 18.55 -13.36
N LEU F 301 -21.52 19.71 -13.57
CA LEU F 301 -21.01 20.74 -14.50
C LEU F 301 -20.73 21.98 -13.65
N GLN F 302 -19.51 22.49 -13.72
CA GLN F 302 -19.14 23.67 -12.90
C GLN F 302 -18.72 24.85 -13.78
N GLN F 303 -19.15 26.03 -13.37
CA GLN F 303 -18.66 27.32 -13.86
C GLN F 303 -18.33 28.16 -12.62
N ILE F 304 -17.05 28.40 -12.37
CA ILE F 304 -16.61 29.30 -11.27
C ILE F 304 -15.76 30.38 -11.92
N GLN F 305 -16.33 31.58 -12.04
CA GLN F 305 -15.79 32.65 -12.94
C GLN F 305 -15.60 32.06 -14.34
N ASN F 306 -14.37 32.02 -14.85
CA ASN F 306 -14.03 31.47 -16.18
C ASN F 306 -13.54 30.01 -16.07
N SER F 307 -13.57 29.40 -14.88
CA SER F 307 -13.16 27.99 -14.68
C SER F 307 -14.36 27.08 -14.97
N ILE F 308 -14.27 26.36 -16.07
CA ILE F 308 -15.31 25.42 -16.54
C ILE F 308 -14.74 24.01 -16.39
N ALA F 309 -15.56 23.09 -15.89
CA ALA F 309 -15.21 21.65 -15.84
C ALA F 309 -16.47 20.81 -15.76
N VAL F 310 -16.26 19.57 -16.10
CA VAL F 310 -17.20 18.47 -15.83
C VAL F 310 -16.54 17.53 -14.82
N ARG F 311 -17.35 16.90 -13.98
CA ARG F 311 -16.88 15.79 -13.09
C ARG F 311 -17.80 14.59 -13.28
N GLN F 312 -17.20 13.41 -13.18
CA GLN F 312 -17.91 12.13 -13.21
C GLN F 312 -17.61 11.39 -11.90
N LEU F 313 -18.63 11.08 -11.11
CA LEU F 313 -18.49 10.36 -9.82
C LEU F 313 -18.85 8.90 -9.99
N LEU F 314 -17.92 7.99 -9.65
CA LEU F 314 -18.19 6.51 -9.81
C LEU F 314 -18.03 5.85 -8.46
N PRO F 315 -18.89 4.87 -8.11
CA PRO F 315 -18.70 4.06 -6.91
C PRO F 315 -17.54 3.10 -7.21
N LYS F 316 -16.72 2.80 -6.22
CA LYS F 316 -15.67 1.80 -6.37
C LYS F 316 -15.84 0.66 -5.37
N SER F 317 -15.94 0.93 -4.10
CA SER F 317 -16.15 -0.10 -3.03
C SER F 317 -17.10 0.57 -2.04
N ILE F 318 -17.53 -0.12 -1.00
CA ILE F 318 -18.52 0.49 -0.07
C ILE F 318 -18.00 1.83 0.46
N SER F 319 -16.69 1.95 0.70
CA SER F 319 -16.09 3.14 1.35
C SER F 319 -15.08 3.81 0.43
N SER F 320 -15.24 3.69 -0.89
CA SER F 320 -14.32 4.34 -1.86
C SER F 320 -15.09 4.75 -3.10
N SER F 321 -14.71 5.88 -3.69
CA SER F 321 -15.28 6.36 -4.96
C SER F 321 -14.21 7.09 -5.76
N GLU F 322 -14.53 7.31 -7.00
CA GLU F 322 -13.62 7.94 -7.96
C GLU F 322 -14.27 9.17 -8.53
N LEU F 323 -13.54 10.27 -8.52
CA LEU F 323 -13.99 11.53 -9.12
C LEU F 323 -13.09 11.87 -10.29
N ASN F 324 -13.64 11.84 -11.50
CA ASN F 324 -12.86 12.11 -12.72
C ASN F 324 -13.19 13.55 -13.16
N TRP F 325 -12.17 14.39 -13.20
CA TRP F 325 -12.27 15.79 -13.67
C TRP F 325 -11.92 15.88 -15.15
N THR F 326 -12.75 16.58 -15.89
CA THR F 326 -12.44 17.01 -17.27
C THR F 326 -12.45 18.54 -17.27
N TYR F 327 -11.27 19.17 -17.33
CA TYR F 327 -11.13 20.65 -17.35
C TYR F 327 -11.43 21.11 -18.76
N LEU F 328 -12.16 22.21 -18.91
CA LEU F 328 -12.63 22.66 -20.26
C LEU F 328 -12.19 24.09 -20.55
N GLY F 329 -11.84 24.34 -21.79
CA GLY F 329 -11.91 25.67 -22.40
C GLY F 329 -12.97 25.67 -23.50
N TYR F 330 -13.25 26.83 -24.10
CA TYR F 330 -14.02 26.86 -25.37
C TYR F 330 -13.05 26.76 -26.54
N ALA F 331 -13.40 26.03 -27.59
CA ALA F 331 -12.52 25.86 -28.77
C ALA F 331 -12.16 27.25 -29.38
N ASP F 332 -12.96 28.27 -29.18
CA ASP F 332 -12.74 29.64 -29.73
C ASP F 332 -11.94 30.51 -28.74
N ASP F 333 -11.43 30.01 -27.62
CA ASP F 333 -10.64 30.84 -26.67
C ASP F 333 -9.44 31.47 -27.38
N SER F 334 -9.17 32.74 -27.14
CA SER F 334 -7.82 33.34 -27.42
C SER F 334 -6.80 32.79 -26.42
N ALA F 335 -5.52 32.94 -26.75
CA ALA F 335 -4.37 32.63 -25.86
C ALA F 335 -4.62 33.28 -24.50
N GLU F 336 -5.07 34.52 -24.50
CA GLU F 336 -5.21 35.30 -23.23
C GLU F 336 -6.37 34.72 -22.40
N GLN F 337 -7.50 34.40 -23.03
CA GLN F 337 -8.65 33.83 -22.28
C GLN F 337 -8.24 32.45 -21.70
N ARG F 338 -7.52 31.64 -22.47
CA ARG F 338 -7.14 30.25 -22.09
C ARG F 338 -6.20 30.35 -20.87
N LYS F 339 -5.28 31.32 -20.89
CA LYS F 339 -4.35 31.53 -19.76
C LYS F 339 -5.16 31.88 -18.51
N VAL F 340 -6.21 32.69 -18.66
CA VAL F 340 -7.09 32.98 -17.49
C VAL F 340 -7.64 31.66 -16.94
N ARG F 341 -8.08 30.75 -17.79
CA ARG F 341 -8.70 29.48 -17.30
C ARG F 341 -7.63 28.62 -16.63
N LEU F 342 -6.41 28.58 -17.18
CA LEU F 342 -5.33 27.75 -16.62
C LEU F 342 -4.96 28.30 -15.23
N LYS F 343 -5.04 29.62 -15.02
CA LYS F 343 -4.75 30.22 -13.69
C LYS F 343 -5.90 29.96 -12.73
N GLN F 344 -7.11 30.18 -13.17
CA GLN F 344 -8.29 30.00 -12.26
C GLN F 344 -8.50 28.54 -11.92
N ALA F 345 -7.94 27.60 -12.68
CA ALA F 345 -8.01 26.15 -12.36
C ALA F 345 -7.40 25.86 -11.00
N ASN F 346 -6.55 26.76 -10.50
CA ASN F 346 -5.97 26.61 -9.14
C ASN F 346 -7.07 26.58 -8.09
N LEU F 347 -8.31 27.00 -8.45
CA LEU F 347 -9.43 27.00 -7.48
C LEU F 347 -9.99 25.60 -7.31
N ILE F 348 -9.81 24.71 -8.31
CA ILE F 348 -10.61 23.45 -8.45
C ILE F 348 -9.64 22.27 -8.46
N GLY F 349 -10.20 21.09 -8.43
CA GLY F 349 -9.44 19.84 -8.61
C GLY F 349 -8.80 19.43 -7.30
N PRO F 350 -7.91 18.44 -7.39
CA PRO F 350 -7.36 17.82 -6.18
C PRO F 350 -6.64 18.78 -5.23
N ALA F 351 -6.05 19.86 -5.76
CA ALA F 351 -5.28 20.86 -4.97
C ALA F 351 -6.02 22.19 -4.99
N GLY F 352 -7.33 22.20 -5.23
CA GLY F 352 -8.04 23.50 -5.46
C GLY F 352 -8.11 24.31 -4.18
N PHE F 353 -7.88 25.62 -4.25
CA PHE F 353 -8.10 26.52 -3.09
C PHE F 353 -9.52 26.35 -2.54
N ILE F 354 -10.49 25.99 -3.38
CA ILE F 354 -11.83 25.55 -2.93
C ILE F 354 -11.89 24.03 -2.82
N SER F 355 -11.66 23.29 -3.88
CA SER F 355 -12.19 21.91 -3.90
C SER F 355 -11.30 20.96 -3.11
N MET F 356 -10.12 21.39 -2.62
CA MET F 356 -9.17 20.49 -1.90
C MET F 356 -9.96 19.80 -0.79
N GLU F 357 -10.62 20.59 0.05
CA GLU F 357 -11.36 20.11 1.25
C GLU F 357 -12.49 19.16 0.84
N ASP F 358 -13.10 19.34 -0.35
CA ASP F 358 -14.20 18.46 -0.85
C ASP F 358 -13.71 17.02 -0.99
N GLY F 359 -12.44 16.82 -1.30
CA GLY F 359 -11.89 15.47 -1.38
C GLY F 359 -11.79 14.77 -0.02
N ALA F 360 -11.66 15.53 1.08
CA ALA F 360 -11.40 14.97 2.41
C ALA F 360 -12.68 14.88 3.30
N VAL F 361 -13.61 15.84 3.20
CA VAL F 361 -14.76 15.90 4.17
C VAL F 361 -15.57 14.62 4.13
N GLY F 362 -15.79 14.02 2.95
CA GLY F 362 -16.50 12.73 2.85
C GLY F 362 -15.89 11.68 3.75
N GLY F 363 -14.56 11.62 3.75
CA GLY F 363 -13.79 10.67 4.56
C GLY F 363 -13.99 10.98 6.04
N PHE F 364 -14.05 12.26 6.40
CA PHE F 364 -14.24 12.65 7.81
C PHE F 364 -15.58 12.10 8.29
N VAL F 365 -16.59 12.06 7.40
CA VAL F 365 -17.93 11.52 7.75
C VAL F 365 -17.79 10.01 7.88
N GLN F 366 -17.22 9.39 6.85
CA GLN F 366 -17.08 7.93 6.81
C GLN F 366 -16.47 7.47 8.15
N ARG F 367 -15.45 8.17 8.64
CA ARG F 367 -14.73 7.74 9.87
C ARG F 367 -15.51 8.17 11.12
N GLY F 368 -16.11 9.35 11.09
CA GLY F 368 -16.88 9.89 12.23
C GLY F 368 -18.03 8.98 12.63
N ILE F 369 -18.60 8.24 11.67
CA ILE F 369 -19.80 7.38 11.90
C ILE F 369 -19.38 5.94 12.17
N ALA F 370 -18.11 5.65 12.33
CA ALA F 370 -17.62 4.24 12.43
C ALA F 370 -18.38 3.46 13.53
N GLY F 371 -18.72 4.12 14.66
CA GLY F 371 -19.47 3.46 15.76
C GLY F 371 -20.95 3.80 15.78
N ALA F 372 -21.47 4.39 14.70
CA ALA F 372 -22.81 5.00 14.66
C ALA F 372 -23.66 4.47 13.50
N ALA F 373 -23.46 3.23 13.04
CA ALA F 373 -24.20 2.66 11.90
C ALA F 373 -25.72 2.75 12.17
N ASN F 374 -26.16 2.78 13.44
CA ASN F 374 -27.60 2.70 13.84
C ASN F 374 -28.15 4.11 14.08
N LEU F 375 -27.39 5.18 13.89
CA LEU F 375 -27.86 6.58 14.10
C LEU F 375 -28.12 7.29 12.77
N ASP F 376 -28.55 8.55 12.83
CA ASP F 376 -29.14 9.30 11.69
C ASP F 376 -28.44 10.65 11.53
N ALA F 377 -28.13 11.01 10.30
CA ALA F 377 -27.76 12.37 9.92
C ALA F 377 -28.97 13.27 10.11
N VAL F 378 -28.73 14.53 10.51
CA VAL F 378 -29.75 15.59 10.68
C VAL F 378 -29.65 16.56 9.50
N ILE F 379 -30.70 16.64 8.69
CA ILE F 379 -30.71 17.48 7.47
C ILE F 379 -31.94 18.38 7.47
N GLU F 380 -31.89 19.46 8.25
CA GLU F 380 -33.09 20.28 8.56
C GLU F 380 -32.94 21.74 8.13
N MET F 381 -31.80 22.15 7.59
CA MET F 381 -31.62 23.55 7.13
C MET F 381 -32.60 23.82 5.97
N GLY F 382 -33.40 24.90 6.07
CA GLY F 382 -34.47 25.23 5.09
C GLY F 382 -35.72 24.37 5.24
N GLY F 383 -35.88 23.66 6.37
CA GLY F 383 -37.08 22.87 6.71
C GLY F 383 -37.00 21.40 6.24
N ASP F 384 -38.12 20.82 5.76
CA ASP F 384 -38.19 19.45 5.19
C ASP F 384 -38.48 19.54 3.68
N HIS F 385 -38.35 20.74 3.14
CA HIS F 385 -38.46 21.17 1.72
C HIS F 385 -37.47 20.38 0.84
N GLU F 386 -37.88 19.95 -0.36
CA GLU F 386 -37.00 19.43 -1.46
C GLU F 386 -37.16 20.26 -2.75
N GLY F 387 -37.54 21.54 -2.64
CA GLY F 387 -37.74 22.43 -3.80
C GLY F 387 -36.69 23.52 -3.90
N SER F 388 -36.77 24.30 -4.98
CA SER F 388 -35.95 25.53 -5.15
C SER F 388 -36.16 26.55 -4.02
N SER F 389 -35.15 27.38 -3.76
CA SER F 389 -35.12 28.39 -2.68
C SER F 389 -34.22 29.53 -3.15
N GLU F 390 -34.56 30.76 -2.77
CA GLU F 390 -33.63 31.91 -2.75
C GLU F 390 -32.73 31.72 -1.53
N GLY F 391 -31.49 32.18 -1.61
CA GLY F 391 -30.48 31.96 -0.57
C GLY F 391 -29.99 30.51 -0.56
N ARG F 392 -28.89 30.29 0.16
CA ARG F 392 -28.08 29.05 0.11
C ARG F 392 -27.87 28.44 1.50
N ALA F 393 -28.40 29.06 2.58
CA ALA F 393 -28.40 28.49 3.96
C ALA F 393 -29.57 27.50 4.08
N THR F 394 -29.54 26.47 3.23
CA THR F 394 -30.54 25.38 3.12
C THR F 394 -29.84 24.08 2.76
N GLU F 395 -30.51 22.94 2.99
CA GLU F 395 -30.06 21.60 2.58
C GLU F 395 -31.12 21.01 1.68
N THR F 396 -31.96 21.85 1.07
CA THR F 396 -33.06 21.39 0.17
C THR F 396 -32.51 20.49 -0.93
N SER F 397 -31.37 20.84 -1.53
CA SER F 397 -30.81 20.04 -2.67
C SER F 397 -30.23 18.72 -2.17
N VAL F 398 -29.75 18.68 -0.91
CA VAL F 398 -29.32 17.42 -0.26
C VAL F 398 -30.56 16.52 -0.04
N ARG F 399 -31.64 17.05 0.53
CA ARG F 399 -32.87 16.26 0.76
C ARG F 399 -33.42 15.80 -0.61
N GLY F 400 -33.34 16.64 -1.64
CA GLY F 400 -33.76 16.27 -3.00
C GLY F 400 -33.06 14.98 -3.46
N PHE F 401 -31.76 14.88 -3.23
CA PHE F 401 -30.94 13.70 -3.60
C PHE F 401 -31.60 12.46 -2.98
N TRP F 402 -31.92 12.52 -1.67
CA TRP F 402 -32.46 11.36 -0.94
C TRP F 402 -33.88 11.05 -1.43
N LYS F 403 -34.65 12.06 -1.78
CA LYS F 403 -35.98 11.82 -2.39
C LYS F 403 -35.78 11.01 -3.68
N ALA F 404 -34.91 11.42 -4.60
CA ALA F 404 -34.74 10.68 -5.87
C ALA F 404 -34.16 9.29 -5.56
N TYR F 405 -33.24 9.23 -4.60
CA TYR F 405 -32.57 7.95 -4.23
C TYR F 405 -33.64 6.93 -3.74
N ARG F 406 -34.48 7.37 -2.80
CA ARG F 406 -35.46 6.47 -2.13
C ARG F 406 -36.46 5.96 -3.16
N LYS F 407 -36.81 6.78 -4.15
CA LYS F 407 -37.76 6.38 -5.22
C LYS F 407 -37.10 5.28 -6.03
N HIS F 408 -35.89 5.49 -6.57
CA HIS F 408 -35.23 4.43 -7.37
C HIS F 408 -35.04 3.16 -6.51
N MET F 409 -34.73 3.33 -5.24
CA MET F 409 -34.32 2.19 -4.38
C MET F 409 -35.55 1.51 -3.76
N GLY F 410 -36.78 2.02 -3.95
CA GLY F 410 -37.98 1.45 -3.29
C GLY F 410 -37.90 1.59 -1.77
N GLN F 411 -37.37 2.71 -1.23
CA GLN F 411 -37.28 2.95 0.23
C GLN F 411 -38.19 4.14 0.67
N GLU F 412 -39.18 4.50 -0.12
CA GLU F 412 -40.08 5.63 0.26
C GLU F 412 -41.03 5.15 1.36
N MET F 413 -41.34 6.00 2.35
CA MET F 413 -42.37 5.75 3.40
C MET F 413 -43.48 6.77 3.10
N GLN F 414 -44.75 6.45 3.38
CA GLN F 414 -45.95 7.14 2.81
C GLN F 414 -46.13 8.59 3.32
N LYS G 1 44.26 25.26 0.85
CA LYS G 1 45.00 25.70 -0.33
C LYS G 1 45.44 27.13 -0.04
N VAL G 2 46.64 27.49 -0.49
CA VAL G 2 47.09 28.91 -0.53
C VAL G 2 46.90 29.40 -1.96
N PHE G 3 46.00 30.37 -2.13
CA PHE G 3 45.83 31.03 -3.44
C PHE G 3 47.02 31.96 -3.73
N GLY G 4 47.38 32.12 -5.02
CA GLY G 4 48.09 33.30 -5.51
C GLY G 4 47.21 34.54 -5.43
N ARG G 5 47.77 35.75 -5.33
CA ARG G 5 46.97 37.00 -5.34
C ARG G 5 46.09 37.05 -6.58
N CYS G 6 46.68 36.95 -7.76
CA CYS G 6 45.93 37.11 -9.05
C CYS G 6 45.01 35.89 -9.26
N GLU G 7 45.46 34.69 -8.88
CA GLU G 7 44.59 33.48 -8.97
C GLU G 7 43.27 33.73 -8.24
N LEU G 8 43.37 34.29 -7.04
CA LEU G 8 42.16 34.57 -6.21
C LEU G 8 41.36 35.69 -6.85
N ALA G 9 42.04 36.71 -7.41
CA ALA G 9 41.31 37.83 -8.05
C ALA G 9 40.42 37.27 -9.15
N ALA G 10 40.94 36.37 -9.96
CA ALA G 10 40.27 35.86 -11.16
C ALA G 10 39.11 35.00 -10.69
N ALA G 11 39.32 34.24 -9.61
CA ALA G 11 38.28 33.32 -9.10
C ALA G 11 37.13 34.17 -8.52
N MET G 12 37.47 35.25 -7.83
CA MET G 12 36.45 36.10 -7.19
C MET G 12 35.71 36.86 -8.30
N LYS G 13 36.42 37.21 -9.36
CA LYS G 13 35.80 37.92 -10.48
C LYS G 13 34.77 37.02 -11.16
N ARG G 14 35.18 35.80 -11.50
CA ARG G 14 34.34 34.73 -12.11
C ARG G 14 33.12 34.40 -11.21
N HIS G 15 33.16 34.54 -9.88
CA HIS G 15 31.97 34.35 -8.99
C HIS G 15 31.21 35.66 -8.77
N GLY G 16 31.48 36.70 -9.56
CA GLY G 16 30.64 37.90 -9.68
C GLY G 16 30.84 38.91 -8.56
N LEU G 17 32.01 38.96 -7.90
CA LEU G 17 32.25 39.89 -6.77
C LEU G 17 32.68 41.29 -7.24
N ASP G 18 33.10 41.51 -8.49
CA ASP G 18 33.61 42.86 -8.88
C ASP G 18 32.45 43.86 -8.75
N ASN G 19 32.50 44.81 -7.82
CA ASN G 19 31.42 45.80 -7.59
C ASN G 19 30.13 45.18 -7.05
N TYR G 20 30.19 44.01 -6.43
CA TYR G 20 29.02 43.42 -5.73
C TYR G 20 28.68 44.35 -4.55
N ARG G 21 27.43 44.80 -4.51
CA ARG G 21 26.96 45.78 -3.48
C ARG G 21 27.89 47.01 -3.43
N GLY G 22 28.38 47.44 -4.57
CA GLY G 22 29.25 48.64 -4.69
C GLY G 22 30.73 48.39 -4.45
N TYR G 23 31.17 47.16 -4.13
CA TYR G 23 32.56 46.90 -3.65
C TYR G 23 33.39 46.33 -4.81
N SER G 24 34.38 47.09 -5.26
CA SER G 24 35.28 46.70 -6.37
C SER G 24 36.06 45.43 -5.98
N LEU G 25 36.47 44.65 -6.99
CA LEU G 25 37.23 43.38 -6.89
C LEU G 25 38.33 43.53 -5.85
N GLY G 26 39.11 44.59 -5.92
CA GLY G 26 40.28 44.75 -5.05
C GLY G 26 39.87 44.72 -3.58
N ASN G 27 38.69 45.23 -3.19
CA ASN G 27 38.24 45.21 -1.78
C ASN G 27 38.18 43.72 -1.32
N TRP G 28 37.65 42.84 -2.16
CA TRP G 28 37.47 41.39 -1.85
C TRP G 28 38.85 40.73 -1.76
N VAL G 29 39.78 41.11 -2.62
CA VAL G 29 41.12 40.45 -2.61
C VAL G 29 41.82 40.93 -1.35
N CYS G 30 41.68 42.21 -1.06
CA CYS G 30 42.39 42.84 0.08
C CYS G 30 41.84 42.24 1.39
N ALA G 31 40.54 42.05 1.43
CA ALA G 31 39.82 41.45 2.57
C ALA G 31 40.41 40.05 2.83
N ALA G 32 40.60 39.23 1.79
CA ALA G 32 41.13 37.86 1.97
C ALA G 32 42.59 37.91 2.42
N LYS G 33 43.34 38.86 1.88
CA LYS G 33 44.74 39.01 2.29
C LYS G 33 44.82 39.17 3.80
N PHE G 34 44.08 40.09 4.42
CA PHE G 34 44.30 40.39 5.86
C PHE G 34 43.40 39.49 6.75
N GLU G 35 42.32 38.93 6.24
CA GLU G 35 41.51 37.97 7.05
C GLU G 35 42.26 36.63 7.17
N SER G 36 42.77 36.07 6.06
CA SER G 36 43.20 34.65 5.96
C SER G 36 44.57 34.52 5.31
N ASN G 37 45.17 35.58 4.82
CA ASN G 37 46.41 35.46 4.02
C ASN G 37 46.20 34.45 2.89
N PHE G 38 45.01 34.43 2.31
CA PHE G 38 44.74 33.69 1.05
C PHE G 38 44.74 32.16 1.31
N ASN G 39 44.46 31.79 2.55
CA ASN G 39 44.43 30.40 3.03
C ASN G 39 42.99 29.93 3.26
N THR G 40 42.55 28.98 2.43
CA THR G 40 41.17 28.45 2.47
C THR G 40 40.94 27.67 3.77
N GLN G 41 41.98 27.21 4.46
CA GLN G 41 41.79 26.41 5.70
C GLN G 41 41.94 27.24 6.97
N ALA G 42 42.23 28.53 6.87
CA ALA G 42 42.40 29.38 8.05
C ALA G 42 41.17 29.27 8.97
N THR G 43 41.42 29.15 10.28
CA THR G 43 40.44 29.05 11.37
C THR G 43 40.95 29.91 12.50
N ASN G 44 40.07 30.68 13.10
CA ASN G 44 40.43 31.54 14.27
C ASN G 44 39.36 31.32 15.34
N ARG G 45 39.70 30.67 16.44
CA ARG G 45 38.80 30.46 17.60
C ARG G 45 38.74 31.79 18.37
N ASN G 46 37.53 32.30 18.61
CA ASN G 46 37.25 33.54 19.37
C ASN G 46 36.96 33.13 20.83
N THR G 47 36.98 34.06 21.76
CA THR G 47 36.81 33.71 23.17
C THR G 47 35.34 33.61 23.55
N ASP G 48 34.43 33.77 22.61
CA ASP G 48 32.98 33.76 22.90
C ASP G 48 32.34 32.44 22.47
N GLY G 49 33.16 31.41 22.17
CA GLY G 49 32.68 30.09 21.74
C GLY G 49 32.54 29.97 20.23
N SER G 50 32.70 31.06 19.49
CA SER G 50 32.56 31.09 18.02
C SER G 50 33.94 30.90 17.41
N THR G 51 33.95 30.53 16.14
CA THR G 51 35.17 30.39 15.30
C THR G 51 34.90 31.06 13.98
N ASP G 52 35.93 31.69 13.40
CA ASP G 52 35.92 32.26 12.04
C ASP G 52 36.56 31.24 11.08
N TYR G 53 35.92 30.98 9.94
CA TYR G 53 36.28 29.89 9.00
C TYR G 53 36.59 30.42 7.60
N GLY G 54 37.69 29.91 7.06
CA GLY G 54 38.04 30.00 5.64
C GLY G 54 38.68 31.31 5.19
N ILE G 55 38.70 31.45 3.85
CA ILE G 55 39.43 32.53 3.14
C ILE G 55 38.88 33.91 3.47
N LEU G 56 37.61 34.01 3.89
CA LEU G 56 37.00 35.27 4.36
C LEU G 56 36.59 35.21 5.83
N GLN G 57 37.08 34.23 6.60
CA GLN G 57 36.99 34.25 8.08
C GLN G 57 35.54 34.54 8.49
N ILE G 58 34.62 33.68 8.05
CA ILE G 58 33.18 33.81 8.34
C ILE G 58 32.80 33.13 9.66
N ASN G 59 32.02 33.83 10.50
CA ASN G 59 31.81 33.50 11.94
C ASN G 59 30.68 32.47 12.13
N SER G 60 30.85 31.59 13.08
CA SER G 60 29.99 30.40 13.36
C SER G 60 28.85 30.73 14.34
N ARG G 61 28.76 31.97 14.86
CA ARG G 61 27.57 32.35 15.67
C ARG G 61 26.47 32.88 14.71
N TRP G 62 26.82 33.68 13.71
CA TRP G 62 25.82 34.32 12.83
C TRP G 62 25.64 33.53 11.53
N TRP G 63 26.70 33.02 10.93
CA TRP G 63 26.64 32.78 9.46
C TRP G 63 26.66 31.31 9.05
N CYS G 64 27.51 30.47 9.64
CA CYS G 64 27.62 29.02 9.31
C CYS G 64 27.48 28.20 10.58
N ASN G 65 27.13 26.94 10.43
CA ASN G 65 26.93 26.05 11.60
C ASN G 65 28.14 25.12 11.76
N ASP G 66 28.91 25.22 12.84
CA ASP G 66 30.09 24.37 13.08
C ASP G 66 29.77 23.33 14.16
N GLY G 67 28.56 23.34 14.68
CA GLY G 67 28.09 22.33 15.67
C GLY G 67 28.71 22.54 17.06
N ARG G 68 29.46 23.61 17.31
CA ARG G 68 30.05 23.73 18.67
C ARG G 68 29.81 25.16 19.17
N THR G 69 28.96 25.95 18.49
CA THR G 69 28.75 27.37 18.83
C THR G 69 27.37 27.55 19.44
N PRO G 70 27.27 27.87 20.76
CA PRO G 70 25.95 28.18 21.33
C PRO G 70 25.33 29.41 20.64
N GLY G 71 24.04 29.34 20.37
CA GLY G 71 23.23 30.40 19.76
C GLY G 71 23.45 30.54 18.27
N SER G 72 23.96 29.53 17.61
CA SER G 72 24.14 29.51 16.15
C SER G 72 22.87 30.00 15.41
N ARG G 73 22.98 30.99 14.55
CA ARG G 73 21.83 31.40 13.69
C ARG G 73 21.93 30.74 12.30
N ASN G 74 23.14 30.37 11.89
CA ASN G 74 23.38 29.79 10.56
C ASN G 74 22.61 30.55 9.46
N LEU G 75 22.85 31.84 9.26
CA LEU G 75 22.07 32.63 8.27
C LEU G 75 22.48 32.33 6.82
N CYS G 76 23.66 31.74 6.55
CA CYS G 76 23.99 31.29 5.19
C CYS G 76 23.49 29.87 4.96
N ASN G 77 22.91 29.23 5.97
CA ASN G 77 22.36 27.86 5.88
C ASN G 77 23.42 26.88 5.30
N ILE G 78 24.61 26.84 5.87
CA ILE G 78 25.72 25.96 5.43
C ILE G 78 26.54 25.51 6.64
N PRO G 79 27.11 24.30 6.57
CA PRO G 79 28.06 23.87 7.57
C PRO G 79 29.36 24.67 7.39
N CYS G 80 29.95 25.12 8.47
CA CYS G 80 31.20 25.91 8.39
C CYS G 80 32.28 25.15 7.64
N SER G 81 32.27 23.81 7.70
CA SER G 81 33.22 22.93 6.94
C SER G 81 33.14 23.23 5.45
N ALA G 82 32.00 23.67 4.94
CA ALA G 82 31.85 24.06 3.52
C ALA G 82 32.72 25.27 3.21
N LEU G 83 33.03 26.10 4.22
CA LEU G 83 33.90 27.29 4.04
C LEU G 83 35.38 26.96 4.21
N LEU G 84 35.76 25.70 4.42
CA LEU G 84 37.18 25.28 4.53
C LEU G 84 37.59 24.54 3.28
N SER G 85 36.81 24.54 2.19
CA SER G 85 37.19 23.86 0.92
C SER G 85 38.16 24.71 0.09
N SER G 86 38.88 24.01 -0.76
CA SER G 86 39.79 24.54 -1.80
C SER G 86 39.07 25.43 -2.79
N ASP G 87 37.82 25.12 -3.03
CA ASP G 87 36.91 25.85 -3.94
C ASP G 87 36.20 26.95 -3.10
N ILE G 88 36.15 28.19 -3.57
CA ILE G 88 35.68 29.38 -2.80
C ILE G 88 34.19 29.59 -2.99
N THR G 89 33.48 28.76 -3.79
CA THR G 89 32.03 28.97 -4.08
C THR G 89 31.28 29.23 -2.77
N ALA G 90 31.33 28.31 -1.80
CA ALA G 90 30.44 28.41 -0.64
C ALA G 90 30.82 29.68 0.11
N SER G 91 32.11 30.02 0.21
CA SER G 91 32.55 31.24 0.95
C SER G 91 32.03 32.50 0.21
N VAL G 92 32.13 32.54 -1.10
CA VAL G 92 31.62 33.68 -1.88
C VAL G 92 30.11 33.78 -1.69
N ASN G 93 29.36 32.68 -1.79
CA ASN G 93 27.89 32.81 -1.71
C ASN G 93 27.54 33.33 -0.32
N CYS G 94 28.29 32.92 0.69
CA CYS G 94 28.00 33.39 2.07
C CYS G 94 28.38 34.89 2.19
N ALA G 95 29.54 35.29 1.66
CA ALA G 95 30.04 36.68 1.67
C ALA G 95 28.97 37.61 1.06
N LYS G 96 28.33 37.18 -0.04
CA LYS G 96 27.30 37.98 -0.75
C LYS G 96 26.10 38.21 0.18
N LYS G 97 25.77 37.23 1.00
CA LYS G 97 24.67 37.34 1.99
C LYS G 97 25.13 38.29 3.12
N ILE G 98 26.33 38.12 3.63
CA ILE G 98 26.85 39.01 4.71
C ILE G 98 26.87 40.46 4.20
N VAL G 99 27.39 40.69 3.01
CA VAL G 99 27.70 42.07 2.57
C VAL G 99 26.37 42.79 2.27
N SER G 100 25.28 42.06 2.05
CA SER G 100 23.92 42.53 1.72
C SER G 100 23.14 42.88 2.99
N ASP G 101 23.72 42.67 4.17
CA ASP G 101 23.00 42.61 5.48
C ASP G 101 22.68 44.01 6.00
N GLY G 102 23.33 45.03 5.46
CA GLY G 102 23.10 46.45 5.81
C GLY G 102 24.38 47.10 6.29
N ASN G 103 25.35 46.31 6.74
CA ASN G 103 26.62 46.84 7.28
C ASN G 103 27.73 46.80 6.20
N GLY G 104 27.42 46.41 4.95
CA GLY G 104 28.43 46.21 3.89
C GLY G 104 29.64 45.39 4.34
N MET G 105 30.85 45.76 3.92
CA MET G 105 32.09 45.01 4.15
C MET G 105 32.62 45.28 5.56
N ASN G 106 31.92 46.07 6.38
CA ASN G 106 32.40 46.42 7.75
C ASN G 106 32.33 45.17 8.64
N ALA G 107 31.56 44.15 8.28
CA ALA G 107 31.55 42.87 9.03
C ALA G 107 32.98 42.27 9.08
N TRP G 108 33.82 42.61 8.12
CA TRP G 108 35.20 42.07 8.08
C TRP G 108 36.14 43.10 8.73
N VAL G 109 36.62 42.76 9.92
CA VAL G 109 37.37 43.65 10.83
C VAL G 109 38.72 43.92 10.15
N ALA G 110 39.42 42.90 9.67
CA ALA G 110 40.72 43.07 9.00
C ALA G 110 40.55 43.93 7.74
N TRP G 111 39.47 43.74 6.97
CA TRP G 111 39.16 44.66 5.85
C TRP G 111 39.03 46.09 6.40
N ARG G 112 38.27 46.29 7.48
CA ARG G 112 38.01 47.65 7.99
C ARG G 112 39.32 48.31 8.39
N ASN G 113 40.26 47.57 9.00
CA ASN G 113 41.50 48.18 9.54
C ASN G 113 42.60 48.32 8.48
N ARG G 114 42.62 47.47 7.44
CA ARG G 114 43.78 47.37 6.52
C ARG G 114 43.39 47.74 5.11
N CYS G 115 42.12 47.70 4.71
CA CYS G 115 41.70 47.86 3.30
C CYS G 115 40.82 49.09 3.09
N LYS G 116 39.84 49.31 3.97
CA LYS G 116 38.81 50.36 3.78
C LYS G 116 39.52 51.70 3.54
N GLY G 117 39.13 52.36 2.45
CA GLY G 117 39.60 53.70 2.07
C GLY G 117 41.03 53.72 1.60
N THR G 118 41.64 52.60 1.20
CA THR G 118 43.02 52.57 0.65
C THR G 118 42.89 52.39 -0.87
N ASP G 119 43.99 52.24 -1.60
CA ASP G 119 43.98 51.98 -3.07
C ASP G 119 43.85 50.45 -3.27
N VAL G 120 42.66 49.95 -3.06
CA VAL G 120 42.41 48.49 -3.04
C VAL G 120 42.59 47.96 -4.45
N GLN G 121 42.48 48.81 -5.49
CA GLN G 121 42.71 48.30 -6.88
C GLN G 121 44.19 47.87 -7.06
N ALA G 122 45.11 48.32 -6.20
CA ALA G 122 46.49 47.81 -6.13
C ALA G 122 46.47 46.26 -5.97
N TRP G 123 45.50 45.70 -5.23
CA TRP G 123 45.43 44.22 -5.02
C TRP G 123 45.12 43.46 -6.30
N ILE G 124 44.70 44.14 -7.38
CA ILE G 124 44.35 43.40 -8.64
C ILE G 124 45.24 43.76 -9.82
N ARG G 125 46.26 44.57 -9.66
CA ARG G 125 47.07 44.94 -10.85
C ARG G 125 48.26 44.00 -10.93
N GLY G 126 48.75 43.80 -12.14
CA GLY G 126 49.69 42.72 -12.51
C GLY G 126 48.96 41.41 -12.75
N CYS G 127 47.64 41.40 -12.89
CA CYS G 127 46.79 40.18 -13.00
C CYS G 127 46.04 40.18 -14.33
N ARG G 128 45.90 39.04 -14.97
CA ARG G 128 45.02 38.85 -16.14
C ARG G 128 43.60 38.83 -15.64
N LEU G 129 42.84 39.88 -15.86
CA LEU G 129 41.39 39.90 -15.49
C LEU G 129 40.52 40.30 -16.69
#